data_1JOM
# 
_entry.id   1JOM 
# 
_audit_conform.dict_name       mmcif_pdbx.dic 
_audit_conform.dict_version    5.386 
_audit_conform.dict_location   http://mmcif.pdb.org/dictionaries/ascii/mmcif_pdbx.dic 
# 
loop_
_database_2.database_id 
_database_2.database_code 
_database_2.pdbx_database_accession 
_database_2.pdbx_DOI 
PDB   1JOM         pdb_00001jom 10.2210/pdb1jom/pdb 
WWPDB D_1000174355 ?            ?                   
# 
loop_
_pdbx_audit_revision_history.ordinal 
_pdbx_audit_revision_history.data_content_type 
_pdbx_audit_revision_history.major_revision 
_pdbx_audit_revision_history.minor_revision 
_pdbx_audit_revision_history.revision_date 
1 'Structure model' 1 0 1996-11-08 
2 'Structure model' 1 1 2008-03-24 
3 'Structure model' 1 2 2011-07-13 
4 'Structure model' 1 3 2024-02-07 
# 
_pdbx_audit_revision_details.ordinal             1 
_pdbx_audit_revision_details.revision_ordinal    1 
_pdbx_audit_revision_details.data_content_type   'Structure model' 
_pdbx_audit_revision_details.provider            repository 
_pdbx_audit_revision_details.type                'Initial release' 
_pdbx_audit_revision_details.description         ? 
_pdbx_audit_revision_details.details             ? 
# 
loop_
_pdbx_audit_revision_group.ordinal 
_pdbx_audit_revision_group.revision_ordinal 
_pdbx_audit_revision_group.data_content_type 
_pdbx_audit_revision_group.group 
1 2 'Structure model' 'Version format compliance' 
2 3 'Structure model' 'Version format compliance' 
3 4 'Structure model' 'Data collection'           
4 4 'Structure model' 'Database references'       
5 4 'Structure model' 'Derived calculations'      
6 4 'Structure model' Other                       
# 
loop_
_pdbx_audit_revision_category.ordinal 
_pdbx_audit_revision_category.revision_ordinal 
_pdbx_audit_revision_category.data_content_type 
_pdbx_audit_revision_category.category 
1 4 'Structure model' chem_comp_atom         
2 4 'Structure model' chem_comp_bond         
3 4 'Structure model' database_2             
4 4 'Structure model' pdbx_database_status   
5 4 'Structure model' pdbx_struct_conn_angle 
6 4 'Structure model' struct_conn            
7 4 'Structure model' struct_ref_seq_dif     
8 4 'Structure model' struct_site            
# 
loop_
_pdbx_audit_revision_item.ordinal 
_pdbx_audit_revision_item.revision_ordinal 
_pdbx_audit_revision_item.data_content_type 
_pdbx_audit_revision_item.item 
1  4 'Structure model' '_database_2.pdbx_DOI'                        
2  4 'Structure model' '_database_2.pdbx_database_accession'         
3  4 'Structure model' '_pdbx_database_status.process_site'          
4  4 'Structure model' '_pdbx_struct_conn_angle.ptnr1_auth_comp_id'  
5  4 'Structure model' '_pdbx_struct_conn_angle.ptnr1_auth_seq_id'   
6  4 'Structure model' '_pdbx_struct_conn_angle.ptnr1_label_asym_id' 
7  4 'Structure model' '_pdbx_struct_conn_angle.ptnr1_label_comp_id' 
8  4 'Structure model' '_pdbx_struct_conn_angle.ptnr1_label_seq_id'  
9  4 'Structure model' '_pdbx_struct_conn_angle.ptnr3_auth_comp_id'  
10 4 'Structure model' '_pdbx_struct_conn_angle.ptnr3_auth_seq_id'   
11 4 'Structure model' '_pdbx_struct_conn_angle.ptnr3_label_asym_id' 
12 4 'Structure model' '_pdbx_struct_conn_angle.ptnr3_label_comp_id' 
13 4 'Structure model' '_pdbx_struct_conn_angle.ptnr3_label_seq_id'  
14 4 'Structure model' '_pdbx_struct_conn_angle.value'               
15 4 'Structure model' '_struct_conn.pdbx_dist_value'                
16 4 'Structure model' '_struct_conn.ptnr1_auth_comp_id'             
17 4 'Structure model' '_struct_conn.ptnr1_auth_seq_id'              
18 4 'Structure model' '_struct_conn.ptnr1_label_asym_id'            
19 4 'Structure model' '_struct_conn.ptnr1_label_atom_id'            
20 4 'Structure model' '_struct_conn.ptnr1_label_comp_id'            
21 4 'Structure model' '_struct_conn.ptnr1_label_seq_id'             
22 4 'Structure model' '_struct_conn.ptnr2_auth_comp_id'             
23 4 'Structure model' '_struct_conn.ptnr2_auth_seq_id'              
24 4 'Structure model' '_struct_conn.ptnr2_label_asym_id'            
25 4 'Structure model' '_struct_conn.ptnr2_label_atom_id'            
26 4 'Structure model' '_struct_conn.ptnr2_label_comp_id'            
27 4 'Structure model' '_struct_conn.ptnr2_label_seq_id'             
28 4 'Structure model' '_struct_ref_seq_dif.details'                 
29 4 'Structure model' '_struct_site.pdbx_auth_asym_id'              
30 4 'Structure model' '_struct_site.pdbx_auth_comp_id'              
31 4 'Structure model' '_struct_site.pdbx_auth_seq_id'               
# 
_pdbx_database_status.status_code                     REL 
_pdbx_database_status.entry_id                        1JOM 
_pdbx_database_status.recvd_initial_deposition_date   1996-02-25 
_pdbx_database_status.deposit_site                    ? 
_pdbx_database_status.process_site                    BNL 
_pdbx_database_status.SG_entry                        . 
_pdbx_database_status.pdb_format_compatible           Y 
_pdbx_database_status.status_code_mr                  ? 
_pdbx_database_status.status_code_sf                  ? 
_pdbx_database_status.status_code_cs                  ? 
_pdbx_database_status.status_code_nmr_data            ? 
_pdbx_database_status.methods_development_category    ? 
# 
loop_
_audit_author.name 
_audit_author.pdbx_ordinal 
'Reyes, V.M.' 1 
'Lee, H.'     2 
'Kraut, J.'   3 
# 
loop_
_citation.id 
_citation.title 
_citation.journal_abbrev 
_citation.journal_volume 
_citation.page_first 
_citation.page_last 
_citation.year 
_citation.journal_id_ASTM 
_citation.country 
_citation.journal_id_ISSN 
_citation.journal_id_CSD 
_citation.book_publisher 
_citation.pdbx_database_id_PubMed 
_citation.pdbx_database_id_DOI 
primary 
;Crystal structures of Escherichia coli dihydrofolate reductase complexed with 5-formyltetrahydrofolate (folinic acid) in two space groups: evidence for enolization of pteridine O4.
;
Biochemistry 35  7012  7020 1996 BICHAW US 0006-2960 0033 ? 8679526 10.1021/bi960028g 
1       
;Isomorphous Crystal Structures of Escherichia Coli Dihydrofolate Reductase Complexed with Folate, 5-Deazafolate, and 5,10-Dideazatetrahydrofolate: Mechanistic Implications
;
Biochemistry 34  2710  ?    1995 BICHAW US 0006-2960 0033 ? ?       ?                 
2       
;Crystal Structure of Unliganded Escherichia Coli Dihydrofolate Reductase. Ligand-Induced Conformational Changes and Cooperativity in Binding
;
Biochemistry 30  2227  ?    1991 BICHAW US 0006-2960 0033 ? ?       ?                 
3       'Crystal Structures of Recombinant Human Dihydrofolate Reductase Complexed with Folate and 5-Deazafolate' Biochemistry 29  
9467  ?    1990 BICHAW US 0006-2960 0033 ? ?       ?                 
4       
;Crystal Structures of Escherichia Coli Dihydrofolate Reductase: The Nadp+ Holoenzyme and the Folate.Nadp+ Ternary Complex. Substrate Binding and a Model for the Transition State
;
Biochemistry 29  3263  ?    1990 BICHAW US 0006-2960 0033 ? ?       ?                 
5       
;Crystal Structures of Escherichia Coli and Lactobacillus Casei Dihydrofolate Reductase Refined at 1.7 A Resolution. II. Environment of Bound Nadph and Implications for Catalysis
;
J.Biol.Chem. 257 13663 ?    1982 JBCHA3 US 0021-9258 0071 ? ?       ?                 
6       
;Crystal Structures of Escherichia Coli and Lactobacillus Casei Dihydrofolate Reductase Refined at 1.7 A Resolution. I. General Features and Binding of Methotrexate
;
J.Biol.Chem. 257 13650 ?    1982 JBCHA3 US 0021-9258 0071 ? ?       ?                 
# 
loop_
_citation_author.citation_id 
_citation_author.name 
_citation_author.ordinal 
_citation_author.identifier_ORCID 
primary 'Lee, H.'           1  ? 
primary 'Reyes, V.M.'       2  ? 
primary 'Kraut, J.'         3  ? 
1       'Reyes, V.M.'       4  ? 
1       'Sawaya, M.R.'      5  ? 
1       'Brown, K.A.'       6  ? 
1       'Kraut, J.'         7  ? 
2       'Bystroff, C.'      8  ? 
2       'Kraut, J.'         9  ? 
3       'Davies II, J.F.'   10 ? 
3       'Delcamp, T.J.'     11 ? 
3       'Prendergast, N.J.' 12 ? 
3       'Ashford, V.A.'     13 ? 
3       'Freisheim, J.H.'   14 ? 
3       'Kraut, J.'         15 ? 
4       'Bystroff, C.'      16 ? 
4       'Oatley, S.J.'      17 ? 
4       'Kraut, J.'         18 ? 
5       'Filman, D.J.'      19 ? 
5       'Bolin, J.T.'       20 ? 
5       'Matthews, D.A.'    21 ? 
5       'Kraut, J.'         22 ? 
6       'Bolin, J.T.'       23 ? 
6       'Filman, D.J.'      24 ? 
6       'Matthews, D.A.'    25 ? 
6       'Hamlin, R.C.'      26 ? 
6       'Kraut, J.'         27 ? 
# 
loop_
_entity.id 
_entity.type 
_entity.src_method 
_entity.pdbx_description 
_entity.formula_weight 
_entity.pdbx_number_of_molecules 
_entity.pdbx_ec 
_entity.pdbx_mutation 
_entity.pdbx_fragment 
_entity.details 
1 polymer     man 'DIHYDROFOLATE REDUCTASE'                                                                                      
18020.326 1   1.5.1.3 ? ? 'IN BINARY COMPLEX WITH FOLINIC ACID (LEUCOVORIN)' 
2 non-polymer syn 'CHLORIDE ION'                                                                                                 
35.453    1   ?       ? ? ?                                                  
3 non-polymer syn 'CALCIUM ION'                                                                                                  
40.078    1   ?       ? ? ?                                                  
4 non-polymer syn 'N-[4-({[(6S)-2-amino-5-formyl-4-oxo-3,4,5,6,7,8-hexahydropteridin-6-yl]methyl}amino)benzoyl]-L-glutamic acid' 
473.439   1   ?       ? ? ?                                                  
5 non-polymer syn ETHANOL                                                                                                        
46.068    3   ?       ? ? ?                                                  
6 water       nat water                                                                                                          
18.015    211 ?       ? ? ?                                                  
# 
_entity_name_com.entity_id   1 
_entity_name_com.name        '5,6,7,8-TETRAHYDROFOLATE\: 2 NADP+ OXIDOREDUCTASE' 
# 
_entity_poly.entity_id                      1 
_entity_poly.type                           'polypeptide(L)' 
_entity_poly.nstd_linkage                   no 
_entity_poly.nstd_monomer                   no 
_entity_poly.pdbx_seq_one_letter_code       
;MISLIAALAVDRVIGMENAMPWNLPADLAWFKRNTLDKPVIMGRHTWESIGRPLPGRKNIILSSQPGTDDRVTWVKSVDE
AIAACGDVPEIMVIGGGRVYEQFLPKAQKLYLTHIDAEVEGDTHFPDYEPDDWESVFSEFHDADAQNSHSYCFEILERR
;
_entity_poly.pdbx_seq_one_letter_code_can   
;MISLIAALAVDRVIGMENAMPWNLPADLAWFKRNTLDKPVIMGRHTWESIGRPLPGRKNIILSSQPGTDDRVTWVKSVDE
AIAACGDVPEIMVIGGGRVYEQFLPKAQKLYLTHIDAEVEGDTHFPDYEPDDWESVFSEFHDADAQNSHSYCFEILERR
;
_entity_poly.pdbx_strand_id                 A 
_entity_poly.pdbx_target_identifier         ? 
# 
loop_
_pdbx_entity_nonpoly.entity_id 
_pdbx_entity_nonpoly.name 
_pdbx_entity_nonpoly.comp_id 
2 'CHLORIDE ION'                                                                                                 CL  
3 'CALCIUM ION'                                                                                                  CA  
4 'N-[4-({[(6S)-2-amino-5-formyl-4-oxo-3,4,5,6,7,8-hexahydropteridin-6-yl]methyl}amino)benzoyl]-L-glutamic acid' FFO 
5 ETHANOL                                                                                                        EOH 
6 water                                                                                                          HOH 
# 
loop_
_entity_poly_seq.entity_id 
_entity_poly_seq.num 
_entity_poly_seq.mon_id 
_entity_poly_seq.hetero 
1 1   MET n 
1 2   ILE n 
1 3   SER n 
1 4   LEU n 
1 5   ILE n 
1 6   ALA n 
1 7   ALA n 
1 8   LEU n 
1 9   ALA n 
1 10  VAL n 
1 11  ASP n 
1 12  ARG n 
1 13  VAL n 
1 14  ILE n 
1 15  GLY n 
1 16  MET n 
1 17  GLU n 
1 18  ASN n 
1 19  ALA n 
1 20  MET n 
1 21  PRO n 
1 22  TRP n 
1 23  ASN n 
1 24  LEU n 
1 25  PRO n 
1 26  ALA n 
1 27  ASP n 
1 28  LEU n 
1 29  ALA n 
1 30  TRP n 
1 31  PHE n 
1 32  LYS n 
1 33  ARG n 
1 34  ASN n 
1 35  THR n 
1 36  LEU n 
1 37  ASP n 
1 38  LYS n 
1 39  PRO n 
1 40  VAL n 
1 41  ILE n 
1 42  MET n 
1 43  GLY n 
1 44  ARG n 
1 45  HIS n 
1 46  THR n 
1 47  TRP n 
1 48  GLU n 
1 49  SER n 
1 50  ILE n 
1 51  GLY n 
1 52  ARG n 
1 53  PRO n 
1 54  LEU n 
1 55  PRO n 
1 56  GLY n 
1 57  ARG n 
1 58  LYS n 
1 59  ASN n 
1 60  ILE n 
1 61  ILE n 
1 62  LEU n 
1 63  SER n 
1 64  SER n 
1 65  GLN n 
1 66  PRO n 
1 67  GLY n 
1 68  THR n 
1 69  ASP n 
1 70  ASP n 
1 71  ARG n 
1 72  VAL n 
1 73  THR n 
1 74  TRP n 
1 75  VAL n 
1 76  LYS n 
1 77  SER n 
1 78  VAL n 
1 79  ASP n 
1 80  GLU n 
1 81  ALA n 
1 82  ILE n 
1 83  ALA n 
1 84  ALA n 
1 85  CYS n 
1 86  GLY n 
1 87  ASP n 
1 88  VAL n 
1 89  PRO n 
1 90  GLU n 
1 91  ILE n 
1 92  MET n 
1 93  VAL n 
1 94  ILE n 
1 95  GLY n 
1 96  GLY n 
1 97  GLY n 
1 98  ARG n 
1 99  VAL n 
1 100 TYR n 
1 101 GLU n 
1 102 GLN n 
1 103 PHE n 
1 104 LEU n 
1 105 PRO n 
1 106 LYS n 
1 107 ALA n 
1 108 GLN n 
1 109 LYS n 
1 110 LEU n 
1 111 TYR n 
1 112 LEU n 
1 113 THR n 
1 114 HIS n 
1 115 ILE n 
1 116 ASP n 
1 117 ALA n 
1 118 GLU n 
1 119 VAL n 
1 120 GLU n 
1 121 GLY n 
1 122 ASP n 
1 123 THR n 
1 124 HIS n 
1 125 PHE n 
1 126 PRO n 
1 127 ASP n 
1 128 TYR n 
1 129 GLU n 
1 130 PRO n 
1 131 ASP n 
1 132 ASP n 
1 133 TRP n 
1 134 GLU n 
1 135 SER n 
1 136 VAL n 
1 137 PHE n 
1 138 SER n 
1 139 GLU n 
1 140 PHE n 
1 141 HIS n 
1 142 ASP n 
1 143 ALA n 
1 144 ASP n 
1 145 ALA n 
1 146 GLN n 
1 147 ASN n 
1 148 SER n 
1 149 HIS n 
1 150 SER n 
1 151 TYR n 
1 152 CYS n 
1 153 PHE n 
1 154 GLU n 
1 155 ILE n 
1 156 LEU n 
1 157 GLU n 
1 158 ARG n 
1 159 ARG n 
# 
_entity_src_gen.entity_id                          1 
_entity_src_gen.pdbx_src_id                        1 
_entity_src_gen.pdbx_alt_source_flag               sample 
_entity_src_gen.pdbx_seq_type                      ? 
_entity_src_gen.pdbx_beg_seq_num                   ? 
_entity_src_gen.pdbx_end_seq_num                   ? 
_entity_src_gen.gene_src_common_name               ? 
_entity_src_gen.gene_src_genus                     Escherichia 
_entity_src_gen.pdbx_gene_src_gene                 ? 
_entity_src_gen.gene_src_species                   ? 
_entity_src_gen.gene_src_strain                    ? 
_entity_src_gen.gene_src_tissue                    ? 
_entity_src_gen.gene_src_tissue_fraction           ? 
_entity_src_gen.gene_src_details                   ? 
_entity_src_gen.pdbx_gene_src_fragment             ? 
_entity_src_gen.pdbx_gene_src_scientific_name      'Escherichia coli' 
_entity_src_gen.pdbx_gene_src_ncbi_taxonomy_id     562 
_entity_src_gen.pdbx_gene_src_variant              ? 
_entity_src_gen.pdbx_gene_src_cell_line            ? 
_entity_src_gen.pdbx_gene_src_atcc                 ? 
_entity_src_gen.pdbx_gene_src_organ                ? 
_entity_src_gen.pdbx_gene_src_organelle            ? 
_entity_src_gen.pdbx_gene_src_cell                 ? 
_entity_src_gen.pdbx_gene_src_cellular_location    ? 
_entity_src_gen.host_org_common_name               ? 
_entity_src_gen.pdbx_host_org_scientific_name      ? 
_entity_src_gen.pdbx_host_org_ncbi_taxonomy_id     ? 
_entity_src_gen.host_org_genus                     ? 
_entity_src_gen.pdbx_host_org_gene                 ? 
_entity_src_gen.pdbx_host_org_organ                ? 
_entity_src_gen.host_org_species                   ? 
_entity_src_gen.pdbx_host_org_tissue               ? 
_entity_src_gen.pdbx_host_org_tissue_fraction      ? 
_entity_src_gen.pdbx_host_org_strain               ? 
_entity_src_gen.pdbx_host_org_variant              ? 
_entity_src_gen.pdbx_host_org_cell_line            ? 
_entity_src_gen.pdbx_host_org_atcc                 ? 
_entity_src_gen.pdbx_host_org_culture_collection   ? 
_entity_src_gen.pdbx_host_org_cell                 ? 
_entity_src_gen.pdbx_host_org_organelle            ? 
_entity_src_gen.pdbx_host_org_cellular_location    ? 
_entity_src_gen.pdbx_host_org_vector_type          ? 
_entity_src_gen.pdbx_host_org_vector               ? 
_entity_src_gen.host_org_details                   ? 
_entity_src_gen.expression_system_id               ? 
_entity_src_gen.plasmid_name                       ? 
_entity_src_gen.plasmid_details                    ? 
_entity_src_gen.pdbx_description                   ? 
# 
loop_
_chem_comp.id 
_chem_comp.type 
_chem_comp.mon_nstd_flag 
_chem_comp.name 
_chem_comp.pdbx_synonyms 
_chem_comp.formula 
_chem_comp.formula_weight 
ALA 'L-peptide linking' y ALANINE ?                                                 'C3 H7 N O2'     89.093  
ARG 'L-peptide linking' y ARGININE ?                                                 'C6 H15 N4 O2 1' 175.209 
ASN 'L-peptide linking' y ASPARAGINE ?                                                 'C4 H8 N2 O3'    132.118 
ASP 'L-peptide linking' y 'ASPARTIC ACID' ?                                                 'C4 H7 N O4'     133.103 
CA  non-polymer         . 'CALCIUM ION' ?                                                 'Ca 2'           40.078  
CL  non-polymer         . 'CHLORIDE ION' ?                                                 'Cl -1'          35.453  
CYS 'L-peptide linking' y CYSTEINE ?                                                 'C3 H7 N O2 S'   121.158 
EOH non-polymer         . ETHANOL ?                                                 'C2 H6 O'        46.068  
FFO non-polymer         . 
'N-[4-({[(6S)-2-amino-5-formyl-4-oxo-3,4,5,6,7,8-hexahydropteridin-6-yl]methyl}amino)benzoyl]-L-glutamic acid' 
'[6S]-5-FORMYL-TETRAHYDROFOLATE; 6S-FOLINIC ACID' 'C20 H23 N7 O7'  473.439 
GLN 'L-peptide linking' y GLUTAMINE ?                                                 'C5 H10 N2 O3'   146.144 
GLU 'L-peptide linking' y 'GLUTAMIC ACID' ?                                                 'C5 H9 N O4'     147.129 
GLY 'peptide linking'   y GLYCINE ?                                                 'C2 H5 N O2'     75.067  
HIS 'L-peptide linking' y HISTIDINE ?                                                 'C6 H10 N3 O2 1' 156.162 
HOH non-polymer         . WATER ?                                                 'H2 O'           18.015  
ILE 'L-peptide linking' y ISOLEUCINE ?                                                 'C6 H13 N O2'    131.173 
LEU 'L-peptide linking' y LEUCINE ?                                                 'C6 H13 N O2'    131.173 
LYS 'L-peptide linking' y LYSINE ?                                                 'C6 H15 N2 O2 1' 147.195 
MET 'L-peptide linking' y METHIONINE ?                                                 'C5 H11 N O2 S'  149.211 
PHE 'L-peptide linking' y PHENYLALANINE ?                                                 'C9 H11 N O2'    165.189 
PRO 'L-peptide linking' y PROLINE ?                                                 'C5 H9 N O2'     115.130 
SER 'L-peptide linking' y SERINE ?                                                 'C3 H7 N O3'     105.093 
THR 'L-peptide linking' y THREONINE ?                                                 'C4 H9 N O3'     119.119 
TRP 'L-peptide linking' y TRYPTOPHAN ?                                                 'C11 H12 N2 O2'  204.225 
TYR 'L-peptide linking' y TYROSINE ?                                                 'C9 H11 N O3'    181.189 
VAL 'L-peptide linking' y VALINE ?                                                 'C5 H11 N O2'    117.146 
# 
loop_
_pdbx_poly_seq_scheme.asym_id 
_pdbx_poly_seq_scheme.entity_id 
_pdbx_poly_seq_scheme.seq_id 
_pdbx_poly_seq_scheme.mon_id 
_pdbx_poly_seq_scheme.ndb_seq_num 
_pdbx_poly_seq_scheme.pdb_seq_num 
_pdbx_poly_seq_scheme.auth_seq_num 
_pdbx_poly_seq_scheme.pdb_mon_id 
_pdbx_poly_seq_scheme.auth_mon_id 
_pdbx_poly_seq_scheme.pdb_strand_id 
_pdbx_poly_seq_scheme.pdb_ins_code 
_pdbx_poly_seq_scheme.hetero 
A 1 1   MET 1   1   1   MET MET A . n 
A 1 2   ILE 2   2   2   ILE ILE A . n 
A 1 3   SER 3   3   3   SER SER A . n 
A 1 4   LEU 4   4   4   LEU LEU A . n 
A 1 5   ILE 5   5   5   ILE ILE A . n 
A 1 6   ALA 6   6   6   ALA ALA A . n 
A 1 7   ALA 7   7   7   ALA ALA A . n 
A 1 8   LEU 8   8   8   LEU LEU A . n 
A 1 9   ALA 9   9   9   ALA ALA A . n 
A 1 10  VAL 10  10  10  VAL VAL A . n 
A 1 11  ASP 11  11  11  ASP ASP A . n 
A 1 12  ARG 12  12  12  ARG ARG A . n 
A 1 13  VAL 13  13  13  VAL VAL A . n 
A 1 14  ILE 14  14  14  ILE ILE A . n 
A 1 15  GLY 15  15  15  GLY GLY A . n 
A 1 16  MET 16  16  16  MET MET A . n 
A 1 17  GLU 17  17  17  GLU GLU A . n 
A 1 18  ASN 18  18  18  ASN ASN A . n 
A 1 19  ALA 19  19  19  ALA ALA A . n 
A 1 20  MET 20  20  20  MET MET A . n 
A 1 21  PRO 21  21  21  PRO PRO A . n 
A 1 22  TRP 22  22  22  TRP TRP A . n 
A 1 23  ASN 23  23  23  ASN ASN A . n 
A 1 24  LEU 24  24  24  LEU LEU A . n 
A 1 25  PRO 25  25  25  PRO PRO A . n 
A 1 26  ALA 26  26  26  ALA ALA A . n 
A 1 27  ASP 27  27  27  ASP ASP A . n 
A 1 28  LEU 28  28  28  LEU LEU A . n 
A 1 29  ALA 29  29  29  ALA ALA A . n 
A 1 30  TRP 30  30  30  TRP TRP A . n 
A 1 31  PHE 31  31  31  PHE PHE A . n 
A 1 32  LYS 32  32  32  LYS LYS A . n 
A 1 33  ARG 33  33  33  ARG ARG A . n 
A 1 34  ASN 34  34  34  ASN ASN A . n 
A 1 35  THR 35  35  35  THR THR A . n 
A 1 36  LEU 36  36  36  LEU LEU A . n 
A 1 37  ASP 37  37  37  ASP ASP A . n 
A 1 38  LYS 38  38  38  LYS LYS A . n 
A 1 39  PRO 39  39  39  PRO PRO A . n 
A 1 40  VAL 40  40  40  VAL VAL A . n 
A 1 41  ILE 41  41  41  ILE ILE A . n 
A 1 42  MET 42  42  42  MET MET A . n 
A 1 43  GLY 43  43  43  GLY GLY A . n 
A 1 44  ARG 44  44  44  ARG ARG A . n 
A 1 45  HIS 45  45  45  HIS HIS A . n 
A 1 46  THR 46  46  46  THR THR A . n 
A 1 47  TRP 47  47  47  TRP TRP A . n 
A 1 48  GLU 48  48  48  GLU GLU A . n 
A 1 49  SER 49  49  49  SER SER A . n 
A 1 50  ILE 50  50  50  ILE ILE A . n 
A 1 51  GLY 51  51  51  GLY GLY A . n 
A 1 52  ARG 52  52  52  ARG ARG A . n 
A 1 53  PRO 53  53  53  PRO PRO A . n 
A 1 54  LEU 54  54  54  LEU LEU A . n 
A 1 55  PRO 55  55  55  PRO PRO A . n 
A 1 56  GLY 56  56  56  GLY GLY A . n 
A 1 57  ARG 57  57  57  ARG ARG A . n 
A 1 58  LYS 58  58  58  LYS LYS A . n 
A 1 59  ASN 59  59  59  ASN ASN A . n 
A 1 60  ILE 60  60  60  ILE ILE A . n 
A 1 61  ILE 61  61  61  ILE ILE A . n 
A 1 62  LEU 62  62  62  LEU LEU A . n 
A 1 63  SER 63  63  63  SER SER A . n 
A 1 64  SER 64  64  64  SER SER A . n 
A 1 65  GLN 65  65  65  GLN GLN A . n 
A 1 66  PRO 66  66  66  PRO PRO A . n 
A 1 67  GLY 67  67  67  GLY GLY A . n 
A 1 68  THR 68  68  68  THR THR A . n 
A 1 69  ASP 69  69  69  ASP ASP A . n 
A 1 70  ASP 70  70  70  ASP ASP A . n 
A 1 71  ARG 71  71  71  ARG ARG A . n 
A 1 72  VAL 72  72  72  VAL VAL A . n 
A 1 73  THR 73  73  73  THR THR A . n 
A 1 74  TRP 74  74  74  TRP TRP A . n 
A 1 75  VAL 75  75  75  VAL VAL A . n 
A 1 76  LYS 76  76  76  LYS LYS A . n 
A 1 77  SER 77  77  77  SER SER A . n 
A 1 78  VAL 78  78  78  VAL VAL A . n 
A 1 79  ASP 79  79  79  ASP ASP A . n 
A 1 80  GLU 80  80  80  GLU GLU A . n 
A 1 81  ALA 81  81  81  ALA ALA A . n 
A 1 82  ILE 82  82  82  ILE ILE A . n 
A 1 83  ALA 83  83  83  ALA ALA A . n 
A 1 84  ALA 84  84  84  ALA ALA A . n 
A 1 85  CYS 85  85  85  CYS CYS A . n 
A 1 86  GLY 86  86  86  GLY GLY A . n 
A 1 87  ASP 87  87  87  ASP ASP A . n 
A 1 88  VAL 88  88  88  VAL VAL A . n 
A 1 89  PRO 89  89  89  PRO PRO A . n 
A 1 90  GLU 90  90  90  GLU GLU A . n 
A 1 91  ILE 91  91  91  ILE ILE A . n 
A 1 92  MET 92  92  92  MET MET A . n 
A 1 93  VAL 93  93  93  VAL VAL A . n 
A 1 94  ILE 94  94  94  ILE ILE A . n 
A 1 95  GLY 95  95  95  GLY GLY A . n 
A 1 96  GLY 96  96  96  GLY GLY A . n 
A 1 97  GLY 97  97  97  GLY GLY A . n 
A 1 98  ARG 98  98  98  ARG ARG A . n 
A 1 99  VAL 99  99  99  VAL VAL A . n 
A 1 100 TYR 100 100 100 TYR TYR A . n 
A 1 101 GLU 101 101 101 GLU GLU A . n 
A 1 102 GLN 102 102 102 GLN GLN A . n 
A 1 103 PHE 103 103 103 PHE PHE A . n 
A 1 104 LEU 104 104 104 LEU LEU A . n 
A 1 105 PRO 105 105 105 PRO PRO A . n 
A 1 106 LYS 106 106 106 LYS LYS A . n 
A 1 107 ALA 107 107 107 ALA ALA A . n 
A 1 108 GLN 108 108 108 GLN GLN A . n 
A 1 109 LYS 109 109 109 LYS LYS A . n 
A 1 110 LEU 110 110 110 LEU LEU A . n 
A 1 111 TYR 111 111 111 TYR TYR A . n 
A 1 112 LEU 112 112 112 LEU LEU A . n 
A 1 113 THR 113 113 113 THR THR A . n 
A 1 114 HIS 114 114 114 HIS HIS A . n 
A 1 115 ILE 115 115 115 ILE ILE A . n 
A 1 116 ASP 116 116 116 ASP ASP A . n 
A 1 117 ALA 117 117 117 ALA ALA A . n 
A 1 118 GLU 118 118 118 GLU GLU A . n 
A 1 119 VAL 119 119 119 VAL VAL A . n 
A 1 120 GLU 120 120 120 GLU GLU A . n 
A 1 121 GLY 121 121 121 GLY GLY A . n 
A 1 122 ASP 122 122 122 ASP ASP A . n 
A 1 123 THR 123 123 123 THR THR A . n 
A 1 124 HIS 124 124 124 HIS HIS A . n 
A 1 125 PHE 125 125 125 PHE PHE A . n 
A 1 126 PRO 126 126 126 PRO PRO A . n 
A 1 127 ASP 127 127 127 ASP ASP A . n 
A 1 128 TYR 128 128 128 TYR TYR A . n 
A 1 129 GLU 129 129 129 GLU GLU A . n 
A 1 130 PRO 130 130 130 PRO PRO A . n 
A 1 131 ASP 131 131 131 ASP ASP A . n 
A 1 132 ASP 132 132 132 ASP ASP A . n 
A 1 133 TRP 133 133 133 TRP TRP A . n 
A 1 134 GLU 134 134 134 GLU GLU A . n 
A 1 135 SER 135 135 135 SER SER A . n 
A 1 136 VAL 136 136 136 VAL VAL A . n 
A 1 137 PHE 137 137 137 PHE PHE A . n 
A 1 138 SER 138 138 138 SER SER A . n 
A 1 139 GLU 139 139 139 GLU GLU A . n 
A 1 140 PHE 140 140 140 PHE PHE A . n 
A 1 141 HIS 141 141 141 HIS HIS A . n 
A 1 142 ASP 142 142 142 ASP ASP A . n 
A 1 143 ALA 143 143 143 ALA ALA A . n 
A 1 144 ASP 144 144 144 ASP ASP A . n 
A 1 145 ALA 145 145 145 ALA ALA A . n 
A 1 146 GLN 146 146 146 GLN GLN A . n 
A 1 147 ASN 147 147 147 ASN ASN A . n 
A 1 148 SER 148 148 148 SER SER A . n 
A 1 149 HIS 149 149 149 HIS HIS A . n 
A 1 150 SER 150 150 150 SER SER A . n 
A 1 151 TYR 151 151 151 TYR TYR A . n 
A 1 152 CYS 152 152 152 CYS CYS A . n 
A 1 153 PHE 153 153 153 PHE PHE A . n 
A 1 154 GLU 154 154 154 GLU GLU A . n 
A 1 155 ILE 155 155 155 ILE ILE A . n 
A 1 156 LEU 156 156 156 LEU LEU A . n 
A 1 157 GLU 157 157 157 GLU GLU A . n 
A 1 158 ARG 158 158 158 ARG ARG A . n 
A 1 159 ARG 159 159 159 ARG ARG A . n 
# 
loop_
_pdbx_nonpoly_scheme.asym_id 
_pdbx_nonpoly_scheme.entity_id 
_pdbx_nonpoly_scheme.mon_id 
_pdbx_nonpoly_scheme.ndb_seq_num 
_pdbx_nonpoly_scheme.pdb_seq_num 
_pdbx_nonpoly_scheme.auth_seq_num 
_pdbx_nonpoly_scheme.pdb_mon_id 
_pdbx_nonpoly_scheme.auth_mon_id 
_pdbx_nonpoly_scheme.pdb_strand_id 
_pdbx_nonpoly_scheme.pdb_ins_code 
B 2 CL  1   163 163 CL  CL  A . 
C 3 CA  1   164 164 CA  CA  A . 
D 4 FFO 1   161 161 FFO FFO A . 
E 5 EOH 1   171 171 EOH EOH A . 
F 5 EOH 1   173 173 EOH EOH A . 
G 5 EOH 1   174 174 EOH EOH A . 
H 6 HOH 1   206 206 HOH HOH A . 
H 6 HOH 2   207 207 HOH HOH A . 
H 6 HOH 3   208 208 HOH HOH A . 
H 6 HOH 4   209 209 HOH HOH A . 
H 6 HOH 5   210 210 HOH HOH A . 
H 6 HOH 6   211 211 HOH HOH A . 
H 6 HOH 7   212 212 HOH HOH A . 
H 6 HOH 8   213 213 HOH HOH A . 
H 6 HOH 9   216 216 HOH HOH A . 
H 6 HOH 10  217 217 HOH HOH A . 
H 6 HOH 11  218 218 HOH HOH A . 
H 6 HOH 12  219 219 HOH HOH A . 
H 6 HOH 13  225 225 HOH HOH A . 
H 6 HOH 14  226 226 HOH HOH A . 
H 6 HOH 15  229 229 HOH HOH A . 
H 6 HOH 16  232 232 HOH HOH A . 
H 6 HOH 17  235 235 HOH HOH A . 
H 6 HOH 18  237 237 HOH HOH A . 
H 6 HOH 19  238 238 HOH HOH A . 
H 6 HOH 20  239 239 HOH HOH A . 
H 6 HOH 21  242 242 HOH HOH A . 
H 6 HOH 22  243 243 HOH HOH A . 
H 6 HOH 23  246 246 HOH HOH A . 
H 6 HOH 24  248 248 HOH HOH A . 
H 6 HOH 25  249 249 HOH HOH A . 
H 6 HOH 26  251 251 HOH HOH A . 
H 6 HOH 27  252 252 HOH HOH A . 
H 6 HOH 28  253 253 HOH HOH A . 
H 6 HOH 29  254 254 HOH HOH A . 
H 6 HOH 30  255 255 HOH HOH A . 
H 6 HOH 31  256 256 HOH HOH A . 
H 6 HOH 32  257 257 HOH HOH A . 
H 6 HOH 33  260 260 HOH HOH A . 
H 6 HOH 34  262 262 HOH HOH A . 
H 6 HOH 35  263 263 HOH HOH A . 
H 6 HOH 36  264 264 HOH HOH A . 
H 6 HOH 37  265 265 HOH HOH A . 
H 6 HOH 38  266 266 HOH HOH A . 
H 6 HOH 39  268 268 HOH HOH A . 
H 6 HOH 40  269 269 HOH HOH A . 
H 6 HOH 41  273 273 HOH HOH A . 
H 6 HOH 42  276 276 HOH HOH A . 
H 6 HOH 43  278 278 HOH HOH A . 
H 6 HOH 44  285 285 HOH HOH A . 
H 6 HOH 45  286 286 HOH HOH A . 
H 6 HOH 46  287 287 HOH HOH A . 
H 6 HOH 47  289 289 HOH HOH A . 
H 6 HOH 48  291 291 HOH HOH A . 
H 6 HOH 49  292 292 HOH HOH A . 
H 6 HOH 50  293 293 HOH HOH A . 
H 6 HOH 51  294 294 HOH HOH A . 
H 6 HOH 52  296 296 HOH HOH A . 
H 6 HOH 53  297 297 HOH HOH A . 
H 6 HOH 54  298 298 HOH HOH A . 
H 6 HOH 55  299 299 HOH HOH A . 
H 6 HOH 56  300 300 HOH HOH A . 
H 6 HOH 57  301 301 HOH HOH A . 
H 6 HOH 58  302 302 HOH HOH A . 
H 6 HOH 59  304 304 HOH HOH A . 
H 6 HOH 60  305 305 HOH HOH A . 
H 6 HOH 61  306 306 HOH HOH A . 
H 6 HOH 62  307 307 HOH HOH A . 
H 6 HOH 63  308 308 HOH HOH A . 
H 6 HOH 64  309 309 HOH HOH A . 
H 6 HOH 65  311 311 HOH HOH A . 
H 6 HOH 66  313 313 HOH HOH A . 
H 6 HOH 67  314 314 HOH HOH A . 
H 6 HOH 68  318 318 HOH HOH A . 
H 6 HOH 69  319 319 HOH HOH A . 
H 6 HOH 70  320 320 HOH HOH A . 
H 6 HOH 71  321 321 HOH HOH A . 
H 6 HOH 72  322 322 HOH HOH A . 
H 6 HOH 73  323 323 HOH HOH A . 
H 6 HOH 74  324 324 HOH HOH A . 
H 6 HOH 75  325 325 HOH HOH A . 
H 6 HOH 76  327 327 HOH HOH A . 
H 6 HOH 77  328 328 HOH HOH A . 
H 6 HOH 78  331 331 HOH HOH A . 
H 6 HOH 79  332 332 HOH HOH A . 
H 6 HOH 80  333 333 HOH HOH A . 
H 6 HOH 81  334 334 HOH HOH A . 
H 6 HOH 82  335 335 HOH HOH A . 
H 6 HOH 83  336 336 HOH HOH A . 
H 6 HOH 84  337 337 HOH HOH A . 
H 6 HOH 85  338 338 HOH HOH A . 
H 6 HOH 86  339 339 HOH HOH A . 
H 6 HOH 87  341 341 HOH HOH A . 
H 6 HOH 88  342 342 HOH HOH A . 
H 6 HOH 89  343 343 HOH HOH A . 
H 6 HOH 90  344 344 HOH HOH A . 
H 6 HOH 91  345 345 HOH HOH A . 
H 6 HOH 92  346 346 HOH HOH A . 
H 6 HOH 93  347 347 HOH HOH A . 
H 6 HOH 94  348 348 HOH HOH A . 
H 6 HOH 95  349 349 HOH HOH A . 
H 6 HOH 96  352 352 HOH HOH A . 
H 6 HOH 97  353 353 HOH HOH A . 
H 6 HOH 98  354 354 HOH HOH A . 
H 6 HOH 99  355 355 HOH HOH A . 
H 6 HOH 100 356 356 HOH HOH A . 
H 6 HOH 101 357 357 HOH HOH A . 
H 6 HOH 102 358 358 HOH HOH A . 
H 6 HOH 103 359 359 HOH HOH A . 
H 6 HOH 104 360 360 HOH HOH A . 
H 6 HOH 105 362 362 HOH HOH A . 
H 6 HOH 106 363 363 HOH HOH A . 
H 6 HOH 107 364 364 HOH HOH A . 
H 6 HOH 108 366 366 HOH HOH A . 
H 6 HOH 109 367 367 HOH HOH A . 
H 6 HOH 110 368 368 HOH HOH A . 
H 6 HOH 111 369 369 HOH HOH A . 
H 6 HOH 112 370 370 HOH HOH A . 
H 6 HOH 113 371 371 HOH HOH A . 
H 6 HOH 114 372 372 HOH HOH A . 
H 6 HOH 115 373 373 HOH HOH A . 
H 6 HOH 116 374 374 HOH HOH A . 
H 6 HOH 117 375 375 HOH HOH A . 
H 6 HOH 118 376 376 HOH HOH A . 
H 6 HOH 119 377 377 HOH HOH A . 
H 6 HOH 120 378 378 HOH HOH A . 
H 6 HOH 121 379 379 HOH HOH A . 
H 6 HOH 122 380 380 HOH HOH A . 
H 6 HOH 123 383 383 HOH HOH A . 
H 6 HOH 124 384 384 HOH HOH A . 
H 6 HOH 125 385 385 HOH HOH A . 
H 6 HOH 126 386 386 HOH HOH A . 
H 6 HOH 127 387 387 HOH HOH A . 
H 6 HOH 128 388 388 HOH HOH A . 
H 6 HOH 129 389 389 HOH HOH A . 
H 6 HOH 130 390 390 HOH HOH A . 
H 6 HOH 131 391 391 HOH HOH A . 
H 6 HOH 132 392 392 HOH HOH A . 
H 6 HOH 133 393 393 HOH HOH A . 
H 6 HOH 134 394 394 HOH HOH A . 
H 6 HOH 135 396 396 HOH HOH A . 
H 6 HOH 136 397 397 HOH HOH A . 
H 6 HOH 137 398 398 HOH HOH A . 
H 6 HOH 138 399 399 HOH HOH A . 
H 6 HOH 139 400 400 HOH HOH A . 
H 6 HOH 140 402 402 HOH HOH A . 
H 6 HOH 141 403 403 HOH HOH A . 
H 6 HOH 142 404 404 HOH HOH A . 
H 6 HOH 143 406 406 HOH HOH A . 
H 6 HOH 144 407 407 HOH HOH A . 
H 6 HOH 145 408 408 HOH HOH A . 
H 6 HOH 146 409 409 HOH HOH A . 
H 6 HOH 147 410 410 HOH HOH A . 
H 6 HOH 148 411 411 HOH HOH A . 
H 6 HOH 149 412 412 HOH HOH A . 
H 6 HOH 150 413 413 HOH HOH A . 
H 6 HOH 151 414 414 HOH HOH A . 
H 6 HOH 152 415 415 HOH HOH A . 
H 6 HOH 153 416 416 HOH HOH A . 
H 6 HOH 154 417 417 HOH HOH A . 
H 6 HOH 155 419 419 HOH HOH A . 
H 6 HOH 156 420 420 HOH HOH A . 
H 6 HOH 157 421 421 HOH HOH A . 
H 6 HOH 158 422 422 HOH HOH A . 
H 6 HOH 159 425 425 HOH HOH A . 
H 6 HOH 160 426 426 HOH HOH A . 
H 6 HOH 161 427 427 HOH HOH A . 
H 6 HOH 162 428 428 HOH HOH A . 
H 6 HOH 163 429 429 HOH HOH A . 
H 6 HOH 164 430 430 HOH HOH A . 
H 6 HOH 165 431 431 HOH HOH A . 
H 6 HOH 166 432 432 HOH HOH A . 
H 6 HOH 167 434 434 HOH HOH A . 
H 6 HOH 168 435 435 HOH HOH A . 
H 6 HOH 169 437 437 HOH HOH A . 
H 6 HOH 170 438 438 HOH HOH A . 
H 6 HOH 171 439 439 HOH HOH A . 
H 6 HOH 172 440 440 HOH HOH A . 
H 6 HOH 173 442 442 HOH HOH A . 
H 6 HOH 174 446 446 HOH HOH A . 
H 6 HOH 175 447 447 HOH HOH A . 
H 6 HOH 176 448 448 HOH HOH A . 
H 6 HOH 177 449 449 HOH HOH A . 
H 6 HOH 178 450 450 HOH HOH A . 
H 6 HOH 179 452 452 HOH HOH A . 
H 6 HOH 180 453 453 HOH HOH A . 
H 6 HOH 181 454 454 HOH HOH A . 
H 6 HOH 182 455 455 HOH HOH A . 
H 6 HOH 183 456 456 HOH HOH A . 
H 6 HOH 184 457 457 HOH HOH A . 
H 6 HOH 185 458 458 HOH HOH A . 
H 6 HOH 186 459 459 HOH HOH A . 
H 6 HOH 187 460 460 HOH HOH A . 
H 6 HOH 188 461 461 HOH HOH A . 
H 6 HOH 189 462 462 HOH HOH A . 
H 6 HOH 190 463 463 HOH HOH A . 
H 6 HOH 191 464 464 HOH HOH A . 
H 6 HOH 192 466 466 HOH HOH A . 
H 6 HOH 193 467 467 HOH HOH A . 
H 6 HOH 194 468 468 HOH HOH A . 
H 6 HOH 195 469 469 HOH HOH A . 
H 6 HOH 196 470 470 HOH HOH A . 
H 6 HOH 197 471 471 HOH HOH A . 
H 6 HOH 198 473 473 HOH HOH A . 
H 6 HOH 199 474 474 HOH HOH A . 
H 6 HOH 200 475 475 HOH HOH A . 
H 6 HOH 201 477 477 HOH HOH A . 
H 6 HOH 202 479 479 HOH HOH A . 
H 6 HOH 203 482 482 HOH HOH A . 
H 6 HOH 204 483 483 HOH HOH A . 
H 6 HOH 205 484 484 HOH HOH A . 
H 6 HOH 206 485 485 HOH HOH A . 
H 6 HOH 207 486 486 HOH HOH A . 
H 6 HOH 208 487 487 HOH HOH A . 
H 6 HOH 209 488 488 HOH HOH A . 
H 6 HOH 210 489 489 HOH HOH A . 
H 6 HOH 211 490 490 HOH HOH A . 
# 
loop_
_pdbx_unobs_or_zero_occ_atoms.id 
_pdbx_unobs_or_zero_occ_atoms.PDB_model_num 
_pdbx_unobs_or_zero_occ_atoms.polymer_flag 
_pdbx_unobs_or_zero_occ_atoms.occupancy_flag 
_pdbx_unobs_or_zero_occ_atoms.auth_asym_id 
_pdbx_unobs_or_zero_occ_atoms.auth_comp_id 
_pdbx_unobs_or_zero_occ_atoms.auth_seq_id 
_pdbx_unobs_or_zero_occ_atoms.PDB_ins_code 
_pdbx_unobs_or_zero_occ_atoms.auth_atom_id 
_pdbx_unobs_or_zero_occ_atoms.label_alt_id 
_pdbx_unobs_or_zero_occ_atoms.label_asym_id 
_pdbx_unobs_or_zero_occ_atoms.label_comp_id 
_pdbx_unobs_or_zero_occ_atoms.label_seq_id 
_pdbx_unobs_or_zero_occ_atoms.label_atom_id 
1 1 Y 1 A ARG 12  ? NH1 ? A ARG 12  NH1 
2 1 Y 1 A GLN 146 ? CD  ? A GLN 146 CD  
3 1 Y 1 A GLN 146 ? OE1 ? A GLN 146 OE1 
4 1 N 1 A EOH 171 ? C2  ? E EOH 1   C2  
5 1 N 1 A EOH 173 ? C2  ? F EOH 1   C2  
# 
_software.name             TNT 
_software.classification   refinement 
_software.version          . 
_software.citation_id      ? 
_software.pdbx_ordinal     1 
# 
_cell.entry_id           1JOM 
_cell.length_a           96.862 
_cell.length_b           96.862 
_cell.length_c           35.022 
_cell.angle_alpha        90.00 
_cell.angle_beta         90.00 
_cell.angle_gamma        120.00 
_cell.Z_PDB              6 
_cell.pdbx_unique_axis   ? 
# 
_symmetry.entry_id                         1JOM 
_symmetry.space_group_name_H-M             'P 65' 
_symmetry.pdbx_full_space_group_name_H-M   ? 
_symmetry.cell_setting                     ? 
_symmetry.Int_Tables_number                170 
# 
_exptl.entry_id          1JOM 
_exptl.method            'X-RAY DIFFRACTION' 
_exptl.crystals_number   ? 
# 
_exptl_crystal.id                    1 
_exptl_crystal.density_meas          ? 
_exptl_crystal.density_Matthews      2.63 
_exptl_crystal.density_percent_sol   53.24 
_exptl_crystal.description           ? 
# 
_diffrn.id                     1 
_diffrn.ambient_temp           ? 
_diffrn.ambient_temp_details   ? 
_diffrn.crystal_id             1 
# 
_diffrn_radiation.diffrn_id                        1 
_diffrn_radiation.wavelength_id                    1 
_diffrn_radiation.pdbx_monochromatic_or_laue_m_l   ? 
_diffrn_radiation.monochromator                    ? 
_diffrn_radiation.pdbx_diffrn_protocol             ? 
_diffrn_radiation.pdbx_scattering_type             x-ray 
# 
_diffrn_radiation_wavelength.id           1 
_diffrn_radiation_wavelength.wavelength   . 
_diffrn_radiation_wavelength.wt           1.0 
# 
_refine.entry_id                                 1JOM 
_refine.ls_number_reflns_obs                     ? 
_refine.ls_number_reflns_all                     ? 
_refine.pdbx_ls_sigma_I                          ? 
_refine.pdbx_ls_sigma_F                          ? 
_refine.pdbx_data_cutoff_high_absF               ? 
_refine.pdbx_data_cutoff_low_absF                ? 
_refine.pdbx_data_cutoff_high_rms_absF           ? 
_refine.ls_d_res_low                             ? 
_refine.ls_d_res_high                            1.90 
_refine.ls_percent_reflns_obs                    ? 
_refine.ls_R_factor_obs                          ? 
_refine.ls_R_factor_all                          ? 
_refine.ls_R_factor_R_work                       ? 
_refine.ls_R_factor_R_free                       ? 
_refine.ls_R_factor_R_free_error                 ? 
_refine.ls_R_factor_R_free_error_details         ? 
_refine.ls_percent_reflns_R_free                 ? 
_refine.ls_number_reflns_R_free                  ? 
_refine.ls_number_parameters                     ? 
_refine.ls_number_restraints                     ? 
_refine.occupancy_min                            ? 
_refine.occupancy_max                            ? 
_refine.B_iso_mean                               ? 
_refine.aniso_B[1][1]                            ? 
_refine.aniso_B[2][2]                            ? 
_refine.aniso_B[3][3]                            ? 
_refine.aniso_B[1][2]                            ? 
_refine.aniso_B[1][3]                            ? 
_refine.aniso_B[2][3]                            ? 
_refine.solvent_model_details                    ? 
_refine.solvent_model_param_ksol                 ? 
_refine.solvent_model_param_bsol                 ? 
_refine.pdbx_ls_cross_valid_method               ? 
_refine.details                                  ? 
_refine.pdbx_starting_model                      ? 
_refine.pdbx_method_to_determine_struct          ? 
_refine.pdbx_isotropic_thermal_model             ? 
_refine.pdbx_stereochemistry_target_values       ? 
_refine.pdbx_stereochem_target_val_spec_case     ? 
_refine.pdbx_R_Free_selection_details            ? 
_refine.pdbx_overall_ESU_R                       ? 
_refine.pdbx_overall_ESU_R_Free                  ? 
_refine.overall_SU_ML                            ? 
_refine.overall_SU_B                             ? 
_refine.pdbx_refine_id                           'X-RAY DIFFRACTION' 
_refine.pdbx_diffrn_id                           1 
_refine.pdbx_TLS_residual_ADP_flag               ? 
_refine.correlation_coeff_Fo_to_Fc               ? 
_refine.correlation_coeff_Fo_to_Fc_free          ? 
_refine.pdbx_solvent_vdw_probe_radii             ? 
_refine.pdbx_solvent_ion_probe_radii             ? 
_refine.pdbx_solvent_shrinkage_radii             ? 
_refine.pdbx_overall_phase_error                 ? 
_refine.overall_SU_R_Cruickshank_DPI             ? 
_refine.pdbx_overall_SU_R_free_Cruickshank_DPI   ? 
_refine.pdbx_overall_SU_R_Blow_DPI               ? 
_refine.pdbx_overall_SU_R_free_Blow_DPI          ? 
# 
_refine_hist.pdbx_refine_id                   'X-RAY DIFFRACTION' 
_refine_hist.cycle_id                         LAST 
_refine_hist.pdbx_number_atoms_protein        1298 
_refine_hist.pdbx_number_atoms_nucleic_acid   0 
_refine_hist.pdbx_number_atoms_ligand         70 
_refine_hist.number_atoms_solvent             218 
_refine_hist.number_atoms_total               1586 
_refine_hist.d_res_high                       1.90 
_refine_hist.d_res_low                        . 
# 
loop_
_refine_ls_restr.type 
_refine_ls_restr.dev_ideal 
_refine_ls_restr.dev_ideal_target 
_refine_ls_restr.weight 
_refine_ls_restr.number 
_refine_ls_restr.pdbx_refine_id 
_refine_ls_restr.pdbx_restraint_function 
t_bond_d           0.019 ? ? ? 'X-RAY DIFFRACTION' ? 
t_angle_deg        2.996 ? ? ? 'X-RAY DIFFRACTION' ? 
t_dihedral_angle_d ?     ? ? ? 'X-RAY DIFFRACTION' ? 
t_incorr_chiral_ct ?     ? ? ? 'X-RAY DIFFRACTION' ? 
t_pseud_angle      ?     ? ? ? 'X-RAY DIFFRACTION' ? 
t_trig_c_planes    ?     ? ? ? 'X-RAY DIFFRACTION' ? 
t_gen_planes       ?     ? ? ? 'X-RAY DIFFRACTION' ? 
t_it               ?     ? ? ? 'X-RAY DIFFRACTION' ? 
t_nbd              ?     ? ? ? 'X-RAY DIFFRACTION' ? 
# 
_pdbx_refine.entry_id                                    1JOM 
_pdbx_refine.R_factor_all_no_cutoff                      ? 
_pdbx_refine.R_factor_obs_no_cutoff                      0.1420000 
_pdbx_refine.free_R_factor_no_cutoff                     ? 
_pdbx_refine.free_R_val_test_set_size_perc_no_cutoff     ? 
_pdbx_refine.free_R_val_test_set_ct_no_cutoff            ? 
_pdbx_refine.R_factor_all_4sig_cutoff                    ? 
_pdbx_refine.R_factor_obs_4sig_cutoff                    ? 
_pdbx_refine.free_R_factor_4sig_cutoff                   ? 
_pdbx_refine.free_R_val_test_set_size_perc_4sig_cutoff   ? 
_pdbx_refine.free_R_val_test_set_ct_4sig_cutoff          ? 
_pdbx_refine.number_reflns_obs_4sig_cutoff               ? 
_pdbx_refine.pdbx_refine_id                              'X-RAY DIFFRACTION' 
_pdbx_refine.free_R_error_no_cutoff                      ? 
# 
_struct.entry_id                  1JOM 
_struct.title                     
'THE CRYSTAL STRUCTURE OF THE BINARY COMPLEX BETWEEN FOLINIC ACID (LEUCOVORIN) AND E. COLI DIHYDROFOLATE REDUCTASE' 
_struct.pdbx_model_details        ? 
_struct.pdbx_CASP_flag            ? 
_struct.pdbx_model_type_details   ? 
# 
_struct_keywords.entry_id        1JOM 
_struct_keywords.pdbx_keywords   OXIDOREDUCTASE 
_struct_keywords.text            'METHOTREXATE RESISTANCE, ONE-CARBON METABOLISM OXIDOREDUCTASE, OXIDOREDUCTASE' 
# 
loop_
_struct_asym.id 
_struct_asym.pdbx_blank_PDB_chainid_flag 
_struct_asym.pdbx_modified 
_struct_asym.entity_id 
_struct_asym.details 
A N N 1 ? 
B N N 2 ? 
C N N 3 ? 
D N N 4 ? 
E N N 5 ? 
F N N 5 ? 
G N N 5 ? 
H N N 6 ? 
# 
_struct_ref.id                         1 
_struct_ref.db_name                    UNP 
_struct_ref.db_code                    DYR_ECOLI 
_struct_ref.entity_id                  1 
_struct_ref.pdbx_db_accession          P0ABQ4 
_struct_ref.pdbx_align_begin           1 
_struct_ref.pdbx_seq_one_letter_code   
;MISLIAALAVDRVIGMENAMPWNLPADLAWFKRNTLNKPVIMGRHTWESIGRPLPGRKNIILSSQPGTDDRVTWVKSVDE
AIAACGDVPEIMVIGGGRVYEQFLPKAQKLYLTHIDAEVEGDTHFPDYEPDDWESVFSEFHDADAQNSHSYCFEILERR
;
_struct_ref.pdbx_db_isoform            ? 
# 
_struct_ref_seq.align_id                      1 
_struct_ref_seq.ref_id                        1 
_struct_ref_seq.pdbx_PDB_id_code              1JOM 
_struct_ref_seq.pdbx_strand_id                A 
_struct_ref_seq.seq_align_beg                 1 
_struct_ref_seq.pdbx_seq_align_beg_ins_code   ? 
_struct_ref_seq.seq_align_end                 159 
_struct_ref_seq.pdbx_seq_align_end_ins_code   ? 
_struct_ref_seq.pdbx_db_accession             P0ABQ4 
_struct_ref_seq.db_align_beg                  1 
_struct_ref_seq.pdbx_db_align_beg_ins_code    ? 
_struct_ref_seq.db_align_end                  159 
_struct_ref_seq.pdbx_db_align_end_ins_code    ? 
_struct_ref_seq.pdbx_auth_seq_align_beg       1 
_struct_ref_seq.pdbx_auth_seq_align_end       159 
# 
_struct_ref_seq_dif.align_id                     1 
_struct_ref_seq_dif.pdbx_pdb_id_code             1JOM 
_struct_ref_seq_dif.mon_id                       ASP 
_struct_ref_seq_dif.pdbx_pdb_strand_id           A 
_struct_ref_seq_dif.seq_num                      37 
_struct_ref_seq_dif.pdbx_pdb_ins_code            ? 
_struct_ref_seq_dif.pdbx_seq_db_name             UNP 
_struct_ref_seq_dif.pdbx_seq_db_accession_code   P0ABQ4 
_struct_ref_seq_dif.db_mon_id                    ASN 
_struct_ref_seq_dif.pdbx_seq_db_seq_num          37 
_struct_ref_seq_dif.details                      conflict 
_struct_ref_seq_dif.pdbx_auth_seq_num            37 
_struct_ref_seq_dif.pdbx_ordinal                 1 
# 
_pdbx_struct_assembly.id                   1 
_pdbx_struct_assembly.details              author_defined_assembly 
_pdbx_struct_assembly.method_details       ? 
_pdbx_struct_assembly.oligomeric_details   monomeric 
_pdbx_struct_assembly.oligomeric_count     1 
# 
_pdbx_struct_assembly_gen.assembly_id       1 
_pdbx_struct_assembly_gen.oper_expression   1 
_pdbx_struct_assembly_gen.asym_id_list      A,B,C,D,E,F,G,H 
# 
_pdbx_struct_oper_list.id                   1 
_pdbx_struct_oper_list.type                 'identity operation' 
_pdbx_struct_oper_list.name                 1_555 
_pdbx_struct_oper_list.symmetry_operation   x,y,z 
_pdbx_struct_oper_list.matrix[1][1]         1.0000000000 
_pdbx_struct_oper_list.matrix[1][2]         0.0000000000 
_pdbx_struct_oper_list.matrix[1][3]         0.0000000000 
_pdbx_struct_oper_list.vector[1]            0.0000000000 
_pdbx_struct_oper_list.matrix[2][1]         0.0000000000 
_pdbx_struct_oper_list.matrix[2][2]         1.0000000000 
_pdbx_struct_oper_list.matrix[2][3]         0.0000000000 
_pdbx_struct_oper_list.vector[2]            0.0000000000 
_pdbx_struct_oper_list.matrix[3][1]         0.0000000000 
_pdbx_struct_oper_list.matrix[3][2]         0.0000000000 
_pdbx_struct_oper_list.matrix[3][3]         1.0000000000 
_pdbx_struct_oper_list.vector[3]            0.0000000000 
# 
_struct_biol.id   1 
# 
loop_
_struct_conf.conf_type_id 
_struct_conf.id 
_struct_conf.pdbx_PDB_helix_id 
_struct_conf.beg_label_comp_id 
_struct_conf.beg_label_asym_id 
_struct_conf.beg_label_seq_id 
_struct_conf.pdbx_beg_PDB_ins_code 
_struct_conf.end_label_comp_id 
_struct_conf.end_label_asym_id 
_struct_conf.end_label_seq_id 
_struct_conf.pdbx_end_PDB_ins_code 
_struct_conf.beg_auth_comp_id 
_struct_conf.beg_auth_asym_id 
_struct_conf.beg_auth_seq_id 
_struct_conf.end_auth_comp_id 
_struct_conf.end_auth_asym_id 
_struct_conf.end_auth_seq_id 
_struct_conf.pdbx_PDB_helix_class 
_struct_conf.details 
_struct_conf.pdbx_PDB_helix_length 
HELX_P HELX_P1 1 VAL A 10 ? ARG A 12  ? VAL A 10 ARG A 12  5 ? 3  
HELX_P HELX_P2 2 GLU A 17 ? ALA A 19  ? GLU A 17 ALA A 19  5 ? 3  
HELX_P HELX_P3 3 PRO A 25 ? THR A 35  ? PRO A 25 THR A 35  1 ? 11 
HELX_P HELX_P4 4 ARG A 44 ? ILE A 50  ? ARG A 44 ILE A 50  1 ? 7  
HELX_P HELX_P5 5 VAL A 78 ? CYS A 85  ? VAL A 78 CYS A 85  1 ? 8  
HELX_P HELX_P6 6 GLY A 97 ? LYS A 106 ? GLY A 97 LYS A 106 1 ? 10 
# 
_struct_conf_type.id          HELX_P 
_struct_conf_type.criteria    ? 
_struct_conf_type.reference   ? 
# 
loop_
_struct_conn.id 
_struct_conn.conn_type_id 
_struct_conn.pdbx_leaving_atom_flag 
_struct_conn.pdbx_PDB_id 
_struct_conn.ptnr1_label_asym_id 
_struct_conn.ptnr1_label_comp_id 
_struct_conn.ptnr1_label_seq_id 
_struct_conn.ptnr1_label_atom_id 
_struct_conn.pdbx_ptnr1_label_alt_id 
_struct_conn.pdbx_ptnr1_PDB_ins_code 
_struct_conn.pdbx_ptnr1_standard_comp_id 
_struct_conn.ptnr1_symmetry 
_struct_conn.ptnr2_label_asym_id 
_struct_conn.ptnr2_label_comp_id 
_struct_conn.ptnr2_label_seq_id 
_struct_conn.ptnr2_label_atom_id 
_struct_conn.pdbx_ptnr2_label_alt_id 
_struct_conn.pdbx_ptnr2_PDB_ins_code 
_struct_conn.ptnr1_auth_asym_id 
_struct_conn.ptnr1_auth_comp_id 
_struct_conn.ptnr1_auth_seq_id 
_struct_conn.ptnr2_auth_asym_id 
_struct_conn.ptnr2_auth_comp_id 
_struct_conn.ptnr2_auth_seq_id 
_struct_conn.ptnr2_symmetry 
_struct_conn.pdbx_ptnr3_label_atom_id 
_struct_conn.pdbx_ptnr3_label_seq_id 
_struct_conn.pdbx_ptnr3_label_comp_id 
_struct_conn.pdbx_ptnr3_label_asym_id 
_struct_conn.pdbx_ptnr3_label_alt_id 
_struct_conn.pdbx_ptnr3_PDB_ins_code 
_struct_conn.details 
_struct_conn.pdbx_dist_value 
_struct_conn.pdbx_value_order 
_struct_conn.pdbx_role 
metalc1 metalc ? ? A GLU 17 O  ? ? ? 1_555 C CA  . CA ? ? A GLU 17  A CA  164 1_555 ? ? ? ? ? ? ? 3.005 ? ? 
metalc2 metalc ? ? A MET 20 O  ? ? ? 1_555 C CA  . CA ? ? A MET 20  A CA  164 1_555 ? ? ? ? ? ? ? 2.645 ? ? 
metalc3 metalc ? ? C CA  .  CA ? ? ? 1_555 G EOH . O  ? ? A CA  164 A EOH 174 1_555 ? ? ? ? ? ? ? 2.327 ? ? 
metalc4 metalc ? ? C CA  .  CA ? ? ? 1_555 H HOH . O  ? ? A CA  164 A HOH 246 1_555 ? ? ? ? ? ? ? 3.007 ? ? 
metalc5 metalc ? ? C CA  .  CA ? ? ? 1_555 H HOH . O  ? ? A CA  164 A HOH 266 1_555 ? ? ? ? ? ? ? 3.072 ? ? 
metalc6 metalc ? ? C CA  .  CA ? ? ? 1_555 H HOH . O  ? ? A CA  164 A HOH 432 1_556 ? ? ? ? ? ? ? 2.827 ? ? 
metalc7 metalc ? ? C CA  .  CA ? ? ? 1_555 H HOH . O  ? ? A CA  164 A HOH 440 1_556 ? ? ? ? ? ? ? 3.241 ? ? 
# 
_struct_conn_type.id          metalc 
_struct_conn_type.criteria    ? 
_struct_conn_type.reference   ? 
# 
loop_
_pdbx_struct_conn_angle.id 
_pdbx_struct_conn_angle.ptnr1_label_atom_id 
_pdbx_struct_conn_angle.ptnr1_label_alt_id 
_pdbx_struct_conn_angle.ptnr1_label_asym_id 
_pdbx_struct_conn_angle.ptnr1_label_comp_id 
_pdbx_struct_conn_angle.ptnr1_label_seq_id 
_pdbx_struct_conn_angle.ptnr1_auth_atom_id 
_pdbx_struct_conn_angle.ptnr1_auth_asym_id 
_pdbx_struct_conn_angle.ptnr1_auth_comp_id 
_pdbx_struct_conn_angle.ptnr1_auth_seq_id 
_pdbx_struct_conn_angle.ptnr1_PDB_ins_code 
_pdbx_struct_conn_angle.ptnr1_symmetry 
_pdbx_struct_conn_angle.ptnr2_label_atom_id 
_pdbx_struct_conn_angle.ptnr2_label_alt_id 
_pdbx_struct_conn_angle.ptnr2_label_asym_id 
_pdbx_struct_conn_angle.ptnr2_label_comp_id 
_pdbx_struct_conn_angle.ptnr2_label_seq_id 
_pdbx_struct_conn_angle.ptnr2_auth_atom_id 
_pdbx_struct_conn_angle.ptnr2_auth_asym_id 
_pdbx_struct_conn_angle.ptnr2_auth_comp_id 
_pdbx_struct_conn_angle.ptnr2_auth_seq_id 
_pdbx_struct_conn_angle.ptnr2_PDB_ins_code 
_pdbx_struct_conn_angle.ptnr2_symmetry 
_pdbx_struct_conn_angle.ptnr3_label_atom_id 
_pdbx_struct_conn_angle.ptnr3_label_alt_id 
_pdbx_struct_conn_angle.ptnr3_label_asym_id 
_pdbx_struct_conn_angle.ptnr3_label_comp_id 
_pdbx_struct_conn_angle.ptnr3_label_seq_id 
_pdbx_struct_conn_angle.ptnr3_auth_atom_id 
_pdbx_struct_conn_angle.ptnr3_auth_asym_id 
_pdbx_struct_conn_angle.ptnr3_auth_comp_id 
_pdbx_struct_conn_angle.ptnr3_auth_seq_id 
_pdbx_struct_conn_angle.ptnr3_PDB_ins_code 
_pdbx_struct_conn_angle.ptnr3_symmetry 
_pdbx_struct_conn_angle.value 
_pdbx_struct_conn_angle.value_esd 
1  O ? A GLU 17 ? A GLU 17  ? 1_555 CA ? C CA . ? A CA 164 ? 1_555 O ? A MET 20 ? A MET 20  ? 1_555 101.6 ? 
2  O ? A GLU 17 ? A GLU 17  ? 1_555 CA ? C CA . ? A CA 164 ? 1_555 O ? G EOH .  ? A EOH 174 ? 1_555 116.9 ? 
3  O ? A MET 20 ? A MET 20  ? 1_555 CA ? C CA . ? A CA 164 ? 1_555 O ? G EOH .  ? A EOH 174 ? 1_555 137.4 ? 
4  O ? A GLU 17 ? A GLU 17  ? 1_555 CA ? C CA . ? A CA 164 ? 1_555 O ? H HOH .  ? A HOH 246 ? 1_555 118.4 ? 
5  O ? A MET 20 ? A MET 20  ? 1_555 CA ? C CA . ? A CA 164 ? 1_555 O ? H HOH .  ? A HOH 246 ? 1_555 123.7 ? 
6  O ? G EOH .  ? A EOH 174 ? 1_555 CA ? C CA . ? A CA 164 ? 1_555 O ? H HOH .  ? A HOH 246 ? 1_555 52.4  ? 
7  O ? A GLU 17 ? A GLU 17  ? 1_555 CA ? C CA . ? A CA 164 ? 1_555 O ? H HOH .  ? A HOH 266 ? 1_555 79.3  ? 
8  O ? A MET 20 ? A MET 20  ? 1_555 CA ? C CA . ? A CA 164 ? 1_555 O ? H HOH .  ? A HOH 266 ? 1_555 115.2 ? 
9  O ? G EOH .  ? A EOH 174 ? 1_555 CA ? C CA . ? A CA 164 ? 1_555 O ? H HOH .  ? A HOH 266 ? 1_555 59.4  ? 
10 O ? H HOH .  ? A HOH 246 ? 1_555 CA ? C CA . ? A CA 164 ? 1_555 O ? H HOH .  ? A HOH 266 ? 1_555 110.1 ? 
11 O ? A GLU 17 ? A GLU 17  ? 1_555 CA ? C CA . ? A CA 164 ? 1_555 O ? H HOH .  ? A HOH 432 ? 1_556 140.3 ? 
12 O ? A MET 20 ? A MET 20  ? 1_555 CA ? C CA . ? A CA 164 ? 1_555 O ? H HOH .  ? A HOH 432 ? 1_556 83.1  ? 
13 O ? G EOH .  ? A EOH 174 ? 1_555 CA ? C CA . ? A CA 164 ? 1_555 O ? H HOH .  ? A HOH 432 ? 1_556 55.9  ? 
14 O ? H HOH .  ? A HOH 246 ? 1_555 CA ? C CA . ? A CA 164 ? 1_555 O ? H HOH .  ? A HOH 432 ? 1_556 88.8  ? 
15 O ? H HOH .  ? A HOH 266 ? 1_555 CA ? C CA . ? A CA 164 ? 1_555 O ? H HOH .  ? A HOH 432 ? 1_556 63.6  ? 
16 O ? A GLU 17 ? A GLU 17  ? 1_555 CA ? C CA . ? A CA 164 ? 1_555 O ? H HOH .  ? A HOH 440 ? 1_556 71.8  ? 
17 O ? A MET 20 ? A MET 20  ? 1_555 CA ? C CA . ? A CA 164 ? 1_555 O ? H HOH .  ? A HOH 440 ? 1_556 168.8 ? 
18 O ? G EOH .  ? A EOH 174 ? 1_555 CA ? C CA . ? A CA 164 ? 1_555 O ? H HOH .  ? A HOH 440 ? 1_556 46.0  ? 
19 O ? H HOH .  ? A HOH 246 ? 1_555 CA ? C CA . ? A CA 164 ? 1_555 O ? H HOH .  ? A HOH 440 ? 1_556 67.4  ? 
20 O ? H HOH .  ? A HOH 266 ? 1_555 CA ? C CA . ? A CA 164 ? 1_555 O ? H HOH .  ? A HOH 440 ? 1_556 55.3  ? 
21 O ? H HOH .  ? A HOH 432 ? 1_556 CA ? C CA . ? A CA 164 ? 1_555 O ? H HOH .  ? A HOH 440 ? 1_556 96.2  ? 
# 
_struct_mon_prot_cis.pdbx_id                1 
_struct_mon_prot_cis.label_comp_id          GLY 
_struct_mon_prot_cis.label_seq_id           95 
_struct_mon_prot_cis.label_asym_id          A 
_struct_mon_prot_cis.label_alt_id           . 
_struct_mon_prot_cis.pdbx_PDB_ins_code      ? 
_struct_mon_prot_cis.auth_comp_id           GLY 
_struct_mon_prot_cis.auth_seq_id            95 
_struct_mon_prot_cis.auth_asym_id           A 
_struct_mon_prot_cis.pdbx_label_comp_id_2   GLY 
_struct_mon_prot_cis.pdbx_label_seq_id_2    96 
_struct_mon_prot_cis.pdbx_label_asym_id_2   A 
_struct_mon_prot_cis.pdbx_PDB_ins_code_2    ? 
_struct_mon_prot_cis.pdbx_auth_comp_id_2    GLY 
_struct_mon_prot_cis.pdbx_auth_seq_id_2     96 
_struct_mon_prot_cis.pdbx_auth_asym_id_2    A 
_struct_mon_prot_cis.pdbx_PDB_model_num     1 
_struct_mon_prot_cis.pdbx_omega_angle       2.33 
# 
_struct_sheet.id               A 
_struct_sheet.type             ? 
_struct_sheet.number_strands   8 
_struct_sheet.details          ? 
# 
loop_
_struct_sheet_order.sheet_id 
_struct_sheet_order.range_id_1 
_struct_sheet_order.range_id_2 
_struct_sheet_order.offset 
_struct_sheet_order.sense 
A 1 2 ? anti-parallel 
A 2 3 ? anti-parallel 
A 3 4 ? parallel      
A 4 5 ? parallel      
A 5 6 ? parallel      
A 6 7 ? parallel      
A 7 8 ? parallel      
# 
loop_
_struct_sheet_range.sheet_id 
_struct_sheet_range.id 
_struct_sheet_range.beg_label_comp_id 
_struct_sheet_range.beg_label_asym_id 
_struct_sheet_range.beg_label_seq_id 
_struct_sheet_range.pdbx_beg_PDB_ins_code 
_struct_sheet_range.end_label_comp_id 
_struct_sheet_range.end_label_asym_id 
_struct_sheet_range.end_label_seq_id 
_struct_sheet_range.pdbx_end_PDB_ins_code 
_struct_sheet_range.beg_auth_comp_id 
_struct_sheet_range.beg_auth_asym_id 
_struct_sheet_range.beg_auth_seq_id 
_struct_sheet_range.end_auth_comp_id 
_struct_sheet_range.end_auth_asym_id 
_struct_sheet_range.end_auth_seq_id 
A 1 TRP A 133 ? HIS A 141 ? TRP A 133 HIS A 141 
A 2 TYR A 151 ? ARG A 158 ? TYR A 151 ARG A 158 
A 3 LYS A 109 ? ILE A 115 ? LYS A 109 ILE A 115 
A 4 ILE A 2   ? LEU A 8   ? ILE A 2   LEU A 8   
A 5 ILE A 91  ? VAL A 93  ? ILE A 91  VAL A 93  
A 6 PRO A 39  ? GLY A 43  ? PRO A 39  GLY A 43  
A 7 ASN A 59  ? LEU A 62  ? ASN A 59  LEU A 62  
A 8 THR A 73  ? VAL A 75  ? THR A 73  VAL A 75  
# 
loop_
_pdbx_struct_sheet_hbond.sheet_id 
_pdbx_struct_sheet_hbond.range_id_1 
_pdbx_struct_sheet_hbond.range_id_2 
_pdbx_struct_sheet_hbond.range_1_label_atom_id 
_pdbx_struct_sheet_hbond.range_1_label_comp_id 
_pdbx_struct_sheet_hbond.range_1_label_asym_id 
_pdbx_struct_sheet_hbond.range_1_label_seq_id 
_pdbx_struct_sheet_hbond.range_1_PDB_ins_code 
_pdbx_struct_sheet_hbond.range_1_auth_atom_id 
_pdbx_struct_sheet_hbond.range_1_auth_comp_id 
_pdbx_struct_sheet_hbond.range_1_auth_asym_id 
_pdbx_struct_sheet_hbond.range_1_auth_seq_id 
_pdbx_struct_sheet_hbond.range_2_label_atom_id 
_pdbx_struct_sheet_hbond.range_2_label_comp_id 
_pdbx_struct_sheet_hbond.range_2_label_asym_id 
_pdbx_struct_sheet_hbond.range_2_label_seq_id 
_pdbx_struct_sheet_hbond.range_2_PDB_ins_code 
_pdbx_struct_sheet_hbond.range_2_auth_atom_id 
_pdbx_struct_sheet_hbond.range_2_auth_comp_id 
_pdbx_struct_sheet_hbond.range_2_auth_asym_id 
_pdbx_struct_sheet_hbond.range_2_auth_seq_id 
A 1 2 O GLU A 134 ? O GLU A 134 N GLU A 157 ? N GLU A 157 
A 2 3 O CYS A 152 ? O CYS A 152 N HIS A 114 ? N HIS A 114 
A 3 4 O LYS A 109 ? O LYS A 109 N LEU A 4   ? N LEU A 4   
A 4 5 O SER A 3   ? O SER A 3   N ILE A 91  ? N ILE A 91  
A 5 6 O MET A 92  ? O MET A 92  N PRO A 39  ? N PRO A 39  
A 6 7 O VAL A 40  ? O VAL A 40  N ILE A 60  ? N ILE A 60  
A 7 8 O ILE A 61  ? O ILE A 61  N THR A 73  ? N THR A 73  
# 
loop_
_struct_site.id 
_struct_site.pdbx_evidence_code 
_struct_site.pdbx_auth_asym_id 
_struct_site.pdbx_auth_comp_id 
_struct_site.pdbx_auth_seq_id 
_struct_site.pdbx_auth_ins_code 
_struct_site.pdbx_num_residues 
_struct_site.details 
AC1 Software A CL  163 ? 4  'BINDING SITE FOR RESIDUE CL A 163'  
AC2 Software A CA  164 ? 8  'BINDING SITE FOR RESIDUE CA A 164'  
AC3 Software A FFO 161 ? 23 'BINDING SITE FOR RESIDUE FFO A 161' 
AC4 Software A EOH 171 ? 6  'BINDING SITE FOR RESIDUE EOH A 171' 
AC5 Software A EOH 173 ? 4  'BINDING SITE FOR RESIDUE EOH A 173' 
AC6 Software A EOH 174 ? 9  'BINDING SITE FOR RESIDUE EOH A 174' 
# 
loop_
_struct_site_gen.id 
_struct_site_gen.site_id 
_struct_site_gen.pdbx_num_res 
_struct_site_gen.label_comp_id 
_struct_site_gen.label_asym_id 
_struct_site_gen.label_seq_id 
_struct_site_gen.pdbx_auth_ins_code 
_struct_site_gen.auth_comp_id 
_struct_site_gen.auth_asym_id 
_struct_site_gen.auth_seq_id 
_struct_site_gen.label_atom_id 
_struct_site_gen.label_alt_id 
_struct_site_gen.symmetry 
_struct_site_gen.details 
1  AC1 4  GLY A 43  ? GLY A 43  . ? 1_555 ? 
2  AC1 4  HIS A 45  ? HIS A 45  . ? 1_555 ? 
3  AC1 4  THR A 46  ? THR A 46  . ? 1_555 ? 
4  AC1 4  GLY A 96  ? GLY A 96  . ? 1_555 ? 
5  AC2 8  GLU A 17  ? GLU A 17  . ? 1_555 ? 
6  AC2 8  ASN A 18  ? ASN A 18  . ? 1_555 ? 
7  AC2 8  MET A 20  ? MET A 20  . ? 1_555 ? 
8  AC2 8  TRP A 22  ? TRP A 22  . ? 1_555 ? 
9  AC2 8  EOH G .   ? EOH A 174 . ? 1_555 ? 
10 AC2 8  HOH H .   ? HOH A 246 . ? 1_555 ? 
11 AC2 8  HOH H .   ? HOH A 266 . ? 1_555 ? 
12 AC2 8  HOH H .   ? HOH A 432 . ? 1_556 ? 
13 AC3 23 ILE A 5   ? ILE A 5   . ? 1_555 ? 
14 AC3 23 ALA A 6   ? ALA A 6   . ? 1_555 ? 
15 AC3 23 ALA A 7   ? ALA A 7   . ? 1_555 ? 
16 AC3 23 GLY A 15  ? GLY A 15  . ? 1_555 ? 
17 AC3 23 MET A 16  ? MET A 16  . ? 1_555 ? 
18 AC3 23 GLU A 17  ? GLU A 17  . ? 1_555 ? 
19 AC3 23 ASP A 27  ? ASP A 27  . ? 1_555 ? 
20 AC3 23 PHE A 31  ? PHE A 31  . ? 1_555 ? 
21 AC3 23 LYS A 32  ? LYS A 32  . ? 1_555 ? 
22 AC3 23 ILE A 50  ? ILE A 50  . ? 1_555 ? 
23 AC3 23 ARG A 57  ? ARG A 57  . ? 1_555 ? 
24 AC3 23 ILE A 94  ? ILE A 94  . ? 1_555 ? 
25 AC3 23 TYR A 100 ? TYR A 100 . ? 1_555 ? 
26 AC3 23 THR A 113 ? THR A 113 . ? 1_555 ? 
27 AC3 23 HOH H .   ? HOH A 206 . ? 1_555 ? 
28 AC3 23 HOH H .   ? HOH A 212 . ? 1_555 ? 
29 AC3 23 HOH H .   ? HOH A 229 . ? 1_555 ? 
30 AC3 23 HOH H .   ? HOH A 263 . ? 1_555 ? 
31 AC3 23 HOH H .   ? HOH A 322 . ? 1_555 ? 
32 AC3 23 HOH H .   ? HOH A 352 . ? 1_555 ? 
33 AC3 23 HOH H .   ? HOH A 377 . ? 1_555 ? 
34 AC3 23 HOH H .   ? HOH A 384 . ? 1_555 ? 
35 AC3 23 HOH H .   ? HOH A 416 . ? 1_555 ? 
36 AC4 6  LYS A 76  ? LYS A 76  . ? 3_565 ? 
37 AC4 6  HOH H .   ? HOH A 213 . ? 3_565 ? 
38 AC4 6  HOH H .   ? HOH A 402 . ? 3_565 ? 
39 AC4 6  HOH H .   ? HOH A 403 . ? 1_555 ? 
40 AC4 6  HOH H .   ? HOH A 420 . ? 3_565 ? 
41 AC4 6  HOH H .   ? HOH A 442 . ? 3_565 ? 
42 AC5 4  ARG A 52  ? ARG A 52  . ? 1_555 ? 
43 AC5 4  PRO A 53  ? PRO A 53  . ? 1_555 ? 
44 AC5 4  PRO A 55  ? PRO A 55  . ? 1_555 ? 
45 AC5 4  HOH H .   ? HOH A 460 . ? 4_665 ? 
46 AC6 9  ASN A 23  ? ASN A 23  . ? 1_555 ? 
47 AC6 9  ASP A 87  ? ASP A 87  . ? 1_556 ? 
48 AC6 9  VAL A 88  ? VAL A 88  . ? 1_556 ? 
49 AC6 9  CA  C .   ? CA  A 164 . ? 1_555 ? 
50 AC6 9  HOH H .   ? HOH A 246 . ? 1_555 ? 
51 AC6 9  HOH H .   ? HOH A 266 . ? 1_555 ? 
52 AC6 9  HOH H .   ? HOH A 432 . ? 1_556 ? 
53 AC6 9  HOH H .   ? HOH A 440 . ? 1_556 ? 
54 AC6 9  HOH H .   ? HOH A 477 . ? 1_556 ? 
# 
loop_
_pdbx_validate_symm_contact.id 
_pdbx_validate_symm_contact.PDB_model_num 
_pdbx_validate_symm_contact.auth_atom_id_1 
_pdbx_validate_symm_contact.auth_asym_id_1 
_pdbx_validate_symm_contact.auth_comp_id_1 
_pdbx_validate_symm_contact.auth_seq_id_1 
_pdbx_validate_symm_contact.PDB_ins_code_1 
_pdbx_validate_symm_contact.label_alt_id_1 
_pdbx_validate_symm_contact.site_symmetry_1 
_pdbx_validate_symm_contact.auth_atom_id_2 
_pdbx_validate_symm_contact.auth_asym_id_2 
_pdbx_validate_symm_contact.auth_comp_id_2 
_pdbx_validate_symm_contact.auth_seq_id_2 
_pdbx_validate_symm_contact.PDB_ins_code_2 
_pdbx_validate_symm_contact.label_alt_id_2 
_pdbx_validate_symm_contact.site_symmetry_2 
_pdbx_validate_symm_contact.dist 
1  1 O   A HOH 216 ? ? 1_555 O A HOH 474 ? ? 6_554 0.68 
2  1 O   A HOH 293 ? ? 1_555 O A HOH 294 ? ? 4_664 0.97 
3  1 CA  A GLY 86  ? ? 1_555 O A HOH 456 ? ? 4_664 1.07 
4  1 C1  A EOH 171 ? ? 1_555 O A HOH 442 ? ? 3_565 1.15 
5  1 O   A HOH 403 ? ? 1_555 O A HOH 420 ? ? 3_565 1.27 
6  1 O   A HOH 253 ? ? 1_555 O A HOH 255 ? ? 4_665 1.52 
7  1 O   A HOH 207 ? ? 1_555 O A HOH 209 ? ? 2_664 1.56 
8  1 C   A GLY 86  ? ? 1_555 O A HOH 456 ? ? 4_664 1.62 
9  1 O   A HOH 347 ? ? 1_555 O A HOH 348 ? ? 2_664 1.65 
10 1 N   A GLY 86  ? ? 1_555 O A HOH 456 ? ? 4_664 1.67 
11 1 O   A HOH 331 ? ? 1_555 O A HOH 332 ? ? 4_664 1.81 
12 1 O   A HOH 324 ? ? 1_555 O A HOH 325 ? ? 2_664 1.83 
13 1 NH2 A ARG 52  ? ? 1_555 O A HOH 473 ? ? 5_555 1.86 
14 1 NZ  A LYS 58  ? ? 1_555 O A HOH 431 ? ? 4_664 1.90 
15 1 O   A HOH 300 ? ? 1_555 O A HOH 305 ? ? 2_664 2.06 
16 1 OE1 A GLU 101 ? ? 1_555 O A HOH 475 ? ? 2_664 2.07 
17 1 O   A HOH 262 ? ? 1_555 O A HOH 331 ? ? 4_665 2.10 
18 1 CB  A ASP 116 ? ? 1_555 O A HOH 419 ? ? 3_565 2.12 
19 1 OD1 A ASP 116 ? ? 1_555 O A HOH 333 ? ? 3_565 2.15 
# 
loop_
_pdbx_validate_rmsd_bond.id 
_pdbx_validate_rmsd_bond.PDB_model_num 
_pdbx_validate_rmsd_bond.auth_atom_id_1 
_pdbx_validate_rmsd_bond.auth_asym_id_1 
_pdbx_validate_rmsd_bond.auth_comp_id_1 
_pdbx_validate_rmsd_bond.auth_seq_id_1 
_pdbx_validate_rmsd_bond.PDB_ins_code_1 
_pdbx_validate_rmsd_bond.label_alt_id_1 
_pdbx_validate_rmsd_bond.auth_atom_id_2 
_pdbx_validate_rmsd_bond.auth_asym_id_2 
_pdbx_validate_rmsd_bond.auth_comp_id_2 
_pdbx_validate_rmsd_bond.auth_seq_id_2 
_pdbx_validate_rmsd_bond.PDB_ins_code_2 
_pdbx_validate_rmsd_bond.label_alt_id_2 
_pdbx_validate_rmsd_bond.bond_value 
_pdbx_validate_rmsd_bond.bond_target_value 
_pdbx_validate_rmsd_bond.bond_deviation 
_pdbx_validate_rmsd_bond.bond_standard_deviation 
_pdbx_validate_rmsd_bond.linker_flag 
1 1 CD A GLU 17  ? ? OE2 A GLU 17  ? ? 1.329 1.252 0.077 0.011 N 
2 1 CD A GLU 101 ? ? OE1 A GLU 101 ? ? 1.333 1.252 0.081 0.011 N 
3 1 CD A GLU 118 ? ? OE1 A GLU 118 ? ? 1.327 1.252 0.075 0.011 N 
4 1 CD A GLU 120 ? ? OE1 A GLU 120 ? ? 1.330 1.252 0.078 0.011 N 
5 1 CD A GLU 129 ? ? OE2 A GLU 129 ? ? 1.329 1.252 0.077 0.011 N 
6 1 CD A GLU 134 ? ? OE2 A GLU 134 ? ? 1.338 1.252 0.086 0.011 N 
# 
loop_
_pdbx_validate_rmsd_angle.id 
_pdbx_validate_rmsd_angle.PDB_model_num 
_pdbx_validate_rmsd_angle.auth_atom_id_1 
_pdbx_validate_rmsd_angle.auth_asym_id_1 
_pdbx_validate_rmsd_angle.auth_comp_id_1 
_pdbx_validate_rmsd_angle.auth_seq_id_1 
_pdbx_validate_rmsd_angle.PDB_ins_code_1 
_pdbx_validate_rmsd_angle.label_alt_id_1 
_pdbx_validate_rmsd_angle.auth_atom_id_2 
_pdbx_validate_rmsd_angle.auth_asym_id_2 
_pdbx_validate_rmsd_angle.auth_comp_id_2 
_pdbx_validate_rmsd_angle.auth_seq_id_2 
_pdbx_validate_rmsd_angle.PDB_ins_code_2 
_pdbx_validate_rmsd_angle.label_alt_id_2 
_pdbx_validate_rmsd_angle.auth_atom_id_3 
_pdbx_validate_rmsd_angle.auth_asym_id_3 
_pdbx_validate_rmsd_angle.auth_comp_id_3 
_pdbx_validate_rmsd_angle.auth_seq_id_3 
_pdbx_validate_rmsd_angle.PDB_ins_code_3 
_pdbx_validate_rmsd_angle.label_alt_id_3 
_pdbx_validate_rmsd_angle.angle_value 
_pdbx_validate_rmsd_angle.angle_target_value 
_pdbx_validate_rmsd_angle.angle_deviation 
_pdbx_validate_rmsd_angle.angle_standard_deviation 
_pdbx_validate_rmsd_angle.linker_flag 
1  1 CB A ALA 6   ? ? CA A ALA 6   ? ? C   A ALA 6   ? ? 100.29 110.10 -9.81  1.50 N 
2  1 CB A ASP 11  ? ? CG A ASP 11  ? ? OD1 A ASP 11  ? ? 128.00 118.30 9.70   0.90 N 
3  1 CB A ASP 11  ? ? CG A ASP 11  ? ? OD2 A ASP 11  ? ? 108.94 118.30 -9.36  0.90 N 
4  1 CB A ASP 37  ? ? CG A ASP 37  ? ? OD1 A ASP 37  ? ? 123.97 118.30 5.67   0.90 N 
5  1 CD A ARG 44  ? ? NE A ARG 44  ? ? CZ  A ARG 44  ? ? 133.83 123.60 10.23  1.40 N 
6  1 NE A ARG 44  ? ? CZ A ARG 44  ? ? NH1 A ARG 44  ? ? 125.96 120.30 5.66   0.50 N 
7  1 NE A ARG 44  ? ? CZ A ARG 44  ? ? NH2 A ARG 44  ? ? 116.40 120.30 -3.90  0.50 N 
8  1 NE A ARG 57  ? A CZ A ARG 57  ? A NH2 A ARG 57  ? A 117.11 120.30 -3.19  0.50 N 
9  1 CA A GLN 65  ? ? CB A GLN 65  ? ? CG  A GLN 65  ? ? 99.86  113.40 -13.54 2.20 N 
10 1 CB A ASP 70  ? ? CG A ASP 70  ? ? OD2 A ASP 70  ? ? 112.45 118.30 -5.85  0.90 N 
11 1 CB A ASP 79  ? ? CG A ASP 79  ? ? OD2 A ASP 79  ? ? 112.72 118.30 -5.58  0.90 N 
12 1 NE A ARG 98  ? ? CZ A ARG 98  ? ? NH1 A ARG 98  ? ? 123.54 120.30 3.24   0.50 N 
13 1 NE A ARG 98  ? ? CZ A ARG 98  ? ? NH2 A ARG 98  ? ? 116.84 120.30 -3.46  0.50 N 
14 1 N  A LYS 109 ? ? CA A LYS 109 ? ? CB  A LYS 109 ? ? 122.17 110.60 11.57  1.80 N 
15 1 CB A TYR 111 ? ? CG A TYR 111 ? ? CD2 A TYR 111 ? ? 116.34 121.00 -4.66  0.60 N 
16 1 CB A ASP 122 ? ? CG A ASP 122 ? ? OD2 A ASP 122 ? ? 124.08 118.30 5.78   0.90 N 
17 1 CB A ASP 144 ? ? CG A ASP 144 ? ? OD1 A ASP 144 ? ? 126.34 118.30 8.04   0.90 N 
18 1 CB A ASP 144 ? ? CG A ASP 144 ? ? OD2 A ASP 144 ? ? 109.00 118.30 -9.30  0.90 N 
# 
_pdbx_validate_torsion.id              1 
_pdbx_validate_torsion.PDB_model_num   1 
_pdbx_validate_torsion.auth_comp_id    ASP 
_pdbx_validate_torsion.auth_asym_id    A 
_pdbx_validate_torsion.auth_seq_id     69 
_pdbx_validate_torsion.PDB_ins_code    ? 
_pdbx_validate_torsion.label_alt_id    ? 
_pdbx_validate_torsion.phi             -163.22 
_pdbx_validate_torsion.psi             115.74 
# 
loop_
_chem_comp_atom.comp_id 
_chem_comp_atom.atom_id 
_chem_comp_atom.type_symbol 
_chem_comp_atom.pdbx_aromatic_flag 
_chem_comp_atom.pdbx_stereo_config 
_chem_comp_atom.pdbx_ordinal 
ALA N    N  N N 1   
ALA CA   C  N S 2   
ALA C    C  N N 3   
ALA O    O  N N 4   
ALA CB   C  N N 5   
ALA OXT  O  N N 6   
ALA H    H  N N 7   
ALA H2   H  N N 8   
ALA HA   H  N N 9   
ALA HB1  H  N N 10  
ALA HB2  H  N N 11  
ALA HB3  H  N N 12  
ALA HXT  H  N N 13  
ARG N    N  N N 14  
ARG CA   C  N S 15  
ARG C    C  N N 16  
ARG O    O  N N 17  
ARG CB   C  N N 18  
ARG CG   C  N N 19  
ARG CD   C  N N 20  
ARG NE   N  N N 21  
ARG CZ   C  N N 22  
ARG NH1  N  N N 23  
ARG NH2  N  N N 24  
ARG OXT  O  N N 25  
ARG H    H  N N 26  
ARG H2   H  N N 27  
ARG HA   H  N N 28  
ARG HB2  H  N N 29  
ARG HB3  H  N N 30  
ARG HG2  H  N N 31  
ARG HG3  H  N N 32  
ARG HD2  H  N N 33  
ARG HD3  H  N N 34  
ARG HE   H  N N 35  
ARG HH11 H  N N 36  
ARG HH12 H  N N 37  
ARG HH21 H  N N 38  
ARG HH22 H  N N 39  
ARG HXT  H  N N 40  
ASN N    N  N N 41  
ASN CA   C  N S 42  
ASN C    C  N N 43  
ASN O    O  N N 44  
ASN CB   C  N N 45  
ASN CG   C  N N 46  
ASN OD1  O  N N 47  
ASN ND2  N  N N 48  
ASN OXT  O  N N 49  
ASN H    H  N N 50  
ASN H2   H  N N 51  
ASN HA   H  N N 52  
ASN HB2  H  N N 53  
ASN HB3  H  N N 54  
ASN HD21 H  N N 55  
ASN HD22 H  N N 56  
ASN HXT  H  N N 57  
ASP N    N  N N 58  
ASP CA   C  N S 59  
ASP C    C  N N 60  
ASP O    O  N N 61  
ASP CB   C  N N 62  
ASP CG   C  N N 63  
ASP OD1  O  N N 64  
ASP OD2  O  N N 65  
ASP OXT  O  N N 66  
ASP H    H  N N 67  
ASP H2   H  N N 68  
ASP HA   H  N N 69  
ASP HB2  H  N N 70  
ASP HB3  H  N N 71  
ASP HD2  H  N N 72  
ASP HXT  H  N N 73  
CA  CA   CA N N 74  
CL  CL   CL N N 75  
CYS N    N  N N 76  
CYS CA   C  N R 77  
CYS C    C  N N 78  
CYS O    O  N N 79  
CYS CB   C  N N 80  
CYS SG   S  N N 81  
CYS OXT  O  N N 82  
CYS H    H  N N 83  
CYS H2   H  N N 84  
CYS HA   H  N N 85  
CYS HB2  H  N N 86  
CYS HB3  H  N N 87  
CYS HG   H  N N 88  
CYS HXT  H  N N 89  
EOH C1   C  N N 90  
EOH C2   C  N N 91  
EOH O    O  N N 92  
EOH H11  H  N N 93  
EOH H12  H  N N 94  
EOH H21  H  N N 95  
EOH H22  H  N N 96  
EOH H23  H  N N 97  
EOH HO   H  N N 98  
FFO N1   N  N N 99  
FFO C2   C  N N 100 
FFO NA2  N  N N 101 
FFO N3   N  N N 102 
FFO C4   C  N N 103 
FFO O4   O  N N 104 
FFO C4A  C  N N 105 
FFO N5   N  N N 106 
FFO C6   C  N S 107 
FFO C7   C  N N 108 
FFO N8   N  N N 109 
FFO C8A  C  N N 110 
FFO C9   C  N N 111 
FFO N10  N  N N 112 
FFO C11  C  Y N 113 
FFO C12  C  Y N 114 
FFO C13  C  Y N 115 
FFO C14  C  Y N 116 
FFO C15  C  Y N 117 
FFO C16  C  Y N 118 
FFO C    C  N N 119 
FFO O    O  N N 120 
FFO N    N  N N 121 
FFO CA   C  N S 122 
FFO CB   C  N N 123 
FFO CG   C  N N 124 
FFO CD   C  N N 125 
FFO OE1  O  N N 126 
FFO OE2  O  N N 127 
FFO CT   C  N N 128 
FFO O1   O  N N 129 
FFO O2   O  N N 130 
FFO C5A  C  N N 131 
FFO O5B  O  N N 132 
FFO HN21 H  N N 133 
FFO HN22 H  N N 134 
FFO H6   H  N N 135 
FFO H7   H  N N 136 
FFO H91  H  N N 137 
FFO H92  H  N N 138 
FFO HN0  H  N N 139 
FFO H12  H  N N 140 
FFO H13  H  N N 141 
FFO H15  H  N N 142 
FFO H16  H  N N 143 
FFO HN   H  N N 144 
FFO HA   H  N N 145 
FFO HB1  H  N N 146 
FFO HB2  H  N N 147 
FFO HG1  H  N N 148 
FFO HG2  H  N N 149 
FFO HOE2 H  N N 150 
FFO HO2  H  N N 151 
FFO H5A  H  N N 152 
FFO H22  H  N N 153 
FFO H23  H  N N 154 
FFO H24  H  N N 155 
GLN N    N  N N 156 
GLN CA   C  N S 157 
GLN C    C  N N 158 
GLN O    O  N N 159 
GLN CB   C  N N 160 
GLN CG   C  N N 161 
GLN CD   C  N N 162 
GLN OE1  O  N N 163 
GLN NE2  N  N N 164 
GLN OXT  O  N N 165 
GLN H    H  N N 166 
GLN H2   H  N N 167 
GLN HA   H  N N 168 
GLN HB2  H  N N 169 
GLN HB3  H  N N 170 
GLN HG2  H  N N 171 
GLN HG3  H  N N 172 
GLN HE21 H  N N 173 
GLN HE22 H  N N 174 
GLN HXT  H  N N 175 
GLU N    N  N N 176 
GLU CA   C  N S 177 
GLU C    C  N N 178 
GLU O    O  N N 179 
GLU CB   C  N N 180 
GLU CG   C  N N 181 
GLU CD   C  N N 182 
GLU OE1  O  N N 183 
GLU OE2  O  N N 184 
GLU OXT  O  N N 185 
GLU H    H  N N 186 
GLU H2   H  N N 187 
GLU HA   H  N N 188 
GLU HB2  H  N N 189 
GLU HB3  H  N N 190 
GLU HG2  H  N N 191 
GLU HG3  H  N N 192 
GLU HE2  H  N N 193 
GLU HXT  H  N N 194 
GLY N    N  N N 195 
GLY CA   C  N N 196 
GLY C    C  N N 197 
GLY O    O  N N 198 
GLY OXT  O  N N 199 
GLY H    H  N N 200 
GLY H2   H  N N 201 
GLY HA2  H  N N 202 
GLY HA3  H  N N 203 
GLY HXT  H  N N 204 
HIS N    N  N N 205 
HIS CA   C  N S 206 
HIS C    C  N N 207 
HIS O    O  N N 208 
HIS CB   C  N N 209 
HIS CG   C  Y N 210 
HIS ND1  N  Y N 211 
HIS CD2  C  Y N 212 
HIS CE1  C  Y N 213 
HIS NE2  N  Y N 214 
HIS OXT  O  N N 215 
HIS H    H  N N 216 
HIS H2   H  N N 217 
HIS HA   H  N N 218 
HIS HB2  H  N N 219 
HIS HB3  H  N N 220 
HIS HD1  H  N N 221 
HIS HD2  H  N N 222 
HIS HE1  H  N N 223 
HIS HE2  H  N N 224 
HIS HXT  H  N N 225 
HOH O    O  N N 226 
HOH H1   H  N N 227 
HOH H2   H  N N 228 
ILE N    N  N N 229 
ILE CA   C  N S 230 
ILE C    C  N N 231 
ILE O    O  N N 232 
ILE CB   C  N S 233 
ILE CG1  C  N N 234 
ILE CG2  C  N N 235 
ILE CD1  C  N N 236 
ILE OXT  O  N N 237 
ILE H    H  N N 238 
ILE H2   H  N N 239 
ILE HA   H  N N 240 
ILE HB   H  N N 241 
ILE HG12 H  N N 242 
ILE HG13 H  N N 243 
ILE HG21 H  N N 244 
ILE HG22 H  N N 245 
ILE HG23 H  N N 246 
ILE HD11 H  N N 247 
ILE HD12 H  N N 248 
ILE HD13 H  N N 249 
ILE HXT  H  N N 250 
LEU N    N  N N 251 
LEU CA   C  N S 252 
LEU C    C  N N 253 
LEU O    O  N N 254 
LEU CB   C  N N 255 
LEU CG   C  N N 256 
LEU CD1  C  N N 257 
LEU CD2  C  N N 258 
LEU OXT  O  N N 259 
LEU H    H  N N 260 
LEU H2   H  N N 261 
LEU HA   H  N N 262 
LEU HB2  H  N N 263 
LEU HB3  H  N N 264 
LEU HG   H  N N 265 
LEU HD11 H  N N 266 
LEU HD12 H  N N 267 
LEU HD13 H  N N 268 
LEU HD21 H  N N 269 
LEU HD22 H  N N 270 
LEU HD23 H  N N 271 
LEU HXT  H  N N 272 
LYS N    N  N N 273 
LYS CA   C  N S 274 
LYS C    C  N N 275 
LYS O    O  N N 276 
LYS CB   C  N N 277 
LYS CG   C  N N 278 
LYS CD   C  N N 279 
LYS CE   C  N N 280 
LYS NZ   N  N N 281 
LYS OXT  O  N N 282 
LYS H    H  N N 283 
LYS H2   H  N N 284 
LYS HA   H  N N 285 
LYS HB2  H  N N 286 
LYS HB3  H  N N 287 
LYS HG2  H  N N 288 
LYS HG3  H  N N 289 
LYS HD2  H  N N 290 
LYS HD3  H  N N 291 
LYS HE2  H  N N 292 
LYS HE3  H  N N 293 
LYS HZ1  H  N N 294 
LYS HZ2  H  N N 295 
LYS HZ3  H  N N 296 
LYS HXT  H  N N 297 
MET N    N  N N 298 
MET CA   C  N S 299 
MET C    C  N N 300 
MET O    O  N N 301 
MET CB   C  N N 302 
MET CG   C  N N 303 
MET SD   S  N N 304 
MET CE   C  N N 305 
MET OXT  O  N N 306 
MET H    H  N N 307 
MET H2   H  N N 308 
MET HA   H  N N 309 
MET HB2  H  N N 310 
MET HB3  H  N N 311 
MET HG2  H  N N 312 
MET HG3  H  N N 313 
MET HE1  H  N N 314 
MET HE2  H  N N 315 
MET HE3  H  N N 316 
MET HXT  H  N N 317 
PHE N    N  N N 318 
PHE CA   C  N S 319 
PHE C    C  N N 320 
PHE O    O  N N 321 
PHE CB   C  N N 322 
PHE CG   C  Y N 323 
PHE CD1  C  Y N 324 
PHE CD2  C  Y N 325 
PHE CE1  C  Y N 326 
PHE CE2  C  Y N 327 
PHE CZ   C  Y N 328 
PHE OXT  O  N N 329 
PHE H    H  N N 330 
PHE H2   H  N N 331 
PHE HA   H  N N 332 
PHE HB2  H  N N 333 
PHE HB3  H  N N 334 
PHE HD1  H  N N 335 
PHE HD2  H  N N 336 
PHE HE1  H  N N 337 
PHE HE2  H  N N 338 
PHE HZ   H  N N 339 
PHE HXT  H  N N 340 
PRO N    N  N N 341 
PRO CA   C  N S 342 
PRO C    C  N N 343 
PRO O    O  N N 344 
PRO CB   C  N N 345 
PRO CG   C  N N 346 
PRO CD   C  N N 347 
PRO OXT  O  N N 348 
PRO H    H  N N 349 
PRO HA   H  N N 350 
PRO HB2  H  N N 351 
PRO HB3  H  N N 352 
PRO HG2  H  N N 353 
PRO HG3  H  N N 354 
PRO HD2  H  N N 355 
PRO HD3  H  N N 356 
PRO HXT  H  N N 357 
SER N    N  N N 358 
SER CA   C  N S 359 
SER C    C  N N 360 
SER O    O  N N 361 
SER CB   C  N N 362 
SER OG   O  N N 363 
SER OXT  O  N N 364 
SER H    H  N N 365 
SER H2   H  N N 366 
SER HA   H  N N 367 
SER HB2  H  N N 368 
SER HB3  H  N N 369 
SER HG   H  N N 370 
SER HXT  H  N N 371 
THR N    N  N N 372 
THR CA   C  N S 373 
THR C    C  N N 374 
THR O    O  N N 375 
THR CB   C  N R 376 
THR OG1  O  N N 377 
THR CG2  C  N N 378 
THR OXT  O  N N 379 
THR H    H  N N 380 
THR H2   H  N N 381 
THR HA   H  N N 382 
THR HB   H  N N 383 
THR HG1  H  N N 384 
THR HG21 H  N N 385 
THR HG22 H  N N 386 
THR HG23 H  N N 387 
THR HXT  H  N N 388 
TRP N    N  N N 389 
TRP CA   C  N S 390 
TRP C    C  N N 391 
TRP O    O  N N 392 
TRP CB   C  N N 393 
TRP CG   C  Y N 394 
TRP CD1  C  Y N 395 
TRP CD2  C  Y N 396 
TRP NE1  N  Y N 397 
TRP CE2  C  Y N 398 
TRP CE3  C  Y N 399 
TRP CZ2  C  Y N 400 
TRP CZ3  C  Y N 401 
TRP CH2  C  Y N 402 
TRP OXT  O  N N 403 
TRP H    H  N N 404 
TRP H2   H  N N 405 
TRP HA   H  N N 406 
TRP HB2  H  N N 407 
TRP HB3  H  N N 408 
TRP HD1  H  N N 409 
TRP HE1  H  N N 410 
TRP HE3  H  N N 411 
TRP HZ2  H  N N 412 
TRP HZ3  H  N N 413 
TRP HH2  H  N N 414 
TRP HXT  H  N N 415 
TYR N    N  N N 416 
TYR CA   C  N S 417 
TYR C    C  N N 418 
TYR O    O  N N 419 
TYR CB   C  N N 420 
TYR CG   C  Y N 421 
TYR CD1  C  Y N 422 
TYR CD2  C  Y N 423 
TYR CE1  C  Y N 424 
TYR CE2  C  Y N 425 
TYR CZ   C  Y N 426 
TYR OH   O  N N 427 
TYR OXT  O  N N 428 
TYR H    H  N N 429 
TYR H2   H  N N 430 
TYR HA   H  N N 431 
TYR HB2  H  N N 432 
TYR HB3  H  N N 433 
TYR HD1  H  N N 434 
TYR HD2  H  N N 435 
TYR HE1  H  N N 436 
TYR HE2  H  N N 437 
TYR HH   H  N N 438 
TYR HXT  H  N N 439 
VAL N    N  N N 440 
VAL CA   C  N S 441 
VAL C    C  N N 442 
VAL O    O  N N 443 
VAL CB   C  N N 444 
VAL CG1  C  N N 445 
VAL CG2  C  N N 446 
VAL OXT  O  N N 447 
VAL H    H  N N 448 
VAL H2   H  N N 449 
VAL HA   H  N N 450 
VAL HB   H  N N 451 
VAL HG11 H  N N 452 
VAL HG12 H  N N 453 
VAL HG13 H  N N 454 
VAL HG21 H  N N 455 
VAL HG22 H  N N 456 
VAL HG23 H  N N 457 
VAL HXT  H  N N 458 
# 
loop_
_chem_comp_bond.comp_id 
_chem_comp_bond.atom_id_1 
_chem_comp_bond.atom_id_2 
_chem_comp_bond.value_order 
_chem_comp_bond.pdbx_aromatic_flag 
_chem_comp_bond.pdbx_stereo_config 
_chem_comp_bond.pdbx_ordinal 
ALA N   CA   sing N N 1   
ALA N   H    sing N N 2   
ALA N   H2   sing N N 3   
ALA CA  C    sing N N 4   
ALA CA  CB   sing N N 5   
ALA CA  HA   sing N N 6   
ALA C   O    doub N N 7   
ALA C   OXT  sing N N 8   
ALA CB  HB1  sing N N 9   
ALA CB  HB2  sing N N 10  
ALA CB  HB3  sing N N 11  
ALA OXT HXT  sing N N 12  
ARG N   CA   sing N N 13  
ARG N   H    sing N N 14  
ARG N   H2   sing N N 15  
ARG CA  C    sing N N 16  
ARG CA  CB   sing N N 17  
ARG CA  HA   sing N N 18  
ARG C   O    doub N N 19  
ARG C   OXT  sing N N 20  
ARG CB  CG   sing N N 21  
ARG CB  HB2  sing N N 22  
ARG CB  HB3  sing N N 23  
ARG CG  CD   sing N N 24  
ARG CG  HG2  sing N N 25  
ARG CG  HG3  sing N N 26  
ARG CD  NE   sing N N 27  
ARG CD  HD2  sing N N 28  
ARG CD  HD3  sing N N 29  
ARG NE  CZ   sing N N 30  
ARG NE  HE   sing N N 31  
ARG CZ  NH1  sing N N 32  
ARG CZ  NH2  doub N N 33  
ARG NH1 HH11 sing N N 34  
ARG NH1 HH12 sing N N 35  
ARG NH2 HH21 sing N N 36  
ARG NH2 HH22 sing N N 37  
ARG OXT HXT  sing N N 38  
ASN N   CA   sing N N 39  
ASN N   H    sing N N 40  
ASN N   H2   sing N N 41  
ASN CA  C    sing N N 42  
ASN CA  CB   sing N N 43  
ASN CA  HA   sing N N 44  
ASN C   O    doub N N 45  
ASN C   OXT  sing N N 46  
ASN CB  CG   sing N N 47  
ASN CB  HB2  sing N N 48  
ASN CB  HB3  sing N N 49  
ASN CG  OD1  doub N N 50  
ASN CG  ND2  sing N N 51  
ASN ND2 HD21 sing N N 52  
ASN ND2 HD22 sing N N 53  
ASN OXT HXT  sing N N 54  
ASP N   CA   sing N N 55  
ASP N   H    sing N N 56  
ASP N   H2   sing N N 57  
ASP CA  C    sing N N 58  
ASP CA  CB   sing N N 59  
ASP CA  HA   sing N N 60  
ASP C   O    doub N N 61  
ASP C   OXT  sing N N 62  
ASP CB  CG   sing N N 63  
ASP CB  HB2  sing N N 64  
ASP CB  HB3  sing N N 65  
ASP CG  OD1  doub N N 66  
ASP CG  OD2  sing N N 67  
ASP OD2 HD2  sing N N 68  
ASP OXT HXT  sing N N 69  
CYS N   CA   sing N N 70  
CYS N   H    sing N N 71  
CYS N   H2   sing N N 72  
CYS CA  C    sing N N 73  
CYS CA  CB   sing N N 74  
CYS CA  HA   sing N N 75  
CYS C   O    doub N N 76  
CYS C   OXT  sing N N 77  
CYS CB  SG   sing N N 78  
CYS CB  HB2  sing N N 79  
CYS CB  HB3  sing N N 80  
CYS SG  HG   sing N N 81  
CYS OXT HXT  sing N N 82  
EOH C1  C2   sing N N 83  
EOH C1  O    sing N N 84  
EOH C1  H11  sing N N 85  
EOH C1  H12  sing N N 86  
EOH C2  H21  sing N N 87  
EOH C2  H22  sing N N 88  
EOH C2  H23  sing N N 89  
EOH O   HO   sing N N 90  
FFO N1  C2   doub N N 91  
FFO N1  C8A  sing N N 92  
FFO C2  NA2  sing N N 93  
FFO C2  N3   sing N N 94  
FFO NA2 HN21 sing N N 95  
FFO NA2 HN22 sing N N 96  
FFO N3  C4   sing N N 97  
FFO N3  H22  sing N N 98  
FFO C4  O4   doub N N 99  
FFO C4  C4A  sing N N 100 
FFO C4A N5   sing N N 101 
FFO C4A C8A  doub N N 102 
FFO N5  C6   sing N N 103 
FFO N5  C5A  sing N N 104 
FFO C6  C7   sing N N 105 
FFO C6  C9   sing N N 106 
FFO C6  H6   sing N N 107 
FFO C7  N8   sing N N 108 
FFO C7  H7   sing N N 109 
FFO C7  H23  sing N N 110 
FFO N8  C8A  sing N N 111 
FFO N8  H24  sing N N 112 
FFO C9  N10  sing N N 113 
FFO C9  H91  sing N N 114 
FFO C9  H92  sing N N 115 
FFO N10 C14  sing N N 116 
FFO N10 HN0  sing N N 117 
FFO C11 C12  doub Y N 118 
FFO C11 C16  sing Y N 119 
FFO C11 C    sing N N 120 
FFO C12 C13  sing Y N 121 
FFO C12 H12  sing N N 122 
FFO C13 C14  doub Y N 123 
FFO C13 H13  sing N N 124 
FFO C14 C15  sing Y N 125 
FFO C15 C16  doub Y N 126 
FFO C15 H15  sing N N 127 
FFO C16 H16  sing N N 128 
FFO C   O    doub N N 129 
FFO C   N    sing N N 130 
FFO N   CA   sing N N 131 
FFO N   HN   sing N N 132 
FFO CA  CB   sing N N 133 
FFO CA  CT   sing N N 134 
FFO CA  HA   sing N N 135 
FFO CB  CG   sing N N 136 
FFO CB  HB1  sing N N 137 
FFO CB  HB2  sing N N 138 
FFO CG  CD   sing N N 139 
FFO CG  HG1  sing N N 140 
FFO CG  HG2  sing N N 141 
FFO CD  OE1  doub N N 142 
FFO CD  OE2  sing N N 143 
FFO OE2 HOE2 sing N N 144 
FFO CT  O1   doub N N 145 
FFO CT  O2   sing N N 146 
FFO O2  HO2  sing N N 147 
FFO C5A O5B  doub N N 148 
FFO C5A H5A  sing N N 149 
GLN N   CA   sing N N 150 
GLN N   H    sing N N 151 
GLN N   H2   sing N N 152 
GLN CA  C    sing N N 153 
GLN CA  CB   sing N N 154 
GLN CA  HA   sing N N 155 
GLN C   O    doub N N 156 
GLN C   OXT  sing N N 157 
GLN CB  CG   sing N N 158 
GLN CB  HB2  sing N N 159 
GLN CB  HB3  sing N N 160 
GLN CG  CD   sing N N 161 
GLN CG  HG2  sing N N 162 
GLN CG  HG3  sing N N 163 
GLN CD  OE1  doub N N 164 
GLN CD  NE2  sing N N 165 
GLN NE2 HE21 sing N N 166 
GLN NE2 HE22 sing N N 167 
GLN OXT HXT  sing N N 168 
GLU N   CA   sing N N 169 
GLU N   H    sing N N 170 
GLU N   H2   sing N N 171 
GLU CA  C    sing N N 172 
GLU CA  CB   sing N N 173 
GLU CA  HA   sing N N 174 
GLU C   O    doub N N 175 
GLU C   OXT  sing N N 176 
GLU CB  CG   sing N N 177 
GLU CB  HB2  sing N N 178 
GLU CB  HB3  sing N N 179 
GLU CG  CD   sing N N 180 
GLU CG  HG2  sing N N 181 
GLU CG  HG3  sing N N 182 
GLU CD  OE1  doub N N 183 
GLU CD  OE2  sing N N 184 
GLU OE2 HE2  sing N N 185 
GLU OXT HXT  sing N N 186 
GLY N   CA   sing N N 187 
GLY N   H    sing N N 188 
GLY N   H2   sing N N 189 
GLY CA  C    sing N N 190 
GLY CA  HA2  sing N N 191 
GLY CA  HA3  sing N N 192 
GLY C   O    doub N N 193 
GLY C   OXT  sing N N 194 
GLY OXT HXT  sing N N 195 
HIS N   CA   sing N N 196 
HIS N   H    sing N N 197 
HIS N   H2   sing N N 198 
HIS CA  C    sing N N 199 
HIS CA  CB   sing N N 200 
HIS CA  HA   sing N N 201 
HIS C   O    doub N N 202 
HIS C   OXT  sing N N 203 
HIS CB  CG   sing N N 204 
HIS CB  HB2  sing N N 205 
HIS CB  HB3  sing N N 206 
HIS CG  ND1  sing Y N 207 
HIS CG  CD2  doub Y N 208 
HIS ND1 CE1  doub Y N 209 
HIS ND1 HD1  sing N N 210 
HIS CD2 NE2  sing Y N 211 
HIS CD2 HD2  sing N N 212 
HIS CE1 NE2  sing Y N 213 
HIS CE1 HE1  sing N N 214 
HIS NE2 HE2  sing N N 215 
HIS OXT HXT  sing N N 216 
HOH O   H1   sing N N 217 
HOH O   H2   sing N N 218 
ILE N   CA   sing N N 219 
ILE N   H    sing N N 220 
ILE N   H2   sing N N 221 
ILE CA  C    sing N N 222 
ILE CA  CB   sing N N 223 
ILE CA  HA   sing N N 224 
ILE C   O    doub N N 225 
ILE C   OXT  sing N N 226 
ILE CB  CG1  sing N N 227 
ILE CB  CG2  sing N N 228 
ILE CB  HB   sing N N 229 
ILE CG1 CD1  sing N N 230 
ILE CG1 HG12 sing N N 231 
ILE CG1 HG13 sing N N 232 
ILE CG2 HG21 sing N N 233 
ILE CG2 HG22 sing N N 234 
ILE CG2 HG23 sing N N 235 
ILE CD1 HD11 sing N N 236 
ILE CD1 HD12 sing N N 237 
ILE CD1 HD13 sing N N 238 
ILE OXT HXT  sing N N 239 
LEU N   CA   sing N N 240 
LEU N   H    sing N N 241 
LEU N   H2   sing N N 242 
LEU CA  C    sing N N 243 
LEU CA  CB   sing N N 244 
LEU CA  HA   sing N N 245 
LEU C   O    doub N N 246 
LEU C   OXT  sing N N 247 
LEU CB  CG   sing N N 248 
LEU CB  HB2  sing N N 249 
LEU CB  HB3  sing N N 250 
LEU CG  CD1  sing N N 251 
LEU CG  CD2  sing N N 252 
LEU CG  HG   sing N N 253 
LEU CD1 HD11 sing N N 254 
LEU CD1 HD12 sing N N 255 
LEU CD1 HD13 sing N N 256 
LEU CD2 HD21 sing N N 257 
LEU CD2 HD22 sing N N 258 
LEU CD2 HD23 sing N N 259 
LEU OXT HXT  sing N N 260 
LYS N   CA   sing N N 261 
LYS N   H    sing N N 262 
LYS N   H2   sing N N 263 
LYS CA  C    sing N N 264 
LYS CA  CB   sing N N 265 
LYS CA  HA   sing N N 266 
LYS C   O    doub N N 267 
LYS C   OXT  sing N N 268 
LYS CB  CG   sing N N 269 
LYS CB  HB2  sing N N 270 
LYS CB  HB3  sing N N 271 
LYS CG  CD   sing N N 272 
LYS CG  HG2  sing N N 273 
LYS CG  HG3  sing N N 274 
LYS CD  CE   sing N N 275 
LYS CD  HD2  sing N N 276 
LYS CD  HD3  sing N N 277 
LYS CE  NZ   sing N N 278 
LYS CE  HE2  sing N N 279 
LYS CE  HE3  sing N N 280 
LYS NZ  HZ1  sing N N 281 
LYS NZ  HZ2  sing N N 282 
LYS NZ  HZ3  sing N N 283 
LYS OXT HXT  sing N N 284 
MET N   CA   sing N N 285 
MET N   H    sing N N 286 
MET N   H2   sing N N 287 
MET CA  C    sing N N 288 
MET CA  CB   sing N N 289 
MET CA  HA   sing N N 290 
MET C   O    doub N N 291 
MET C   OXT  sing N N 292 
MET CB  CG   sing N N 293 
MET CB  HB2  sing N N 294 
MET CB  HB3  sing N N 295 
MET CG  SD   sing N N 296 
MET CG  HG2  sing N N 297 
MET CG  HG3  sing N N 298 
MET SD  CE   sing N N 299 
MET CE  HE1  sing N N 300 
MET CE  HE2  sing N N 301 
MET CE  HE3  sing N N 302 
MET OXT HXT  sing N N 303 
PHE N   CA   sing N N 304 
PHE N   H    sing N N 305 
PHE N   H2   sing N N 306 
PHE CA  C    sing N N 307 
PHE CA  CB   sing N N 308 
PHE CA  HA   sing N N 309 
PHE C   O    doub N N 310 
PHE C   OXT  sing N N 311 
PHE CB  CG   sing N N 312 
PHE CB  HB2  sing N N 313 
PHE CB  HB3  sing N N 314 
PHE CG  CD1  doub Y N 315 
PHE CG  CD2  sing Y N 316 
PHE CD1 CE1  sing Y N 317 
PHE CD1 HD1  sing N N 318 
PHE CD2 CE2  doub Y N 319 
PHE CD2 HD2  sing N N 320 
PHE CE1 CZ   doub Y N 321 
PHE CE1 HE1  sing N N 322 
PHE CE2 CZ   sing Y N 323 
PHE CE2 HE2  sing N N 324 
PHE CZ  HZ   sing N N 325 
PHE OXT HXT  sing N N 326 
PRO N   CA   sing N N 327 
PRO N   CD   sing N N 328 
PRO N   H    sing N N 329 
PRO CA  C    sing N N 330 
PRO CA  CB   sing N N 331 
PRO CA  HA   sing N N 332 
PRO C   O    doub N N 333 
PRO C   OXT  sing N N 334 
PRO CB  CG   sing N N 335 
PRO CB  HB2  sing N N 336 
PRO CB  HB3  sing N N 337 
PRO CG  CD   sing N N 338 
PRO CG  HG2  sing N N 339 
PRO CG  HG3  sing N N 340 
PRO CD  HD2  sing N N 341 
PRO CD  HD3  sing N N 342 
PRO OXT HXT  sing N N 343 
SER N   CA   sing N N 344 
SER N   H    sing N N 345 
SER N   H2   sing N N 346 
SER CA  C    sing N N 347 
SER CA  CB   sing N N 348 
SER CA  HA   sing N N 349 
SER C   O    doub N N 350 
SER C   OXT  sing N N 351 
SER CB  OG   sing N N 352 
SER CB  HB2  sing N N 353 
SER CB  HB3  sing N N 354 
SER OG  HG   sing N N 355 
SER OXT HXT  sing N N 356 
THR N   CA   sing N N 357 
THR N   H    sing N N 358 
THR N   H2   sing N N 359 
THR CA  C    sing N N 360 
THR CA  CB   sing N N 361 
THR CA  HA   sing N N 362 
THR C   O    doub N N 363 
THR C   OXT  sing N N 364 
THR CB  OG1  sing N N 365 
THR CB  CG2  sing N N 366 
THR CB  HB   sing N N 367 
THR OG1 HG1  sing N N 368 
THR CG2 HG21 sing N N 369 
THR CG2 HG22 sing N N 370 
THR CG2 HG23 sing N N 371 
THR OXT HXT  sing N N 372 
TRP N   CA   sing N N 373 
TRP N   H    sing N N 374 
TRP N   H2   sing N N 375 
TRP CA  C    sing N N 376 
TRP CA  CB   sing N N 377 
TRP CA  HA   sing N N 378 
TRP C   O    doub N N 379 
TRP C   OXT  sing N N 380 
TRP CB  CG   sing N N 381 
TRP CB  HB2  sing N N 382 
TRP CB  HB3  sing N N 383 
TRP CG  CD1  doub Y N 384 
TRP CG  CD2  sing Y N 385 
TRP CD1 NE1  sing Y N 386 
TRP CD1 HD1  sing N N 387 
TRP CD2 CE2  doub Y N 388 
TRP CD2 CE3  sing Y N 389 
TRP NE1 CE2  sing Y N 390 
TRP NE1 HE1  sing N N 391 
TRP CE2 CZ2  sing Y N 392 
TRP CE3 CZ3  doub Y N 393 
TRP CE3 HE3  sing N N 394 
TRP CZ2 CH2  doub Y N 395 
TRP CZ2 HZ2  sing N N 396 
TRP CZ3 CH2  sing Y N 397 
TRP CZ3 HZ3  sing N N 398 
TRP CH2 HH2  sing N N 399 
TRP OXT HXT  sing N N 400 
TYR N   CA   sing N N 401 
TYR N   H    sing N N 402 
TYR N   H2   sing N N 403 
TYR CA  C    sing N N 404 
TYR CA  CB   sing N N 405 
TYR CA  HA   sing N N 406 
TYR C   O    doub N N 407 
TYR C   OXT  sing N N 408 
TYR CB  CG   sing N N 409 
TYR CB  HB2  sing N N 410 
TYR CB  HB3  sing N N 411 
TYR CG  CD1  doub Y N 412 
TYR CG  CD2  sing Y N 413 
TYR CD1 CE1  sing Y N 414 
TYR CD1 HD1  sing N N 415 
TYR CD2 CE2  doub Y N 416 
TYR CD2 HD2  sing N N 417 
TYR CE1 CZ   doub Y N 418 
TYR CE1 HE1  sing N N 419 
TYR CE2 CZ   sing Y N 420 
TYR CE2 HE2  sing N N 421 
TYR CZ  OH   sing N N 422 
TYR OH  HH   sing N N 423 
TYR OXT HXT  sing N N 424 
VAL N   CA   sing N N 425 
VAL N   H    sing N N 426 
VAL N   H2   sing N N 427 
VAL CA  C    sing N N 428 
VAL CA  CB   sing N N 429 
VAL CA  HA   sing N N 430 
VAL C   O    doub N N 431 
VAL C   OXT  sing N N 432 
VAL CB  CG1  sing N N 433 
VAL CB  CG2  sing N N 434 
VAL CB  HB   sing N N 435 
VAL CG1 HG11 sing N N 436 
VAL CG1 HG12 sing N N 437 
VAL CG1 HG13 sing N N 438 
VAL CG2 HG21 sing N N 439 
VAL CG2 HG22 sing N N 440 
VAL CG2 HG23 sing N N 441 
VAL OXT HXT  sing N N 442 
# 
_atom_sites.entry_id                    1JOM 
_atom_sites.fract_transf_matrix[1][1]   0.01091202 
_atom_sites.fract_transf_matrix[1][2]   0.00149769 
_atom_sites.fract_transf_matrix[1][3]   0.00456107 
_atom_sites.fract_transf_matrix[2][1]   0.00134671 
_atom_sites.fract_transf_matrix[2][2]   0.00217888 
_atom_sites.fract_transf_matrix[2][3]   0.01164256 
_atom_sites.fract_transf_matrix[3][1]   0.00173976 
_atom_sites.fract_transf_matrix[3][2]   -0.02804931 
_atom_sites.fract_transf_matrix[3][3]   0.00504812 
_atom_sites.fract_transf_vector[1]      0.300830 
_atom_sites.fract_transf_vector[2]      0.457640 
_atom_sites.fract_transf_vector[3]      0.479345 
# 
loop_
_atom_type.symbol 
C  
CA 
CL 
N  
O  
S  
# 
loop_
_atom_site.group_PDB 
_atom_site.id 
_atom_site.type_symbol 
_atom_site.label_atom_id 
_atom_site.label_alt_id 
_atom_site.label_comp_id 
_atom_site.label_asym_id 
_atom_site.label_entity_id 
_atom_site.label_seq_id 
_atom_site.pdbx_PDB_ins_code 
_atom_site.Cartn_x 
_atom_site.Cartn_y 
_atom_site.Cartn_z 
_atom_site.occupancy 
_atom_site.B_iso_or_equiv 
_atom_site.pdbx_formal_charge 
_atom_site.auth_seq_id 
_atom_site.auth_comp_id 
_atom_site.auth_asym_id 
_atom_site.auth_atom_id 
_atom_site.pdbx_PDB_model_num 
ATOM   1    N  N   . MET A 1 1   ? -0.148  14.494  -5.127  1.00 16.88  ? 1   MET A N   1 
ATOM   2    C  CA  . MET A 1 1   ? -1.355  13.861  -4.575  1.00 17.87  ? 1   MET A CA  1 
ATOM   3    C  C   . MET A 1 1   ? -1.090  12.449  -3.998  1.00 14.39  ? 1   MET A C   1 
ATOM   4    O  O   . MET A 1 1   ? -0.452  11.589  -4.599  1.00 13.09  ? 1   MET A O   1 
ATOM   5    C  CB  . MET A 1 1   ? -2.455  13.819  -5.622  1.00 16.32  ? 1   MET A CB  1 
ATOM   6    C  CG  . MET A 1 1   ? -3.727  13.330  -4.987  1.00 22.23  ? 1   MET A CG  1 
ATOM   7    S  SD  . MET A 1 1   ? -4.820  12.815  -6.299  1.00 23.05  ? 1   MET A SD  1 
ATOM   8    C  CE  . MET A 1 1   ? -4.240  11.175  -6.746  1.00 23.97  ? 1   MET A CE  1 
ATOM   9    N  N   . ILE A 1 2   ? -1.620  12.236  -2.759  1.00 14.26  ? 2   ILE A N   1 
ATOM   10   C  CA  . ILE A 1 2   ? -1.465  11.022  -1.988  1.00 8.08   ? 2   ILE A CA  1 
ATOM   11   C  C   . ILE A 1 2   ? -2.549  9.981   -2.226  1.00 7.42   ? 2   ILE A C   1 
ATOM   12   O  O   . ILE A 1 2   ? -3.778  10.303  -2.213  1.00 4.19   ? 2   ILE A O   1 
ATOM   13   C  CB  . ILE A 1 2   ? -1.464  11.368  -0.488  1.00 10.07  ? 2   ILE A CB  1 
ATOM   14   C  CG1 . ILE A 1 2   ? -0.432  12.447  -0.087  1.00 17.73  ? 2   ILE A CG1 1 
ATOM   15   C  CG2 . ILE A 1 2   ? -1.380  10.080  0.305   1.00 10.55  ? 2   ILE A CG2 1 
ATOM   16   C  CD1 . ILE A 1 2   ? 0.877   11.798  0.248   1.00 19.25  ? 2   ILE A CD1 1 
ATOM   17   N  N   . SER A 1 3   ? -2.041  8.779   -2.487  1.00 6.72   ? 3   SER A N   1 
ATOM   18   C  CA  . SER A 1 3   ? -2.866  7.590   -2.725  1.00 11.04  ? 3   SER A CA  1 
ATOM   19   C  C   . SER A 1 3   ? -2.398  6.446   -1.746  1.00 9.45   ? 3   SER A C   1 
ATOM   20   O  O   . SER A 1 3   ? -1.197  6.346   -1.512  1.00 9.13   ? 3   SER A O   1 
ATOM   21   C  CB  . SER A 1 3   ? -2.785  7.084   -4.178  1.00 10.83  ? 3   SER A CB  1 
ATOM   22   O  OG  . SER A 1 3   ? -3.440  7.986   -5.108  1.00 6.31   ? 3   SER A OG  1 
ATOM   23   N  N   . LEU A 1 4   ? -3.333  5.621   -1.188  1.00 7.03   ? 4   LEU A N   1 
ATOM   24   C  CA  . LEU A 1 4   ? -2.922  4.565   -0.302  1.00 5.32   ? 4   LEU A CA  1 
ATOM   25   C  C   . LEU A 1 4   ? -3.129  3.310   -1.133  1.00 8.77   ? 4   LEU A C   1 
ATOM   26   O  O   . LEU A 1 4   ? -4.100  3.309   -1.901  1.00 7.60   ? 4   LEU A O   1 
ATOM   27   C  CB  . LEU A 1 4   ? -3.893  4.382   0.863   1.00 10.56  ? 4   LEU A CB  1 
ATOM   28   C  CG  . LEU A 1 4   ? -3.570  5.219   2.104   1.00 16.46  ? 4   LEU A CG  1 
ATOM   29   C  CD1 . LEU A 1 4   ? -2.806  6.478   1.789   1.00 4.39   ? 4   LEU A CD1 1 
ATOM   30   C  CD2 . LEU A 1 4   ? -4.693  5.402   3.133   1.00 18.55  ? 4   LEU A CD2 1 
ATOM   31   N  N   . ILE A 1 5   ? -2.270  2.287   -0.963  1.00 1.92   ? 5   ILE A N   1 
ATOM   32   C  CA  . ILE A 1 5   ? -2.457  1.051   -1.688  1.00 1.95   ? 5   ILE A CA  1 
ATOM   33   C  C   . ILE A 1 5   ? -2.295  -0.065  -0.668  1.00 6.35   ? 5   ILE A C   1 
ATOM   34   O  O   . ILE A 1 5   ? -1.317  -0.115  0.041   1.00 6.30   ? 5   ILE A O   1 
ATOM   35   C  CB  . ILE A 1 5   ? -1.666  0.904   -2.991  1.00 8.72   ? 5   ILE A CB  1 
ATOM   36   C  CG1 . ILE A 1 5   ? -1.975  -0.447  -3.550  1.00 6.72   ? 5   ILE A CG1 1 
ATOM   37   C  CG2 . ILE A 1 5   ? -0.172  0.919   -2.700  1.00 11.16  ? 5   ILE A CG2 1 
ATOM   38   C  CD1 . ILE A 1 5   ? -1.565  -0.635  -5.049  1.00 7.30   ? 5   ILE A CD1 1 
ATOM   39   N  N   . ALA A 1 6   ? -3.248  -0.988  -0.526  1.00 6.40   ? 6   ALA A N   1 
ATOM   40   C  CA  . ALA A 1 6   ? -3.177  -2.044  0.505   1.00 5.13   ? 6   ALA A CA  1 
ATOM   41   C  C   . ALA A 1 6   ? -3.940  -3.309  0.106   1.00 6.41   ? 6   ALA A C   1 
ATOM   42   O  O   . ALA A 1 6   ? -4.821  -3.268  -0.781  1.00 11.06  ? 6   ALA A O   1 
ATOM   43   C  CB  . ALA A 1 6   ? -4.059  -1.546  1.668   1.00 3.08   ? 6   ALA A CB  1 
ATOM   44   N  N   . ALA A 1 7   ? -3.630  -4.434  0.763   1.00 5.18   ? 7   ALA A N   1 
ATOM   45   C  CA  . ALA A 1 7   ? -4.324  -5.723  0.494   1.00 6.55   ? 7   ALA A CA  1 
ATOM   46   C  C   . ALA A 1 7   ? -4.988  -6.076  1.845   1.00 9.27   ? 7   ALA A C   1 
ATOM   47   O  O   . ALA A 1 7   ? -4.302  -6.191  2.897   1.00 4.19   ? 7   ALA A O   1 
ATOM   48   C  CB  . ALA A 1 7   ? -3.454  -6.907  0.081   1.00 7.04   ? 7   ALA A CB  1 
ATOM   49   N  N   . LEU A 1 8   ? -6.310  -6.179  1.800   1.00 3.93   ? 8   LEU A N   1 
ATOM   50   C  CA  . LEU A 1 8   ? -7.051  -6.442  3.045   1.00 11.10  ? 8   LEU A CA  1 
ATOM   51   C  C   . LEU A 1 8   ? -7.640  -7.818  3.156   1.00 8.78   ? 8   LEU A C   1 
ATOM   52   O  O   . LEU A 1 8   ? -8.340  -8.292  2.252   1.00 9.75   ? 8   LEU A O   1 
ATOM   53   C  CB  . LEU A 1 8   ? -8.290  -5.497  3.190   1.00 9.33   ? 8   LEU A CB  1 
ATOM   54   C  CG  . LEU A 1 8   ? -8.138  -4.018  2.807   1.00 13.42  ? 8   LEU A CG  1 
ATOM   55   C  CD1 . LEU A 1 8   ? -9.454  -3.276  3.062   1.00 10.35  ? 8   LEU A CD1 1 
ATOM   56   C  CD2 . LEU A 1 8   ? -7.012  -3.358  3.640   1.00 11.66  ? 8   LEU A CD2 1 
ATOM   57   N  N   . ALA A 1 9   ? -7.355  -8.405  4.286   1.00 6.56   ? 9   ALA A N   1 
ATOM   58   C  CA  . ALA A 1 9   ? -7.917  -9.705  4.583   1.00 11.01  ? 9   ALA A CA  1 
ATOM   59   C  C   . ALA A 1 9   ? -9.333  -9.349  5.154   1.00 11.18  ? 9   ALA A C   1 
ATOM   60   O  O   . ALA A 1 9   ? -9.758  -8.178  5.311   1.00 10.38  ? 9   ALA A O   1 
ATOM   61   C  CB  . ALA A 1 9   ? -7.137  -10.385 5.747   1.00 10.33  ? 9   ALA A CB  1 
ATOM   62   N  N   . VAL A 1 10  ? -10.081 -10.361 5.529   1.00 5.69   ? 10  VAL A N   1 
ATOM   63   C  CA  . VAL A 1 10  ? -11.417 -10.151 6.107   1.00 8.20   ? 10  VAL A CA  1 
ATOM   64   C  C   . VAL A 1 10  ? -11.297 -9.282  7.340   1.00 10.26  ? 10  VAL A C   1 
ATOM   65   O  O   . VAL A 1 10  ? -10.360 -9.346  8.139   1.00 12.17  ? 10  VAL A O   1 
ATOM   66   C  CB  . VAL A 1 10  ? -12.159 -11.536 6.346   1.00 10.99  ? 10  VAL A CB  1 
ATOM   67   C  CG1 . VAL A 1 10  ? -13.446 -11.389 7.263   1.00 11.64  ? 10  VAL A CG1 1 
ATOM   68   C  CG2 . VAL A 1 10  ? -12.601 -12.159 4.977   1.00 10.47  ? 10  VAL A CG2 1 
ATOM   69   N  N   . ASP A 1 11  ? -12.299 -8.445  7.511   1.00 13.83  ? 11  ASP A N   1 
ATOM   70   C  CA  . ASP A 1 11  ? -12.362 -7.586  8.650   1.00 8.61   ? 11  ASP A CA  1 
ATOM   71   C  C   . ASP A 1 11  ? -11.236 -6.587  8.772   1.00 8.81   ? 11  ASP A C   1 
ATOM   72   O  O   . ASP A 1 11  ? -10.872 -6.165  9.860   1.00 10.47  ? 11  ASP A O   1 
ATOM   73   C  CB  . ASP A 1 11  ? -12.720 -8.348  9.938   1.00 11.45  ? 11  ASP A CB  1 
ATOM   74   C  CG  . ASP A 1 11  ? -14.140 -8.905  9.861   1.00 13.94  ? 11  ASP A CG  1 
ATOM   75   O  OD1 . ASP A 1 11  ? -15.035 -8.576  9.102   1.00 15.76  ? 11  ASP A OD1 1 
ATOM   76   O  OD2 . ASP A 1 11  ? -14.191 -9.974  10.505  1.00 19.16  ? 11  ASP A OD2 1 
ATOM   77   N  N   . ARG A 1 12  ? -10.726 -6.280  7.616   1.00 7.53   ? 12  ARG A N   1 
ATOM   78   C  CA  . ARG A 1 12  ? -9.717  -5.339  7.366   1.00 8.89   ? 12  ARG A CA  1 
ATOM   79   C  C   . ARG A 1 12  ? -8.380  -5.532  8.058   1.00 13.47  ? 12  ARG A C   1 
ATOM   80   O  O   . ARG A 1 12  ? -7.605  -4.586  8.260   1.00 9.50   ? 12  ARG A O   1 
ATOM   81   C  CB  . ARG A 1 12  ? -10.289 -3.918  7.388   1.00 18.23  ? 12  ARG A CB  1 
ATOM   82   C  CG  . ARG A 1 12  ? -10.077 -3.173  8.709   1.00 37.55  ? 12  ARG A CG  1 
ATOM   83   C  CD  . ARG A 1 12  ? -11.024 -1.977  9.053   1.00 44.40  ? 12  ARG A CD  1 
ATOM   84   N  NE  . ARG A 1 12  ? -11.005 -1.563  10.478  1.00 39.97  ? 12  ARG A NE  1 
ATOM   85   C  CZ  . ARG A 1 12  ? -10.511 -0.447  10.979  1.00 39.34  ? 12  ARG A CZ  1 
ATOM   86   N  NH2 . ARG A 1 12  ? -9.862  -0.448  12.170  1.00 45.79  ? 12  ARG A NH2 1 
ATOM   87   N  N   . VAL A 1 13  ? -8.089  -6.763  8.370   1.00 11.34  ? 13  VAL A N   1 
ATOM   88   C  CA  . VAL A 1 13  ? -6.790  -7.108  8.964   1.00 11.80  ? 13  VAL A CA  1 
ATOM   89   C  C   . VAL A 1 13  ? -5.736  -6.917  7.874   1.00 10.71  ? 13  VAL A C   1 
ATOM   90   O  O   . VAL A 1 13  ? -5.906  -7.238  6.672   1.00 9.59   ? 13  VAL A O   1 
ATOM   91   C  CB  . VAL A 1 13  ? -6.774  -8.615  9.318   1.00 14.75  ? 13  VAL A CB  1 
ATOM   92   C  CG1 . VAL A 1 13  ? -5.372  -8.982  9.733   1.00 11.19  ? 13  VAL A CG1 1 
ATOM   93   C  CG2 . VAL A 1 13  ? -7.752  -8.819  10.491  1.00 10.89  ? 13  VAL A CG2 1 
ATOM   94   N  N   . ILE A 1 14  ? -4.621  -6.373  8.256   1.00 6.67   ? 14  ILE A N   1 
ATOM   95   C  CA  . ILE A 1 14  ? -3.495  -6.140  7.285   1.00 10.39  ? 14  ILE A CA  1 
ATOM   96   C  C   . ILE A 1 14  ? -2.215  -6.732  7.851   1.00 10.91  ? 14  ILE A C   1 
ATOM   97   O  O   . ILE A 1 14  ? -2.169  -6.980  9.073   1.00 14.50  ? 14  ILE A O   1 
ATOM   98   C  CB  . ILE A 1 14  ? -3.296  -4.673  6.891   1.00 4.14   ? 14  ILE A CB  1 
ATOM   99   C  CG1 . ILE A 1 14  ? -2.928  -3.688  8.074   1.00 7.51   ? 14  ILE A CG1 1 
ATOM   100  C  CG2 . ILE A 1 14  ? -4.416  -4.189  5.923   1.00 2.76   ? 14  ILE A CG2 1 
ATOM   101  C  CD1 . ILE A 1 14  ? -2.832  -2.190  7.778   1.00 14.41  ? 14  ILE A CD1 1 
ATOM   102  N  N   . GLY A 1 15  ? -1.189  -6.990  6.997   1.00 8.76   ? 15  GLY A N   1 
ATOM   103  C  CA  . GLY A 1 15  ? 0.054   -7.548  7.493   1.00 7.95   ? 15  GLY A CA  1 
ATOM   104  C  C   . GLY A 1 15  ? 1.085   -7.460  6.394   1.00 14.48  ? 15  GLY A C   1 
ATOM   105  O  O   . GLY A 1 15  ? 0.861   -6.822  5.361   1.00 14.45  ? 15  GLY A O   1 
ATOM   106  N  N   . MET A 1 16  ? 2.209   -8.094  6.616   1.00 14.86  ? 16  MET A N   1 
ATOM   107  C  CA  . MET A 1 16  ? 3.292   -8.092  5.611   1.00 12.52  ? 16  MET A CA  1 
ATOM   108  C  C   . MET A 1 16  ? 3.018   -9.179  4.607   1.00 10.43  ? 16  MET A C   1 
ATOM   109  O  O   . MET A 1 16  ? 2.674   -10.324 4.950   1.00 10.25  ? 16  MET A O   1 
ATOM   110  C  CB  . MET A 1 16  ? 4.648   -8.314  6.272   1.00 12.41  ? 16  MET A CB  1 
ATOM   111  C  CG  . MET A 1 16  ? 4.886   -7.270  7.378   1.00 14.30  ? 16  MET A CG  1 
ATOM   112  S  SD  . MET A 1 16  ? 5.090   -5.591  6.710   1.00 18.35  ? 16  MET A SD  1 
ATOM   113  C  CE  . MET A 1 16  ? 3.603   -4.724  7.251   1.00 17.59  ? 16  MET A CE  1 
ATOM   114  N  N   . GLU A 1 17  ? 3.187   -8.788  3.356   1.00 10.75  ? 17  GLU A N   1 
ATOM   115  C  CA  . GLU A 1 17  ? 2.922   -9.665  2.233   1.00 16.05  ? 17  GLU A CA  1 
ATOM   116  C  C   . GLU A 1 17  ? 3.548   -11.021 2.435   1.00 23.50  ? 17  GLU A C   1 
ATOM   117  O  O   . GLU A 1 17  ? 2.934   -12.059 2.175   1.00 23.40  ? 17  GLU A O   1 
ATOM   118  C  CB  . GLU A 1 17  ? 3.374   -9.006  0.893   1.00 13.27  ? 17  GLU A CB  1 
ATOM   119  C  CG  . GLU A 1 17  ? 3.094   -9.859  -0.349  1.00 26.43  ? 17  GLU A CG  1 
ATOM   120  C  CD  . GLU A 1 17  ? 3.971   -11.102 -0.510  1.00 36.90  ? 17  GLU A CD  1 
ATOM   121  O  OE1 . GLU A 1 17  ? 5.204   -11.085 -0.453  1.00 38.80  ? 17  GLU A OE1 1 
ATOM   122  O  OE2 . GLU A 1 17  ? 3.250   -12.204 -0.683  1.00 39.98  ? 17  GLU A OE2 1 
ATOM   123  N  N   . ASN A 1 18  ? 4.794   -11.007 2.921   1.00 16.18  ? 18  ASN A N   1 
ATOM   124  C  CA  . ASN A 1 18  ? 5.476   -12.302 3.088   1.00 16.88  ? 18  ASN A CA  1 
ATOM   125  C  C   . ASN A 1 18  ? 4.987   -13.126 4.286   1.00 18.27  ? 18  ASN A C   1 
ATOM   126  O  O   . ASN A 1 18  ? 5.413   -14.276 4.614   1.00 17.73  ? 18  ASN A O   1 
ATOM   127  C  CB  . ASN A 1 18  ? 7.006   -12.077 2.963   1.00 20.15  ? 18  ASN A CB  1 
ATOM   128  C  CG  . ASN A 1 18  ? 7.712   -11.498 4.202   1.00 23.63  ? 18  ASN A CG  1 
ATOM   129  O  OD1 . ASN A 1 18  ? 8.943   -11.261 4.169   1.00 32.11  ? 18  ASN A OD1 1 
ATOM   130  N  ND2 . ASN A 1 18  ? 6.970   -11.074 5.226   1.00 13.63  ? 18  ASN A ND2 1 
ATOM   131  N  N   . ALA A 1 19  ? 4.024   -12.558 4.992   1.00 11.42  ? 19  ALA A N   1 
ATOM   132  C  CA  . ALA A 1 19  ? 3.569   -13.353 6.114   1.00 17.92  ? 19  ALA A CA  1 
ATOM   133  C  C   . ALA A 1 19  ? 2.070   -13.665 5.996   1.00 21.07  ? 19  ALA A C   1 
ATOM   134  O  O   . ALA A 1 19  ? 1.507   -14.257 6.877   1.00 20.09  ? 19  ALA A O   1 
ATOM   135  C  CB  . ALA A 1 19  ? 3.899   -12.625 7.423   1.00 18.19  ? 19  ALA A CB  1 
ATOM   136  N  N   . MET A 1 20  ? 1.410   -13.251 4.921   1.00 19.43  ? 20  MET A N   1 
ATOM   137  C  CA  . MET A 1 20  ? -0.006  -13.513 4.834   1.00 17.53  ? 20  MET A CA  1 
ATOM   138  C  C   . MET A 1 20  ? -0.195  -14.928 4.333   1.00 12.58  ? 20  MET A C   1 
ATOM   139  O  O   . MET A 1 20  ? 0.672   -15.483 3.718   1.00 10.12  ? 20  MET A O   1 
ATOM   140  C  CB  . MET A 1 20  ? -0.671  -12.384 4.011   1.00 15.55  ? 20  MET A CB  1 
ATOM   141  C  CG  . MET A 1 20  ? -0.497  -11.004 4.614   1.00 13.67  ? 20  MET A CG  1 
ATOM   142  S  SD  . MET A 1 20  ? -1.334  -10.816 6.210   1.00 27.70  ? 20  MET A SD  1 
ATOM   143  C  CE  . MET A 1 20  ? -3.066  -10.493 5.802   1.00 30.43  ? 20  MET A CE  1 
ATOM   144  N  N   . PRO A 1 21  ? -1.329  -15.560 4.591   1.00 15.05  ? 21  PRO A N   1 
ATOM   145  C  CA  . PRO A 1 21  ? -1.524  -16.945 4.169   1.00 12.28  ? 21  PRO A CA  1 
ATOM   146  C  C   . PRO A 1 21  ? -1.991  -17.172 2.766   1.00 13.03  ? 21  PRO A C   1 
ATOM   147  O  O   . PRO A 1 21  ? -2.501  -18.225 2.509   1.00 15.82  ? 21  PRO A O   1 
ATOM   148  C  CB  . PRO A 1 21  ? -2.643  -17.506 5.062   1.00 9.11   ? 21  PRO A CB  1 
ATOM   149  C  CG  . PRO A 1 21  ? -3.376  -16.288 5.572   1.00 12.53  ? 21  PRO A CG  1 
ATOM   150  C  CD  . PRO A 1 21  ? -2.516  -15.069 5.365   1.00 13.25  ? 21  PRO A CD  1 
ATOM   151  N  N   . TRP A 1 22  ? -1.833  -16.188 1.899   1.00 11.82  ? 22  TRP A N   1 
ATOM   152  C  CA  . TRP A 1 22  ? -2.246  -16.271 0.518   1.00 11.64  ? 22  TRP A CA  1 
ATOM   153  C  C   . TRP A 1 22  ? -1.040  -16.069 -0.370  1.00 9.95   ? 22  TRP A C   1 
ATOM   154  O  O   . TRP A 1 22  ? 0.030   -15.625 0.095   1.00 13.60  ? 22  TRP A O   1 
ATOM   155  C  CB  . TRP A 1 22  ? -3.371  -15.251 0.140   1.00 10.23  ? 22  TRP A CB  1 
ATOM   156  C  CG  . TRP A 1 22  ? -2.949  -13.797 0.359   1.00 8.38   ? 22  TRP A CG  1 
ATOM   157  C  CD1 . TRP A 1 22  ? -2.028  -13.089 -0.373  1.00 12.99  ? 22  TRP A CD1 1 
ATOM   158  C  CD2 . TRP A 1 22  ? -3.424  -12.878 1.352   1.00 8.22   ? 22  TRP A CD2 1 
ATOM   159  N  NE1 . TRP A 1 22  ? -1.878  -11.819 0.138   1.00 7.53   ? 22  TRP A NE1 1 
ATOM   160  C  CE2 . TRP A 1 22  ? -2.756  -11.662 1.150   1.00 4.40   ? 22  TRP A CE2 1 
ATOM   161  C  CE3 . TRP A 1 22  ? -4.371  -12.995 2.378   1.00 8.59   ? 22  TRP A CE3 1 
ATOM   162  C  CZ2 . TRP A 1 22  ? -3.003  -10.549 1.937   1.00 17.44  ? 22  TRP A CZ2 1 
ATOM   163  C  CZ3 . TRP A 1 22  ? -4.615  -11.906 3.161   1.00 9.93   ? 22  TRP A CZ3 1 
ATOM   164  C  CH2 . TRP A 1 22  ? -3.944  -10.690 2.937   1.00 16.42  ? 22  TRP A CH2 1 
ATOM   165  N  N   . ASN A 1 23  ? -1.251  -16.457 -1.684  1.00 10.34  ? 23  ASN A N   1 
ATOM   166  C  CA  . ASN A 1 23  ? -0.233  -16.330 -2.735  1.00 14.00  ? 23  ASN A CA  1 
ATOM   167  C  C   . ASN A 1 23  ? -0.970  -15.799 -3.945  1.00 15.64  ? 23  ASN A C   1 
ATOM   168  O  O   . ASN A 1 23  ? -1.718  -16.528 -4.606  1.00 11.53  ? 23  ASN A O   1 
ATOM   169  C  CB  . ASN A 1 23  ? 0.527   -17.632 -3.010  1.00 16.79  ? 23  ASN A CB  1 
ATOM   170  C  CG  . ASN A 1 23  ? 1.700   -17.313 -3.954  1.00 19.42  ? 23  ASN A CG  1 
ATOM   171  O  OD1 . ASN A 1 23  ? 2.610   -16.506 -3.634  1.00 22.77  ? 23  ASN A OD1 1 
ATOM   172  N  ND2 . ASN A 1 23  ? 1.541   -17.818 -5.159  1.00 17.97  ? 23  ASN A ND2 1 
ATOM   173  N  N   . LEU A 1 24  ? -0.839  -14.498 -4.186  1.00 15.30  ? 24  LEU A N   1 
ATOM   174  C  CA  . LEU A 1 24  ? -1.572  -13.870 -5.270  1.00 15.24  ? 24  LEU A CA  1 
ATOM   175  C  C   . LEU A 1 24  ? -0.721  -13.023 -6.178  1.00 12.69  ? 24  LEU A C   1 
ATOM   176  O  O   . LEU A 1 24  ? -0.610  -11.793 -6.085  1.00 8.26   ? 24  LEU A O   1 
ATOM   177  C  CB  . LEU A 1 24  ? -2.617  -12.888 -4.648  1.00 16.00  ? 24  LEU A CB  1 
ATOM   178  C  CG  . LEU A 1 24  ? -3.625  -13.508 -3.654  1.00 14.34  ? 24  LEU A CG  1 
ATOM   179  C  CD1 . LEU A 1 24  ? -4.332  -12.353 -2.897  1.00 13.55  ? 24  LEU A CD1 1 
ATOM   180  C  CD2 . LEU A 1 24  ? -4.663  -14.361 -4.423  1.00 15.48  ? 24  LEU A CD2 1 
ATOM   181  N  N   . PRO A 1 25  ? -0.143  -13.723 -7.105  1.00 19.70  ? 25  PRO A N   1 
ATOM   182  C  CA  . PRO A 1 25  ? 0.695   -13.088 -8.063  1.00 12.25  ? 25  PRO A CA  1 
ATOM   183  C  C   . PRO A 1 25  ? -0.088  -12.065 -8.856  1.00 9.42   ? 25  PRO A C   1 
ATOM   184  O  O   . PRO A 1 25  ? 0.487   -11.071 -9.333  1.00 13.03  ? 25  PRO A O   1 
ATOM   185  C  CB  . PRO A 1 25  ? 1.162   -14.208 -8.991  1.00 18.49  ? 25  PRO A CB  1 
ATOM   186  C  CG  . PRO A 1 25  ? 0.372   -15.444 -8.589  1.00 15.81  ? 25  PRO A CG  1 
ATOM   187  C  CD  . PRO A 1 25  ? -0.150  -15.213 -7.201  1.00 13.86  ? 25  PRO A CD  1 
ATOM   188  N  N   . ALA A 1 26  ? -1.382  -12.297 -9.034  1.00 7.57   ? 26  ALA A N   1 
ATOM   189  C  CA  . ALA A 1 26  ? -2.172  -11.270 -9.769  1.00 11.58  ? 26  ALA A CA  1 
ATOM   190  C  C   . ALA A 1 26  ? -2.219  -9.950  -8.973  1.00 11.46  ? 26  ALA A C   1 
ATOM   191  O  O   . ALA A 1 26  ? -2.247  -8.829  -9.547  1.00 12.43  ? 26  ALA A O   1 
ATOM   192  C  CB  . ALA A 1 26  ? -3.618  -11.663 -10.147 1.00 7.63   ? 26  ALA A CB  1 
ATOM   193  N  N   . ASP A 1 27  ? -2.261  -10.070 -7.635  1.00 9.60   ? 27  ASP A N   1 
ATOM   194  C  CA  . ASP A 1 27  ? -2.309  -8.838  -6.826  1.00 1.00   ? 27  ASP A CA  1 
ATOM   195  C  C   . ASP A 1 27  ? -0.966  -8.099  -6.873  1.00 11.50  ? 27  ASP A C   1 
ATOM   196  O  O   . ASP A 1 27  ? -0.884  -6.838  -6.853  1.00 12.16  ? 27  ASP A O   1 
ATOM   197  C  CB  . ASP A 1 27  ? -2.515  -9.218  -5.341  1.00 1.00   ? 27  ASP A CB  1 
ATOM   198  C  CG  . ASP A 1 27  ? -2.477  -8.056  -4.448  1.00 9.94   ? 27  ASP A CG  1 
ATOM   199  O  OD1 . ASP A 1 27  ? -3.148  -7.053  -4.626  1.00 11.69  ? 27  ASP A OD1 1 
ATOM   200  O  OD2 . ASP A 1 27  ? -1.721  -8.165  -3.439  1.00 14.41  ? 27  ASP A OD2 1 
ATOM   201  N  N   . LEU A 1 28  ? 0.147   -8.848  -6.888  1.00 10.20  ? 28  LEU A N   1 
ATOM   202  C  CA  . LEU A 1 28  ? 1.449   -8.203  -6.920  1.00 12.99  ? 28  LEU A CA  1 
ATOM   203  C  C   . LEU A 1 28  ? 1.660   -7.523  -8.264  1.00 12.96  ? 28  LEU A C   1 
ATOM   204  O  O   . LEU A 1 28  ? 2.373   -6.517  -8.418  1.00 17.97  ? 28  LEU A O   1 
ATOM   205  C  CB  . LEU A 1 28  ? 2.556   -9.233  -6.673  1.00 14.71  ? 28  LEU A CB  1 
ATOM   206  C  CG  . LEU A 1 28  ? 2.499   -9.841  -5.277  1.00 18.21  ? 28  LEU A CG  1 
ATOM   207  C  CD1 . LEU A 1 28  ? 3.752   -10.657 -5.167  1.00 16.26  ? 28  LEU A CD1 1 
ATOM   208  C  CD2 . LEU A 1 28  ? 2.586   -8.733  -4.194  1.00 17.34  ? 28  LEU A CD2 1 
ATOM   209  N  N   . ALA A 1 29  ? 1.010   -8.092  -9.281  1.00 11.21  ? 29  ALA A N   1 
ATOM   210  C  CA  . ALA A 1 29  ? 1.151   -7.490  -10.602 1.00 8.98   ? 29  ALA A CA  1 
ATOM   211  C  C   . ALA A 1 29  ? 0.368   -6.191  -10.638 1.00 12.49  ? 29  ALA A C   1 
ATOM   212  O  O   . ALA A 1 29  ? 0.806   -5.248  -11.261 1.00 8.63   ? 29  ALA A O   1 
ATOM   213  C  CB  . ALA A 1 29  ? 0.494   -8.374  -11.659 1.00 13.50  ? 29  ALA A CB  1 
ATOM   214  N  N   . TRP A 1 30  ? -0.805  -6.155  -9.978  1.00 7.49   ? 30  TRP A N   1 
ATOM   215  C  CA  . TRP A 1 30  ? -1.662  -4.981  -9.904  1.00 7.50   ? 30  TRP A CA  1 
ATOM   216  C  C   . TRP A 1 30  ? -0.905  -3.872  -9.127  1.00 9.56   ? 30  TRP A C   1 
ATOM   217  O  O   . TRP A 1 30  ? -0.873  -2.656  -9.423  1.00 11.11  ? 30  TRP A O   1 
ATOM   218  C  CB  . TRP A 1 30  ? -2.979  -5.428  -9.148  1.00 10.25  ? 30  TRP A CB  1 
ATOM   219  C  CG  . TRP A 1 30  ? -3.775  -4.400  -8.374  1.00 9.05   ? 30  TRP A CG  1 
ATOM   220  C  CD1 . TRP A 1 30  ? -3.680  -4.034  -7.029  1.00 12.60  ? 30  TRP A CD1 1 
ATOM   221  C  CD2 . TRP A 1 30  ? -4.783  -3.558  -8.911  1.00 10.09  ? 30  TRP A CD2 1 
ATOM   222  N  NE1 . TRP A 1 30  ? -4.579  -2.995  -6.693  1.00 7.42   ? 30  TRP A NE1 1 
ATOM   223  C  CE2 . TRP A 1 30  ? -5.271  -2.707  -7.846  1.00 7.97   ? 30  TRP A CE2 1 
ATOM   224  C  CE3 . TRP A 1 30  ? -5.331  -3.464  -10.185 1.00 8.90   ? 30  TRP A CE3 1 
ATOM   225  C  CZ2 . TRP A 1 30  ? -6.276  -1.753  -8.084  1.00 11.88  ? 30  TRP A CZ2 1 
ATOM   226  C  CZ3 . TRP A 1 30  ? -6.306  -2.513  -10.396 1.00 10.17  ? 30  TRP A CZ3 1 
ATOM   227  C  CH2 . TRP A 1 30  ? -6.777  -1.689  -9.364  1.00 10.38  ? 30  TRP A CH2 1 
ATOM   228  N  N   . PHE A 1 31  ? -0.256  -4.335  -8.056  1.00 6.25   ? 31  PHE A N   1 
ATOM   229  C  CA  . PHE A 1 31  ? 0.505   -3.408  -7.188  1.00 6.81   ? 31  PHE A CA  1 
ATOM   230  C  C   . PHE A 1 31  ? 1.636   -2.771  -8.000  1.00 3.50   ? 31  PHE A C   1 
ATOM   231  O  O   . PHE A 1 31  ? 1.893   -1.564  -7.943  1.00 6.09   ? 31  PHE A O   1 
ATOM   232  C  CB  . PHE A 1 31  ? 1.119   -4.240  -6.011  1.00 3.21   ? 31  PHE A CB  1 
ATOM   233  C  CG  . PHE A 1 31  ? 2.025   -3.431  -5.126  1.00 7.98   ? 31  PHE A CG  1 
ATOM   234  C  CD1 . PHE A 1 31  ? 3.388   -3.333  -5.452  1.00 11.52  ? 31  PHE A CD1 1 
ATOM   235  C  CD2 . PHE A 1 31  ? 1.500   -2.787  -3.993  1.00 6.48   ? 31  PHE A CD2 1 
ATOM   236  C  CE1 . PHE A 1 31  ? 4.232   -2.593  -4.620  1.00 11.37  ? 31  PHE A CE1 1 
ATOM   237  C  CE2 . PHE A 1 31  ? 2.322   -2.048  -3.138  1.00 6.41   ? 31  PHE A CE2 1 
ATOM   238  C  CZ  . PHE A 1 31  ? 3.678   -1.963  -3.489  1.00 8.45   ? 31  PHE A CZ  1 
ATOM   239  N  N   . LYS A 1 32  ? 2.314   -3.646  -8.764  1.00 5.53   ? 32  LYS A N   1 
ATOM   240  C  CA  . LYS A 1 32  ? 3.423   -3.140  -9.545  1.00 7.53   ? 32  LYS A CA  1 
ATOM   241  C  C   . LYS A 1 32  ? 2.923   -2.142  -10.587 1.00 15.80  ? 32  LYS A C   1 
ATOM   242  O  O   . LYS A 1 32  ? 3.450   -1.028  -10.752 1.00 20.06  ? 32  LYS A O   1 
ATOM   243  C  CB  . LYS A 1 32  ? 4.208   -4.323  -10.183 1.00 5.25   ? 32  LYS A CB  1 
ATOM   244  C  CG  . LYS A 1 32  ? 5.365   -3.887  -11.108 1.00 9.34   ? 32  LYS A CG  1 
ATOM   245  C  CD  . LYS A 1 32  ? 6.174   -5.112  -11.522 1.00 19.52  ? 32  LYS A CD  1 
ATOM   246  C  CE  . LYS A 1 32  ? 7.420   -4.855  -12.355 1.00 32.69  ? 32  LYS A CE  1 
ATOM   247  N  NZ  . LYS A 1 32  ? 8.082   -6.106  -12.793 1.00 41.43  ? 32  LYS A NZ  1 
ATOM   248  N  N   A ARG A 1 33  ? 1.899   -2.573  -11.307 0.80 15.11  ? 33  ARG A N   1 
ATOM   249  N  N   B ARG A 1 33  ? 1.879   -2.571  -11.299 0.20 14.53  ? 33  ARG A N   1 
ATOM   250  C  CA  A ARG A 1 33  ? 1.315   -1.726  -12.313 0.80 18.42  ? 33  ARG A CA  1 
ATOM   251  C  CA  B ARG A 1 33  ? 1.262   -1.761  -12.330 0.20 14.95  ? 33  ARG A CA  1 
ATOM   252  C  C   A ARG A 1 33  ? 0.937   -0.356  -11.765 0.80 14.51  ? 33  ARG A C   1 
ATOM   253  C  C   B ARG A 1 33  ? 0.827   -0.401  -11.803 0.20 13.85  ? 33  ARG A C   1 
ATOM   254  O  O   A ARG A 1 33  ? 1.076   0.700   -12.427 0.80 11.04  ? 33  ARG A O   1 
ATOM   255  O  O   B ARG A 1 33  ? 0.900   0.611   -12.509 0.20 13.95  ? 33  ARG A O   1 
ATOM   256  C  CB  A ARG A 1 33  ? 0.003   -2.387  -12.728 0.80 30.14  ? 33  ARG A CB  1 
ATOM   257  C  CB  B ARG A 1 33  ? 0.133   -2.518  -13.044 0.20 17.10  ? 33  ARG A CB  1 
ATOM   258  C  CG  A ARG A 1 33  ? -0.329  -2.260  -14.200 0.80 40.53  ? 33  ARG A CG  1 
ATOM   259  C  CG  B ARG A 1 33  ? -1.207  -1.789  -13.164 0.20 18.20  ? 33  ARG A CG  1 
ATOM   260  C  CD  A ARG A 1 33  ? -1.480  -3.174  -14.653 0.80 50.30  ? 33  ARG A CD  1 
ATOM   261  C  CD  B ARG A 1 33  ? -2.233  -2.520  -14.047 0.20 20.85  ? 33  ARG A CD  1 
ATOM   262  N  NE  A ARG A 1 33  ? -1.440  -4.565  -14.166 0.80 55.98  ? 33  ARG A NE  1 
ATOM   263  N  NE  B ARG A 1 33  ? -3.425  -3.030  -13.344 0.20 20.52  ? 33  ARG A NE  1 
ATOM   264  C  CZ  A ARG A 1 33  ? -2.472  -5.228  -13.620 0.80 59.14  ? 33  ARG A CZ  1 
ATOM   265  C  CZ  B ARG A 1 33  ? -4.486  -3.615  -13.920 0.20 22.38  ? 33  ARG A CZ  1 
ATOM   266  N  NH1 A ARG A 1 33  ? -3.670  -4.667  -13.459 0.80 63.97  ? 33  ARG A NH1 1 
ATOM   267  N  NH1 B ARG A 1 33  ? -4.577  -3.812  -15.226 0.20 24.92  ? 33  ARG A NH1 1 
ATOM   268  N  NH2 A ARG A 1 33  ? -2.302  -6.484  -13.216 0.80 57.82  ? 33  ARG A NH2 1 
ATOM   269  N  NH2 B ARG A 1 33  ? -5.497  -4.037  -13.165 0.20 25.63  ? 33  ARG A NH2 1 
ATOM   270  N  N   . ASN A 1 34  ? 0.366   -0.372  -10.551 1.00 10.82  ? 34  ASN A N   1 
ATOM   271  C  CA  . ASN A 1 34  ? -0.076  0.856   -9.973  1.00 9.02   ? 34  ASN A CA  1 
ATOM   272  C  C   . ASN A 1 34  ? 0.954   1.669   -9.246  1.00 10.46  ? 34  ASN A C   1 
ATOM   273  O  O   . ASN A 1 34  ? 0.599   2.778   -8.871  1.00 8.59   ? 34  ASN A O   1 
ATOM   274  C  CB  . ASN A 1 34  ? -1.293  0.606   -9.063  1.00 6.00   ? 34  ASN A CB  1 
ATOM   275  C  CG  . ASN A 1 34  ? -2.493  0.306   -9.929  1.00 6.23   ? 34  ASN A CG  1 
ATOM   276  O  OD1 . ASN A 1 34  ? -3.037  1.221   -10.543 1.00 9.85   ? 34  ASN A OD1 1 
ATOM   277  N  ND2 . ASN A 1 34  ? -3.119  -0.814  -9.685  1.00 10.30  ? 34  ASN A ND2 1 
ATOM   278  N  N   . THR A 1 35  ? 2.177   1.144   -9.038  1.00 5.26   ? 35  THR A N   1 
ATOM   279  C  CA  . THR A 1 35  ? 3.146   1.977   -8.330  1.00 1.00   ? 35  THR A CA  1 
ATOM   280  C  C   . THR A 1 35  ? 4.381   2.339   -9.174  1.00 8.21   ? 35  THR A C   1 
ATOM   281  O  O   . THR A 1 35  ? 5.172   3.198   -8.854  1.00 8.93   ? 35  THR A O   1 
ATOM   282  C  CB  . THR A 1 35  ? 3.643   1.182   -7.081  1.00 5.15   ? 35  THR A CB  1 
ATOM   283  O  OG1 . THR A 1 35  ? 4.066   -0.105  -7.522  1.00 8.19   ? 35  THR A OG1 1 
ATOM   284  C  CG2 . THR A 1 35  ? 2.425   1.010   -6.092  1.00 6.09   ? 35  THR A CG2 1 
ATOM   285  N  N   . LEU A 1 36  ? 4.582   1.596   -10.249 1.00 7.34   ? 36  LEU A N   1 
ATOM   286  C  CA  . LEU A 1 36  ? 5.713   1.799   -11.088 1.00 7.39   ? 36  LEU A CA  1 
ATOM   287  C  C   . LEU A 1 36  ? 5.928   3.220   -11.510 1.00 8.66   ? 36  LEU A C   1 
ATOM   288  O  O   . LEU A 1 36  ? 4.992   3.854   -11.905 1.00 8.74   ? 36  LEU A O   1 
ATOM   289  C  CB  . LEU A 1 36  ? 5.715   0.782   -12.239 1.00 11.78  ? 36  LEU A CB  1 
ATOM   290  C  CG  . LEU A 1 36  ? 7.133   0.658   -12.710 1.00 21.57  ? 36  LEU A CG  1 
ATOM   291  C  CD1 . LEU A 1 36  ? 7.840   -0.490  -12.016 1.00 20.34  ? 36  LEU A CD1 1 
ATOM   292  C  CD2 . LEU A 1 36  ? 7.052   0.525   -14.215 1.00 28.91  ? 36  LEU A CD2 1 
ATOM   293  N  N   . ASP A 1 37  ? 7.152   3.701   -11.432 1.00 7.17   ? 37  ASP A N   1 
ATOM   294  C  CA  . ASP A 1 37  ? 7.398   5.067   -11.853 1.00 9.86   ? 37  ASP A CA  1 
ATOM   295  C  C   . ASP A 1 37  ? 6.815   6.177   -10.973 1.00 8.15   ? 37  ASP A C   1 
ATOM   296  O  O   . ASP A 1 37  ? 6.691   7.316   -11.435 1.00 10.49  ? 37  ASP A O   1 
ATOM   297  C  CB  . ASP A 1 37  ? 7.057   5.289   -13.355 1.00 22.36  ? 37  ASP A CB  1 
ATOM   298  C  CG  . ASP A 1 37  ? 7.805   4.326   -14.265 1.00 29.55  ? 37  ASP A CG  1 
ATOM   299  O  OD1 . ASP A 1 37  ? 9.034   4.187   -14.264 1.00 32.09  ? 37  ASP A OD1 1 
ATOM   300  O  OD2 . ASP A 1 37  ? 7.005   3.585   -15.012 1.00 36.43  ? 37  ASP A OD2 1 
ATOM   301  N  N   . LYS A 1 38  ? 6.519   5.828   -9.704  1.00 4.83   ? 38  LYS A N   1 
ATOM   302  C  CA  . LYS A 1 38  ? 5.982   6.720   -8.697  1.00 2.85   ? 38  LYS A CA  1 
ATOM   303  C  C   . LYS A 1 38  ? 6.773   6.514   -7.446  1.00 4.77   ? 38  LYS A C   1 
ATOM   304  O  O   . LYS A 1 38  ? 7.362   5.450   -7.257  1.00 6.59   ? 38  LYS A O   1 
ATOM   305  C  CB  . LYS A 1 38  ? 4.566   6.297   -8.341  1.00 4.05   ? 38  LYS A CB  1 
ATOM   306  C  CG  . LYS A 1 38  ? 3.630   6.353   -9.546  1.00 6.69   ? 38  LYS A CG  1 
ATOM   307  C  CD  . LYS A 1 38  ? 2.150   6.111   -9.199  1.00 3.28   ? 38  LYS A CD  1 
ATOM   308  C  CE  . LYS A 1 38  ? 1.353   5.906   -10.530 1.00 4.97   ? 38  LYS A CE  1 
ATOM   309  N  NZ  . LYS A 1 38  ? 0.029   5.307   -10.206 1.00 9.60   ? 38  LYS A NZ  1 
ATOM   310  N  N   . PRO A 1 39  ? 6.788   7.535   -6.597  1.00 6.13   ? 39  PRO A N   1 
ATOM   311  C  CA  . PRO A 1 39  ? 7.504   7.387   -5.373  1.00 3.23   ? 39  PRO A CA  1 
ATOM   312  C  C   . PRO A 1 39  ? 6.674   6.528   -4.456  1.00 11.91  ? 39  PRO A C   1 
ATOM   313  O  O   . PRO A 1 39  ? 5.439   6.621   -4.422  1.00 10.59  ? 39  PRO A O   1 
ATOM   314  C  CB  . PRO A 1 39  ? 7.520   8.750   -4.711  1.00 11.65  ? 39  PRO A CB  1 
ATOM   315  C  CG  . PRO A 1 39  ? 7.042   9.722   -5.779  1.00 10.77  ? 39  PRO A CG  1 
ATOM   316  C  CD  . PRO A 1 39  ? 6.247   8.880   -6.768  1.00 9.15   ? 39  PRO A CD  1 
ATOM   317  N  N   . VAL A 1 40  ? 7.347   5.688   -3.660  1.00 10.72  ? 40  VAL A N   1 
ATOM   318  C  CA  . VAL A 1 40  ? 6.536   4.947   -2.749  1.00 1.21   ? 40  VAL A CA  1 
ATOM   319  C  C   . VAL A 1 40  ? 6.994   5.268   -1.329  1.00 2.90   ? 40  VAL A C   1 
ATOM   320  O  O   . VAL A 1 40  ? 8.228   5.338   -1.047  1.00 6.93   ? 40  VAL A O   1 
ATOM   321  C  CB  . VAL A 1 40  ? 6.571   3.427   -2.980  1.00 6.77   ? 40  VAL A CB  1 
ATOM   322  C  CG1 . VAL A 1 40  ? 5.857   3.039   -4.290  1.00 5.82   ? 40  VAL A CG1 1 
ATOM   323  C  CG2 . VAL A 1 40  ? 8.043   2.928   -2.987  1.00 9.35   ? 40  VAL A CG2 1 
ATOM   324  N  N   . ILE A 1 41  ? 6.047   5.446   -0.409  1.00 7.84   ? 41  ILE A N   1 
ATOM   325  C  CA  . ILE A 1 41  ? 6.468   5.780   1.031   1.00 2.98   ? 41  ILE A CA  1 
ATOM   326  C  C   . ILE A 1 41  ? 6.010   4.646   1.902   1.00 5.98   ? 41  ILE A C   1 
ATOM   327  O  O   . ILE A 1 41  ? 4.837   4.227   1.771   1.00 7.12   ? 41  ILE A O   1 
ATOM   328  C  CB  . ILE A 1 41  ? 5.764   7.025   1.469   1.00 5.79   ? 41  ILE A CB  1 
ATOM   329  C  CG1 . ILE A 1 41  ? 6.217   8.173   0.559   1.00 2.28   ? 41  ILE A CG1 1 
ATOM   330  C  CG2 . ILE A 1 41  ? 5.991   7.276   2.980   1.00 7.22   ? 41  ILE A CG2 1 
ATOM   331  C  CD1 . ILE A 1 41  ? 5.405   9.463   0.751   1.00 7.83   ? 41  ILE A CD1 1 
ATOM   332  N  N   . MET A 1 42  ? 6.940   4.145   2.781   1.00 4.35   ? 42  MET A N   1 
ATOM   333  C  CA  . MET A 1 42  ? 6.597   3.089   3.626   1.00 6.54   ? 42  MET A CA  1 
ATOM   334  C  C   . MET A 1 42  ? 7.236   3.276   4.972   1.00 7.34   ? 42  MET A C   1 
ATOM   335  O  O   . MET A 1 42  ? 8.189   4.003   5.100   1.00 4.32   ? 42  MET A O   1 
ATOM   336  C  CB  . MET A 1 42  ? 7.191   1.804   3.065   1.00 9.26   ? 42  MET A CB  1 
ATOM   337  C  CG  . MET A 1 42  ? 8.712   1.717   3.030   1.00 13.75  ? 42  MET A CG  1 
ATOM   338  S  SD  . MET A 1 42  ? 9.254   0.364   1.947   1.00 9.41   ? 42  MET A SD  1 
ATOM   339  C  CE  . MET A 1 42  ? 9.359   1.193   0.377   1.00 9.44   ? 42  MET A CE  1 
ATOM   340  N  N   . GLY A 1 43  ? 6.745   2.547   5.964   1.00 5.46   ? 43  GLY A N   1 
ATOM   341  C  CA  . GLY A 1 43  ? 7.358   2.639   7.298   1.00 4.17   ? 43  GLY A CA  1 
ATOM   342  C  C   . GLY A 1 43  ? 8.494   1.617   7.414   1.00 8.69   ? 43  GLY A C   1 
ATOM   343  O  O   . GLY A 1 43  ? 8.777   0.796   6.526   1.00 7.92   ? 43  GLY A O   1 
ATOM   344  N  N   . ARG A 1 44  ? 9.198   1.645   8.529   1.00 8.77   ? 44  ARG A N   1 
ATOM   345  C  CA  . ARG A 1 44  ? 10.352  0.785   8.709   1.00 6.42   ? 44  ARG A CA  1 
ATOM   346  C  C   . ARG A 1 44  ? 10.152  -0.698  8.648   1.00 9.28   ? 44  ARG A C   1 
ATOM   347  O  O   . ARG A 1 44  ? 10.965  -1.440  8.056   1.00 8.88   ? 44  ARG A O   1 
ATOM   348  C  CB  . ARG A 1 44  ? 11.209  1.242   9.905   1.00 14.16  ? 44  ARG A CB  1 
ATOM   349  C  CG  . ARG A 1 44  ? 12.635  0.754   9.661   1.00 24.74  ? 44  ARG A CG  1 
ATOM   350  C  CD  . ARG A 1 44  ? 13.626  0.891   10.820  1.00 30.86  ? 44  ARG A CD  1 
ATOM   351  N  NE  . ARG A 1 44  ? 14.279  2.190   10.871  1.00 32.94  ? 44  ARG A NE  1 
ATOM   352  C  CZ  . ARG A 1 44  ? 15.540  2.613   10.633  1.00 24.19  ? 44  ARG A CZ  1 
ATOM   353  N  NH1 . ARG A 1 44  ? 16.551  1.858   10.207  1.00 20.42  ? 44  ARG A NH1 1 
ATOM   354  N  NH2 . ARG A 1 44  ? 15.762  3.897   10.784  1.00 18.83  ? 44  ARG A NH2 1 
ATOM   355  N  N   . HIS A 1 45  ? 9.066   -1.137  9.241   1.00 3.52   ? 45  HIS A N   1 
ATOM   356  C  CA  . HIS A 1 45  ? 8.772   -2.573  9.223   1.00 5.47   ? 45  HIS A CA  1 
ATOM   357  C  C   . HIS A 1 45  ? 8.460   -3.112  7.869   1.00 5.55   ? 45  HIS A C   1 
ATOM   358  O  O   . HIS A 1 45  ? 8.834   -4.198  7.483   1.00 10.02  ? 45  HIS A O   1 
ATOM   359  C  CB  . HIS A 1 45  ? 7.663   -2.956  10.212  1.00 16.29  ? 45  HIS A CB  1 
ATOM   360  C  CG  . HIS A 1 45  ? 8.243   -2.690  11.558  1.00 34.97  ? 45  HIS A CG  1 
ATOM   361  N  ND1 . HIS A 1 45  ? 7.744   -1.711  12.411  1.00 42.70  ? 45  HIS A ND1 1 
ATOM   362  C  CD2 . HIS A 1 45  ? 9.339   -3.279  12.160  1.00 45.72  ? 45  HIS A CD2 1 
ATOM   363  C  CE1 . HIS A 1 45  ? 8.530   -1.739  13.495  1.00 46.23  ? 45  HIS A CE1 1 
ATOM   364  N  NE2 . HIS A 1 45  ? 9.492   -2.671  13.383  1.00 47.84  ? 45  HIS A NE2 1 
ATOM   365  N  N   . THR A 1 46  ? 7.735   -2.365  7.088   1.00 5.93   ? 46  THR A N   1 
ATOM   366  C  CA  . THR A 1 46  ? 7.415   -2.805  5.758   1.00 3.13   ? 46  THR A CA  1 
ATOM   367  C  C   . THR A 1 46  ? 8.714   -2.827  4.961   1.00 6.74   ? 46  THR A C   1 
ATOM   368  O  O   . THR A 1 46  ? 8.961   -3.710  4.213   1.00 9.48   ? 46  THR A O   1 
ATOM   369  C  CB  . THR A 1 46  ? 6.426   -1.740  5.153   1.00 4.26   ? 46  THR A CB  1 
ATOM   370  O  OG1 . THR A 1 46  ? 5.177   -1.898  5.889   1.00 7.67   ? 46  THR A OG1 1 
ATOM   371  C  CG2 . THR A 1 46  ? 6.136   -2.061  3.696   1.00 4.70   ? 46  THR A CG2 1 
ATOM   372  N  N   . TRP A 1 47  ? 9.590   -1.836  5.100   1.00 4.83   ? 47  TRP A N   1 
ATOM   373  C  CA  . TRP A 1 47  ? 10.860  -1.828  4.366   1.00 5.09   ? 47  TRP A CA  1 
ATOM   374  C  C   . TRP A 1 47  ? 11.649  -3.080  4.675   1.00 4.63   ? 47  TRP A C   1 
ATOM   375  O  O   . TRP A 1 47  ? 12.181  -3.790  3.833   1.00 7.44   ? 47  TRP A O   1 
ATOM   376  C  CB  . TRP A 1 47  ? 11.687  -0.624  4.930   1.00 1.00   ? 47  TRP A CB  1 
ATOM   377  C  CG  . TRP A 1 47  ? 13.147  -0.656  4.616   1.00 9.64   ? 47  TRP A CG  1 
ATOM   378  C  CD1 . TRP A 1 47  ? 14.174  -0.545  5.511   1.00 8.02   ? 47  TRP A CD1 1 
ATOM   379  C  CD2 . TRP A 1 47  ? 13.782  -0.879  3.309   1.00 8.14   ? 47  TRP A CD2 1 
ATOM   380  N  NE1 . TRP A 1 47  ? 15.418  -0.688  4.897   1.00 9.78   ? 47  TRP A NE1 1 
ATOM   381  C  CE2 . TRP A 1 47  ? 15.200  -0.913  3.537   1.00 10.39  ? 47  TRP A CE2 1 
ATOM   382  C  CE3 . TRP A 1 47  ? 13.298  -1.076  1.982   1.00 9.24   ? 47  TRP A CE3 1 
ATOM   383  C  CZ2 . TRP A 1 47  ? 16.116  -1.118  2.443   1.00 10.20  ? 47  TRP A CZ2 1 
ATOM   384  C  CZ3 . TRP A 1 47  ? 14.194  -1.269  0.950   1.00 10.75  ? 47  TRP A CZ3 1 
ATOM   385  C  CH2 . TRP A 1 47  ? 15.583  -1.273  1.177   1.00 12.21  ? 47  TRP A CH2 1 
ATOM   386  N  N   . GLU A 1 48  ? 11.805  -3.360  5.947   1.00 10.17  ? 48  GLU A N   1 
ATOM   387  C  CA  . GLU A 1 48  ? 12.588  -4.565  6.371   1.00 12.15  ? 48  GLU A CA  1 
ATOM   388  C  C   . GLU A 1 48  ? 12.004  -5.844  5.825   1.00 13.50  ? 48  GLU A C   1 
ATOM   389  O  O   . GLU A 1 48  ? 12.670  -6.787  5.463   1.00 14.94  ? 48  GLU A O   1 
ATOM   390  C  CB  . GLU A 1 48  ? 12.431  -4.750  7.896   1.00 16.51  ? 48  GLU A CB  1 
ATOM   391  C  CG  . GLU A 1 48  ? 13.503  -4.059  8.694   1.00 23.20  ? 48  GLU A CG  1 
ATOM   392  C  CD  . GLU A 1 48  ? 13.067  -3.905  10.137  1.00 36.91  ? 48  GLU A CD  1 
ATOM   393  O  OE1 . GLU A 1 48  ? 12.161  -4.519  10.695  1.00 48.44  ? 48  GLU A OE1 1 
ATOM   394  O  OE2 . GLU A 1 48  ? 13.714  -2.965  10.715  1.00 38.63  ? 48  GLU A OE2 1 
ATOM   395  N  N   . SER A 1 49  ? 10.671  -5.877  5.767   1.00 10.74  ? 49  SER A N   1 
ATOM   396  C  CA  . SER A 1 49  ? 9.993   -7.036  5.263   1.00 5.21   ? 49  SER A CA  1 
ATOM   397  C  C   . SER A 1 49  ? 10.131  -7.219  3.773   1.00 13.67  ? 49  SER A C   1 
ATOM   398  O  O   . SER A 1 49  ? 10.169  -8.363  3.311   1.00 18.81  ? 49  SER A O   1 
ATOM   399  C  CB  . SER A 1 49  ? 8.551   -7.025  5.777   1.00 19.44  ? 49  SER A CB  1 
ATOM   400  O  OG  . SER A 1 49  ? 7.622   -7.202  4.760   1.00 30.06  ? 49  SER A OG  1 
ATOM   401  N  N   . ILE A 1 50  ? 10.212  -6.115  3.011   1.00 7.99   ? 50  ILE A N   1 
ATOM   402  C  CA  . ILE A 1 50  ? 10.364  -6.270  1.567   1.00 10.79  ? 50  ILE A CA  1 
ATOM   403  C  C   . ILE A 1 50  ? 11.834  -6.593  1.265   1.00 16.19  ? 50  ILE A C   1 
ATOM   404  O  O   . ILE A 1 50  ? 12.192  -7.330  0.393   1.00 22.67  ? 50  ILE A O   1 
ATOM   405  C  CB  . ILE A 1 50  ? 9.930   -4.962  0.936   1.00 15.18  ? 50  ILE A CB  1 
ATOM   406  C  CG1 . ILE A 1 50  ? 8.408   -4.864  1.102   1.00 13.97  ? 50  ILE A CG1 1 
ATOM   407  C  CG2 . ILE A 1 50  ? 10.393  -4.944  -0.526  1.00 16.05  ? 50  ILE A CG2 1 
ATOM   408  C  CD1 . ILE A 1 50  ? 7.932   -3.493  0.589   1.00 9.31   ? 50  ILE A CD1 1 
ATOM   409  N  N   . GLY A 1 51  ? 12.745  -6.012  1.986   1.00 15.42  ? 51  GLY A N   1 
ATOM   410  C  CA  . GLY A 1 51  ? 14.146  -6.328  1.787   1.00 26.95  ? 51  GLY A CA  1 
ATOM   411  C  C   . GLY A 1 51  ? 14.994  -5.633  0.721   1.00 22.84  ? 51  GLY A C   1 
ATOM   412  O  O   . GLY A 1 51  ? 16.226  -5.443  0.893   1.00 20.74  ? 51  GLY A O   1 
ATOM   413  N  N   . ARG A 1 52  ? 14.391  -5.254  -0.362  1.00 10.20  ? 52  ARG A N   1 
ATOM   414  C  CA  . ARG A 1 52  ? 15.225  -4.628  -1.332  1.00 15.11  ? 52  ARG A CA  1 
ATOM   415  C  C   . ARG A 1 52  ? 14.393  -3.525  -1.910  1.00 12.15  ? 52  ARG A C   1 
ATOM   416  O  O   . ARG A 1 52  ? 13.199  -3.687  -1.831  1.00 10.84  ? 52  ARG A O   1 
ATOM   417  C  CB  . ARG A 1 52  ? 15.498  -5.699  -2.360  1.00 18.47  ? 52  ARG A CB  1 
ATOM   418  C  CG  . ARG A 1 52  ? 16.575  -5.291  -3.362  1.00 25.44  ? 52  ARG A CG  1 
ATOM   419  C  CD  . ARG A 1 52  ? 17.130  -6.501  -4.144  1.00 30.19  ? 52  ARG A CD  1 
ATOM   420  N  NE  . ARG A 1 52  ? 18.205  -6.145  -5.063  1.00 30.44  ? 52  ARG A NE  1 
ATOM   421  C  CZ  . ARG A 1 52  ? 18.082  -6.082  -6.390  1.00 31.99  ? 52  ARG A CZ  1 
ATOM   422  N  NH1 . ARG A 1 52  ? 16.921  -6.353  -7.002  1.00 29.40  ? 52  ARG A NH1 1 
ATOM   423  N  NH2 . ARG A 1 52  ? 19.151  -5.735  -7.121  1.00 26.02  ? 52  ARG A NH2 1 
ATOM   424  N  N   . PRO A 1 53  ? 14.991  -2.448  -2.439  1.00 7.84   ? 53  PRO A N   1 
ATOM   425  C  CA  . PRO A 1 53  ? 14.167  -1.404  -2.989  1.00 2.68   ? 53  PRO A CA  1 
ATOM   426  C  C   . PRO A 1 53  ? 13.361  -1.943  -4.152  1.00 12.49  ? 53  PRO A C   1 
ATOM   427  O  O   . PRO A 1 53  ? 13.849  -2.750  -4.928  1.00 11.15  ? 53  PRO A O   1 
ATOM   428  C  CB  . PRO A 1 53  ? 15.119  -0.383  -3.596  1.00 7.85   ? 53  PRO A CB  1 
ATOM   429  C  CG  . PRO A 1 53  ? 16.498  -0.744  -3.073  1.00 6.62   ? 53  PRO A CG  1 
ATOM   430  C  CD  . PRO A 1 53  ? 16.444  -2.129  -2.536  1.00 8.63   ? 53  PRO A CD  1 
ATOM   431  N  N   . LEU A 1 54  ? 12.125  -1.463  -4.286  1.00 13.68  ? 54  LEU A N   1 
ATOM   432  C  CA  . LEU A 1 54  ? 11.259  -1.890  -5.373  1.00 5.46   ? 54  LEU A CA  1 
ATOM   433  C  C   . LEU A 1 54  ? 11.758  -1.152  -6.557  1.00 9.45   ? 54  LEU A C   1 
ATOM   434  O  O   . LEU A 1 54  ? 11.843  0.077   -6.622  1.00 3.08   ? 54  LEU A O   1 
ATOM   435  C  CB  . LEU A 1 54  ? 9.852   -1.349  -5.086  1.00 7.88   ? 54  LEU A CB  1 
ATOM   436  C  CG  . LEU A 1 54  ? 9.313   -2.079  -3.858  1.00 7.71   ? 54  LEU A CG  1 
ATOM   437  C  CD1 . LEU A 1 54  ? 7.992   -1.394  -3.554  1.00 17.51  ? 54  LEU A CD1 1 
ATOM   438  C  CD2 . LEU A 1 54  ? 8.799   -3.453  -4.200  1.00 10.69  ? 54  LEU A CD2 1 
ATOM   439  N  N   . PRO A 1 55  ? 12.137  -1.913  -7.528  1.00 9.64   ? 55  PRO A N   1 
ATOM   440  C  CA  . PRO A 1 55  ? 12.710  -1.223  -8.665  1.00 11.60  ? 55  PRO A CA  1 
ATOM   441  C  C   . PRO A 1 55  ? 11.792  -0.315  -9.401  1.00 8.69   ? 55  PRO A C   1 
ATOM   442  O  O   . PRO A 1 55  ? 10.592  -0.563  -9.529  1.00 9.61   ? 55  PRO A O   1 
ATOM   443  C  CB  . PRO A 1 55  ? 13.119  -2.363  -9.630  1.00 19.01  ? 55  PRO A CB  1 
ATOM   444  C  CG  . PRO A 1 55  ? 12.296  -3.577  -9.216  1.00 18.23  ? 55  PRO A CG  1 
ATOM   445  C  CD  . PRO A 1 55  ? 11.779  -3.337  -7.784  1.00 9.48   ? 55  PRO A CD  1 
ATOM   446  N  N   . GLY A 1 56  ? 12.377  0.713   -9.946  1.00 12.21  ? 56  GLY A N   1 
ATOM   447  C  CA  . GLY A 1 56  ? 11.656  1.647   -10.780 1.00 12.04  ? 56  GLY A CA  1 
ATOM   448  C  C   . GLY A 1 56  ? 10.779  2.628   -10.056 1.00 14.97  ? 56  GLY A C   1 
ATOM   449  O  O   . GLY A 1 56  ? 9.925   3.296   -10.653 1.00 11.42  ? 56  GLY A O   1 
ATOM   450  N  N   A ARG A 1 57  ? 10.995  2.706   -8.755  0.80 8.39   ? 57  ARG A N   1 
ATOM   451  N  N   B ARG A 1 57  ? 10.957  2.724   -8.754  0.20 11.03  ? 57  ARG A N   1 
ATOM   452  C  CA  A ARG A 1 57  ? 10.198  3.655   -8.019  0.80 8.31   ? 57  ARG A CA  1 
ATOM   453  C  CA  B ARG A 1 57  ? 10.153  3.656   -7.996  0.20 8.85   ? 57  ARG A CA  1 
ATOM   454  C  C   A ARG A 1 57  ? 11.145  4.321   -7.054  0.80 11.92  ? 57  ARG A C   1 
ATOM   455  C  C   B ARG A 1 57  ? 11.045  4.261   -6.932  0.20 10.98  ? 57  ARG A C   1 
ATOM   456  O  O   A ARG A 1 57  ? 12.177  3.718   -6.725  0.80 9.56   ? 57  ARG A O   1 
ATOM   457  O  O   B ARG A 1 57  ? 11.950  3.577   -6.449  0.20 13.12  ? 57  ARG A O   1 
ATOM   458  C  CB  A ARG A 1 57  ? 9.227   2.845   -7.142  0.80 9.56   ? 57  ARG A CB  1 
ATOM   459  C  CB  B ARG A 1 57  ? 8.910   2.988   -7.412  0.20 5.22   ? 57  ARG A CB  1 
ATOM   460  C  CG  A ARG A 1 57  ? 7.997   2.478   -7.942  0.80 6.43   ? 57  ARG A CG  1 
ATOM   461  C  CG  B ARG A 1 57  ? 9.146   1.552   -6.960  0.20 1.00   ? 57  ARG A CG  1 
ATOM   462  C  CD  A ARG A 1 57  ? 7.404   1.057   -7.693  0.80 12.44  ? 57  ARG A CD  1 
ATOM   463  C  CD  B ARG A 1 57  ? 8.029   0.596   -7.383  0.20 1.00   ? 57  ARG A CD  1 
ATOM   464  N  NE  A ARG A 1 57  ? 8.300   -0.040  -8.114  0.80 17.80  ? 57  ARG A NE  1 
ATOM   465  N  NE  B ARG A 1 57  ? 8.480   -0.490  -8.272  0.20 2.29   ? 57  ARG A NE  1 
ATOM   466  C  CZ  A ARG A 1 57  ? 8.018   -1.330  -8.089  0.80 13.07  ? 57  ARG A CZ  1 
ATOM   467  C  CZ  B ARG A 1 57  ? 7.871   -1.672  -8.361  0.20 1.14   ? 57  ARG A CZ  1 
ATOM   468  N  NH1 A ARG A 1 57  ? 6.828   -1.775  -7.669  0.80 12.30  ? 57  ARG A NH1 1 
ATOM   469  N  NH1 B ARG A 1 57  ? 6.784   -1.967  -7.644  0.20 1.78   ? 57  ARG A NH1 1 
ATOM   470  N  NH2 A ARG A 1 57  ? 8.979   -2.168  -8.468  0.80 6.52   ? 57  ARG A NH2 1 
ATOM   471  N  NH2 B ARG A 1 57  ? 8.364   -2.587  -9.190  0.20 1.00   ? 57  ARG A NH2 1 
ATOM   472  N  N   . LYS A 1 58  ? 10.819  5.531   -6.573  1.00 8.74   ? 58  LYS A N   1 
ATOM   473  C  CA  . LYS A 1 58  ? 11.663  6.174   -5.544  1.00 6.72   ? 58  LYS A CA  1 
ATOM   474  C  C   . LYS A 1 58  ? 11.231  5.604   -4.208  1.00 2.71   ? 58  LYS A C   1 
ATOM   475  O  O   . LYS A 1 58  ? 10.083  5.800   -3.799  1.00 7.38   ? 58  LYS A O   1 
ATOM   476  C  CB  . LYS A 1 58  ? 11.481  7.693   -5.502  1.00 8.28   ? 58  LYS A CB  1 
ATOM   477  C  CG  . LYS A 1 58  ? 12.569  8.380   -4.737  1.00 7.15   ? 58  LYS A CG  1 
ATOM   478  C  CD  . LYS A 1 58  ? 12.307  9.890   -4.736  1.00 14.78  ? 58  LYS A CD  1 
ATOM   479  C  CE  . LYS A 1 58  ? 13.369  10.632  -3.984  1.00 20.49  ? 58  LYS A CE  1 
ATOM   480  N  NZ  . LYS A 1 58  ? 13.477  12.022  -4.432  1.00 24.97  ? 58  LYS A NZ  1 
ATOM   481  N  N   . ASN A 1 59  ? 12.098  4.896   -3.476  1.00 7.16   ? 59  ASN A N   1 
ATOM   482  C  CA  . ASN A 1 59  ? 11.635  4.332   -2.190  1.00 4.16   ? 59  ASN A CA  1 
ATOM   483  C  C   . ASN A 1 59  ? 11.959  5.263   -1.018  1.00 5.63   ? 59  ASN A C   1 
ATOM   484  O  O   . ASN A 1 59  ? 13.100  5.661   -0.754  1.00 8.50   ? 59  ASN A O   1 
ATOM   485  C  CB  . ASN A 1 59  ? 12.210  2.899   -1.931  1.00 7.72   ? 59  ASN A CB  1 
ATOM   486  C  CG  . ASN A 1 59  ? 11.887  1.795   -2.941  1.00 12.79  ? 59  ASN A CG  1 
ATOM   487  O  OD1 . ASN A 1 59  ? 11.571  0.666   -2.548  1.00 8.22   ? 59  ASN A OD1 1 
ATOM   488  N  ND2 . ASN A 1 59  ? 11.974  2.080   -4.261  1.00 4.66   ? 59  ASN A ND2 1 
ATOM   489  N  N   . ILE A 1 60  ? 10.935  5.606   -0.301  1.00 2.32   ? 60  ILE A N   1 
ATOM   490  C  CA  . ILE A 1 60  ? 11.009  6.495   0.792   1.00 4.03   ? 60  ILE A CA  1 
ATOM   491  C  C   . ILE A 1 60  ? 10.562  5.827   2.034   1.00 3.63   ? 60  ILE A C   1 
ATOM   492  O  O   . ILE A 1 60  ? 9.472   5.290   2.045   1.00 4.64   ? 60  ILE A O   1 
ATOM   493  C  CB  . ILE A 1 60  ? 10.242  7.815   0.542   1.00 7.30   ? 60  ILE A CB  1 
ATOM   494  C  CG1 . ILE A 1 60  ? 10.878  8.617   -0.651  1.00 6.34   ? 60  ILE A CG1 1 
ATOM   495  C  CG2 . ILE A 1 60  ? 10.314  8.785   1.779   1.00 3.54   ? 60  ILE A CG2 1 
ATOM   496  C  CD1 . ILE A 1 60  ? 9.838   9.529   -1.296  1.00 11.53  ? 60  ILE A CD1 1 
ATOM   497  N  N   . ILE A 1 61  ? 11.428  5.865   3.069   1.00 1.48   ? 61  ILE A N   1 
ATOM   498  C  CA  . ILE A 1 61  ? 11.118  5.212   4.342   1.00 5.14   ? 61  ILE A CA  1 
ATOM   499  C  C   . ILE A 1 61  ? 10.957  6.264   5.393   1.00 5.18   ? 61  ILE A C   1 
ATOM   500  O  O   . ILE A 1 61  ? 11.873  7.045   5.617   1.00 3.51   ? 61  ILE A O   1 
ATOM   501  C  CB  . ILE A 1 61  ? 12.236  4.294   4.794   1.00 2.97   ? 61  ILE A CB  1 
ATOM   502  C  CG1 . ILE A 1 61  ? 12.912  3.581   3.584   1.00 6.50   ? 61  ILE A CG1 1 
ATOM   503  C  CG2 . ILE A 1 61  ? 11.802  3.353   5.978   1.00 8.70   ? 61  ILE A CG2 1 
ATOM   504  C  CD1 . ILE A 1 61  ? 12.125  2.489   2.918   1.00 9.67   ? 61  ILE A CD1 1 
ATOM   505  N  N   . LEU A 1 62  ? 9.805   6.223   6.031   1.00 3.54   ? 62  LEU A N   1 
ATOM   506  C  CA  . LEU A 1 62  ? 9.461   7.135   7.090   1.00 5.54   ? 62  LEU A CA  1 
ATOM   507  C  C   . LEU A 1 62  ? 9.913   6.503   8.406   1.00 9.93   ? 62  LEU A C   1 
ATOM   508  O  O   . LEU A 1 62  ? 9.406   5.425   8.805   1.00 6.14   ? 62  LEU A O   1 
ATOM   509  C  CB  . LEU A 1 62  ? 7.973   7.479   7.027   1.00 7.75   ? 62  LEU A CB  1 
ATOM   510  C  CG  . LEU A 1 62  ? 7.443   8.273   8.211   1.00 14.37  ? 62  LEU A CG  1 
ATOM   511  C  CD1 . LEU A 1 62  ? 8.183   9.592   8.408   1.00 7.73   ? 62  LEU A CD1 1 
ATOM   512  C  CD2 . LEU A 1 62  ? 5.982   8.502   7.861   1.00 12.12  ? 62  LEU A CD2 1 
ATOM   513  N  N   . SER A 1 63  ? 10.903  7.138   9.079   1.00 6.12   ? 63  SER A N   1 
ATOM   514  C  CA  . SER A 1 63  ? 11.375  6.557   10.321  1.00 6.66   ? 63  SER A CA  1 
ATOM   515  C  C   . SER A 1 63  ? 11.978  7.661   11.191  1.00 4.96   ? 63  SER A C   1 
ATOM   516  O  O   . SER A 1 63  ? 12.630  8.507   10.658  1.00 6.82   ? 63  SER A O   1 
ATOM   517  C  CB  . SER A 1 63  ? 12.425  5.450   10.033  1.00 12.31  ? 63  SER A CB  1 
ATOM   518  O  OG  . SER A 1 63  ? 12.758  4.859   11.286  1.00 13.29  ? 63  SER A OG  1 
ATOM   519  N  N   . SER A 1 64  ? 11.780  7.661   12.540  1.00 7.49   ? 64  SER A N   1 
ATOM   520  C  CA  . SER A 1 64  ? 12.341  8.701   13.383  1.00 2.85   ? 64  SER A CA  1 
ATOM   521  C  C   . SER A 1 64  ? 13.802  8.376   13.605  1.00 10.20  ? 64  SER A C   1 
ATOM   522  O  O   . SER A 1 64  ? 14.576  9.226   14.064  1.00 10.52  ? 64  SER A O   1 
ATOM   523  C  CB  . SER A 1 64  ? 11.668  8.758   14.761  1.00 1.00   ? 64  SER A CB  1 
ATOM   524  O  OG  . SER A 1 64  ? 11.979  7.543   15.497  1.00 8.59   ? 64  SER A OG  1 
ATOM   525  N  N   . GLN A 1 65  ? 14.204  7.142   13.287  1.00 2.62   ? 65  GLN A N   1 
ATOM   526  C  CA  . GLN A 1 65  ? 15.597  6.679   13.424  1.00 9.01   ? 65  GLN A CA  1 
ATOM   527  C  C   . GLN A 1 65  ? 16.440  6.887   12.178  1.00 14.00  ? 65  GLN A C   1 
ATOM   528  O  O   . GLN A 1 65  ? 15.969  6.976   11.082  1.00 12.26  ? 65  GLN A O   1 
ATOM   529  C  CB  . GLN A 1 65  ? 15.700  5.233   13.884  1.00 8.13   ? 65  GLN A CB  1 
ATOM   530  C  CG  . GLN A 1 65  ? 15.005  5.344   15.271  1.00 23.17  ? 65  GLN A CG  1 
ATOM   531  C  CD  . GLN A 1 65  ? 15.366  4.203   16.132  1.00 37.86  ? 65  GLN A CD  1 
ATOM   532  O  OE1 . GLN A 1 65  ? 16.006  4.386   17.227  1.00 43.76  ? 65  GLN A OE1 1 
ATOM   533  N  NE2 . GLN A 1 65  ? 15.140  3.045   15.482  1.00 39.90  ? 65  GLN A NE2 1 
ATOM   534  N  N   . PRO A 1 66  ? 17.730  6.932   12.386  1.00 16.21  ? 66  PRO A N   1 
ATOM   535  C  CA  . PRO A 1 66  ? 18.615  7.142   11.277  1.00 14.28  ? 66  PRO A CA  1 
ATOM   536  C  C   . PRO A 1 66  ? 18.601  5.990   10.355  1.00 6.04   ? 66  PRO A C   1 
ATOM   537  O  O   . PRO A 1 66  ? 18.411  4.823   10.721  1.00 11.69  ? 66  PRO A O   1 
ATOM   538  C  CB  . PRO A 1 66  ? 20.013  7.279   11.860  1.00 16.84  ? 66  PRO A CB  1 
ATOM   539  C  CG  . PRO A 1 66  ? 19.769  7.476   13.346  1.00 22.71  ? 66  PRO A CG  1 
ATOM   540  C  CD  . PRO A 1 66  ? 18.492  6.720   13.630  1.00 17.11  ? 66  PRO A CD  1 
ATOM   541  N  N   . GLY A 1 67  ? 18.838  6.332   9.128   1.00 7.18   ? 67  GLY A N   1 
ATOM   542  C  CA  . GLY A 1 67  ? 18.863  5.304   8.081   1.00 7.15   ? 67  GLY A CA  1 
ATOM   543  C  C   . GLY A 1 67  ? 19.983  4.264   8.210   1.00 12.88  ? 67  GLY A C   1 
ATOM   544  O  O   . GLY A 1 67  ? 21.055  4.599   8.765   1.00 17.23  ? 67  GLY A O   1 
ATOM   545  N  N   . THR A 1 68  ? 19.722  3.024   7.739   1.00 14.04  ? 68  THR A N   1 
ATOM   546  C  CA  . THR A 1 68  ? 20.717  1.921   7.771   1.00 15.77  ? 68  THR A CA  1 
ATOM   547  C  C   . THR A 1 68  ? 20.962  1.219   6.441   1.00 11.42  ? 68  THR A C   1 
ATOM   548  O  O   . THR A 1 68  ? 21.379  0.102   6.396   1.00 13.00  ? 68  THR A O   1 
ATOM   549  C  CB  . THR A 1 68  ? 20.355  0.879   8.819   1.00 15.42  ? 68  THR A CB  1 
ATOM   550  O  OG1 . THR A 1 68  ? 19.026  0.508   8.634   1.00 20.73  ? 68  THR A OG1 1 
ATOM   551  C  CG2 . THR A 1 68  ? 20.409  1.545   10.172  1.00 18.96  ? 68  THR A CG2 1 
ATOM   552  N  N   . ASP A 1 69  ? 20.700  1.902   5.342   1.00 9.55   ? 69  ASP A N   1 
ATOM   553  C  CA  . ASP A 1 69  ? 20.869  1.314   4.026   1.00 8.26   ? 69  ASP A CA  1 
ATOM   554  C  C   . ASP A 1 69  ? 20.889  2.483   3.076   1.00 8.67   ? 69  ASP A C   1 
ATOM   555  O  O   . ASP A 1 69  ? 19.933  3.243   2.999   1.00 5.93   ? 69  ASP A O   1 
ATOM   556  C  CB  . ASP A 1 69  ? 19.621  0.433   3.718   1.00 4.48   ? 69  ASP A CB  1 
ATOM   557  C  CG  . ASP A 1 69  ? 19.802  -0.280  2.418   1.00 5.27   ? 69  ASP A CG  1 
ATOM   558  O  OD1 . ASP A 1 69  ? 20.166  0.287   1.424   1.00 5.64   ? 69  ASP A OD1 1 
ATOM   559  O  OD2 . ASP A 1 69  ? 19.559  -1.554  2.482   1.00 4.52   ? 69  ASP A OD2 1 
ATOM   560  N  N   . ASP A 1 70  ? 21.996  2.688   2.421   1.00 9.48   ? 70  ASP A N   1 
ATOM   561  C  CA  . ASP A 1 70  ? 22.091  3.806   1.534   1.00 10.15  ? 70  ASP A CA  1 
ATOM   562  C  C   . ASP A 1 70  ? 21.343  3.619   0.268   1.00 10.59  ? 70  ASP A C   1 
ATOM   563  O  O   . ASP A 1 70  ? 21.418  4.495   -0.561  1.00 7.88   ? 70  ASP A O   1 
ATOM   564  C  CB  . ASP A 1 70  ? 23.551  4.144   1.134   1.00 11.49  ? 70  ASP A CB  1 
ATOM   565  C  CG  . ASP A 1 70  ? 24.277  4.678   2.337   1.00 20.42  ? 70  ASP A CG  1 
ATOM   566  O  OD1 . ASP A 1 70  ? 23.703  5.171   3.298   1.00 23.40  ? 70  ASP A OD1 1 
ATOM   567  O  OD2 . ASP A 1 70  ? 25.502  4.248   2.408   1.00 23.97  ? 70  ASP A OD2 1 
ATOM   568  N  N   . ARG A 1 71  ? 20.621  2.515   0.077   1.00 5.33   ? 71  ARG A N   1 
ATOM   569  C  CA  . ARG A 1 71  ? 19.966  2.429   -1.246  1.00 7.08   ? 71  ARG A CA  1 
ATOM   570  C  C   . ARG A 1 71  ? 18.589  3.133   -1.331  1.00 12.09  ? 71  ARG A C   1 
ATOM   571  O  O   . ARG A 1 71  ? 17.915  3.145   -2.394  1.00 11.15  ? 71  ARG A O   1 
ATOM   572  C  CB  . ARG A 1 71  ? 19.771  0.919   -1.604  1.00 5.48   ? 71  ARG A CB  1 
ATOM   573  C  CG  . ARG A 1 71  ? 21.069  0.121   -1.800  1.00 3.85   ? 71  ARG A CG  1 
ATOM   574  C  CD  . ARG A 1 71  ? 20.791  -1.351  -1.870  1.00 4.50   ? 71  ARG A CD  1 
ATOM   575  N  NE  . ARG A 1 71  ? 20.160  -1.728  -0.630  1.00 3.36   ? 71  ARG A NE  1 
ATOM   576  C  CZ  . ARG A 1 71  ? 19.686  -2.968  -0.556  1.00 9.93   ? 71  ARG A CZ  1 
ATOM   577  N  NH1 . ARG A 1 71  ? 19.771  -3.831  -1.586  1.00 11.78  ? 71  ARG A NH1 1 
ATOM   578  N  NH2 . ARG A 1 71  ? 19.141  -3.361  0.566   1.00 6.82   ? 71  ARG A NH2 1 
ATOM   579  N  N   . VAL A 1 72  ? 18.132  3.721   -0.223  1.00 5.57   ? 72  VAL A N   1 
ATOM   580  C  CA  . VAL A 1 72  ? 16.810  4.314   -0.173  1.00 2.43   ? 72  VAL A CA  1 
ATOM   581  C  C   . VAL A 1 72  ? 16.896  5.655   0.534   1.00 4.42   ? 72  VAL A C   1 
ATOM   582  O  O   . VAL A 1 72  ? 17.956  5.979   1.098   1.00 6.05   ? 72  VAL A O   1 
ATOM   583  C  CB  . VAL A 1 72  ? 15.824  3.389   0.553   1.00 5.28   ? 72  VAL A CB  1 
ATOM   584  C  CG1 . VAL A 1 72  ? 15.568  2.099   -0.231  1.00 7.64   ? 72  VAL A CG1 1 
ATOM   585  C  CG2 . VAL A 1 72  ? 16.194  3.065   2.042   1.00 4.36   ? 72  VAL A CG2 1 
ATOM   586  N  N   . THR A 1 73  ? 15.799  6.394   0.430   1.00 3.24   ? 73  THR A N   1 
ATOM   587  C  CA  . THR A 1 73  ? 15.712  7.739   0.988   1.00 7.21   ? 73  THR A CA  1 
ATOM   588  C  C   . THR A 1 73  ? 14.979  7.678   2.344   1.00 8.52   ? 73  THR A C   1 
ATOM   589  O  O   . THR A 1 73  ? 13.892  7.126   2.405   1.00 10.70  ? 73  THR A O   1 
ATOM   590  C  CB  . THR A 1 73  ? 14.946  8.613   -0.015  1.00 7.12   ? 73  THR A CB  1 
ATOM   591  O  OG1 . THR A 1 73  ? 15.710  8.761   -1.145  1.00 8.26   ? 73  THR A OG1 1 
ATOM   592  C  CG2 . THR A 1 73  ? 14.643  9.980   0.553   1.00 5.89   ? 73  THR A CG2 1 
ATOM   593  N  N   . TRP A 1 74  ? 15.560  8.246   3.429   1.00 1.11   ? 74  TRP A N   1 
ATOM   594  C  CA  . TRP A 1 74  ? 15.018  8.192   4.782   1.00 3.85   ? 74  TRP A CA  1 
ATOM   595  C  C   . TRP A 1 74  ? 14.569  9.576   5.191   1.00 8.55   ? 74  TRP A C   1 
ATOM   596  O  O   . TRP A 1 74  ? 15.324  10.517  5.011   1.00 8.47   ? 74  TRP A O   1 
ATOM   597  C  CB  . TRP A 1 74  ? 16.130  7.716   5.777   1.00 2.91   ? 74  TRP A CB  1 
ATOM   598  C  CG  . TRP A 1 74  ? 16.666  6.343   5.447   1.00 8.85   ? 74  TRP A CG  1 
ATOM   599  C  CD1 . TRP A 1 74  ? 17.691  6.026   4.598   1.00 10.34  ? 74  TRP A CD1 1 
ATOM   600  C  CD2 . TRP A 1 74  ? 16.250  5.093   6.008   1.00 6.75   ? 74  TRP A CD2 1 
ATOM   601  N  NE1 . TRP A 1 74  ? 17.906  4.625   4.602   1.00 7.98   ? 74  TRP A NE1 1 
ATOM   602  C  CE2 . TRP A 1 74  ? 17.040  4.065   5.469   1.00 7.17   ? 74  TRP A CE2 1 
ATOM   603  C  CE3 . TRP A 1 74  ? 15.295  4.756   6.973   1.00 5.65   ? 74  TRP A CE3 1 
ATOM   604  C  CZ2 . TRP A 1 74  ? 16.884  2.725   5.827   1.00 8.57   ? 74  TRP A CZ2 1 
ATOM   605  C  CZ3 . TRP A 1 74  ? 15.175  3.416   7.335   1.00 9.90   ? 74  TRP A CZ3 1 
ATOM   606  C  CH2 . TRP A 1 74  ? 15.958  2.390   6.751   1.00 5.25   ? 74  TRP A CH2 1 
ATOM   607  N  N   . VAL A 1 75  ? 13.345  9.670   5.686   1.00 8.78   ? 75  VAL A N   1 
ATOM   608  C  CA  . VAL A 1 75  ? 12.758  10.942  6.130   1.00 4.47   ? 75  VAL A CA  1 
ATOM   609  C  C   . VAL A 1 75  ? 12.141  10.689  7.534   1.00 7.60   ? 75  VAL A C   1 
ATOM   610  O  O   . VAL A 1 75  ? 11.909  9.522   7.926   1.00 3.68   ? 75  VAL A O   1 
ATOM   611  C  CB  . VAL A 1 75  ? 11.769  11.471  5.110   1.00 4.65   ? 75  VAL A CB  1 
ATOM   612  C  CG1 . VAL A 1 75  ? 12.500  11.534  3.784   1.00 2.11   ? 75  VAL A CG1 1 
ATOM   613  C  CG2 . VAL A 1 75  ? 10.636  10.450  4.946   1.00 3.67   ? 75  VAL A CG2 1 
ATOM   614  N  N   . LYS A 1 76  ? 11.896  11.768  8.262   1.00 10.11  ? 76  LYS A N   1 
ATOM   615  C  CA  . LYS A 1 76  ? 11.403  11.720  9.639   1.00 9.46   ? 76  LYS A CA  1 
ATOM   616  C  C   . LYS A 1 76  ? 10.072  12.291  9.896   1.00 8.05   ? 76  LYS A C   1 
ATOM   617  O  O   . LYS A 1 76  ? 9.643   12.272  11.020  1.00 10.43  ? 76  LYS A O   1 
ATOM   618  C  CB  . LYS A 1 76  ? 12.385  12.390  10.636  1.00 12.55  ? 76  LYS A CB  1 
ATOM   619  C  CG  . LYS A 1 76  ? 13.831  11.990  10.375  1.00 16.18  ? 76  LYS A CG  1 
ATOM   620  C  CD  . LYS A 1 76  ? 14.582  12.325  11.631  1.00 27.63  ? 76  LYS A CD  1 
ATOM   621  C  CE  . LYS A 1 76  ? 15.876  11.559  11.748  1.00 39.27  ? 76  LYS A CE  1 
ATOM   622  N  NZ  . LYS A 1 76  ? 16.992  12.512  11.780  1.00 44.72  ? 76  LYS A NZ  1 
ATOM   623  N  N   . SER A 1 77  ? 9.425   12.786  8.905   1.00 3.93   ? 77  SER A N   1 
ATOM   624  C  CA  . SER A 1 77  ? 8.105   13.340  9.084   1.00 5.16   ? 77  SER A CA  1 
ATOM   625  C  C   . SER A 1 77  ? 7.293   13.199  7.838   1.00 5.88   ? 77  SER A C   1 
ATOM   626  O  O   . SER A 1 77  ? 7.794   12.978  6.712   1.00 8.60   ? 77  SER A O   1 
ATOM   627  C  CB  . SER A 1 77  ? 8.070   14.736  9.626   1.00 6.68   ? 77  SER A CB  1 
ATOM   628  O  OG  . SER A 1 77  ? 8.514   15.595  8.660   1.00 6.85   ? 77  SER A OG  1 
ATOM   629  N  N   . VAL A 1 78  ? 6.016   13.285  8.034   1.00 4.48   ? 78  VAL A N   1 
ATOM   630  C  CA  . VAL A 1 78  ? 5.117   13.192  6.912   1.00 4.68   ? 78  VAL A CA  1 
ATOM   631  C  C   . VAL A 1 78  ? 5.406   14.307  5.898   1.00 6.69   ? 78  VAL A C   1 
ATOM   632  O  O   . VAL A 1 78  ? 5.426   14.048  4.682   1.00 5.60   ? 78  VAL A O   1 
ATOM   633  C  CB  . VAL A 1 78  ? 3.641   13.312  7.396   1.00 8.35   ? 78  VAL A CB  1 
ATOM   634  C  CG1 . VAL A 1 78  ? 2.666   13.588  6.243   1.00 11.59  ? 78  VAL A CG1 1 
ATOM   635  C  CG2 . VAL A 1 78  ? 3.321   12.003  8.080   1.00 9.45   ? 78  VAL A CG2 1 
ATOM   636  N  N   . ASP A 1 79  ? 5.559   15.534  6.407   1.00 3.71   ? 79  ASP A N   1 
ATOM   637  C  CA  . ASP A 1 79  ? 5.798   16.644  5.505   1.00 5.08   ? 79  ASP A CA  1 
ATOM   638  C  C   . ASP A 1 79  ? 7.139   16.492  4.782   1.00 6.18   ? 79  ASP A C   1 
ATOM   639  O  O   . ASP A 1 79  ? 7.332   16.806  3.608   1.00 5.95   ? 79  ASP A O   1 
ATOM   640  C  CB  . ASP A 1 79  ? 5.862   17.900  6.291   1.00 7.24   ? 79  ASP A CB  1 
ATOM   641  C  CG  . ASP A 1 79  ? 4.467   18.344  6.511   1.00 23.19  ? 79  ASP A CG  1 
ATOM   642  O  OD1 . ASP A 1 79  ? 3.510   17.736  6.075   1.00 25.05  ? 79  ASP A OD1 1 
ATOM   643  O  OD2 . ASP A 1 79  ? 4.379   19.328  7.370   1.00 33.22  ? 79  ASP A OD2 1 
ATOM   644  N  N   . GLU A 1 80  ? 8.094   15.989  5.519   1.00 1.96   ? 80  GLU A N   1 
ATOM   645  C  CA  . GLU A 1 80  ? 9.354   15.786  4.876   1.00 5.09   ? 80  GLU A CA  1 
ATOM   646  C  C   . GLU A 1 80  ? 9.212   14.720  3.782   1.00 6.60   ? 80  GLU A C   1 
ATOM   647  O  O   . GLU A 1 80  ? 9.791   14.821  2.690   1.00 8.87   ? 80  GLU A O   1 
ATOM   648  C  CB  . GLU A 1 80  ? 10.361  15.277  5.919   1.00 2.18   ? 80  GLU A CB  1 
ATOM   649  C  CG  . GLU A 1 80  ? 11.745  15.160  5.257   1.00 3.43   ? 80  GLU A CG  1 
ATOM   650  C  CD  . GLU A 1 80  ? 12.906  14.813  6.188   1.00 5.95   ? 80  GLU A CD  1 
ATOM   651  O  OE1 . GLU A 1 80  ? 12.798  14.445  7.355   1.00 9.27   ? 80  GLU A OE1 1 
ATOM   652  O  OE2 . GLU A 1 80  ? 14.067  14.805  5.585   1.00 7.36   ? 80  GLU A OE2 1 
ATOM   653  N  N   . ALA A 1 81  ? 8.435   13.629  4.017   1.00 7.42   ? 81  ALA A N   1 
ATOM   654  C  CA  . ALA A 1 81  ? 8.244   12.558  3.018   1.00 3.66   ? 81  ALA A CA  1 
ATOM   655  C  C   . ALA A 1 81  ? 7.669   13.078  1.749   1.00 3.07   ? 81  ALA A C   1 
ATOM   656  O  O   . ALA A 1 81  ? 8.056   12.694  0.648   1.00 1.32   ? 81  ALA A O   1 
ATOM   657  C  CB  . ALA A 1 81  ? 7.311   11.482  3.557   1.00 1.95   ? 81  ALA A CB  1 
ATOM   658  N  N   . ILE A 1 82  ? 6.713   13.975  1.874   1.00 1.89   ? 82  ILE A N   1 
ATOM   659  C  CA  . ILE A 1 82  ? 6.063   14.574  0.721   1.00 1.66   ? 82  ILE A CA  1 
ATOM   660  C  C   . ILE A 1 82  ? 7.029   15.580  0.022   1.00 7.22   ? 82  ILE A C   1 
ATOM   661  O  O   . ILE A 1 82  ? 7.081   15.592  -1.191  1.00 10.09  ? 82  ILE A O   1 
ATOM   662  C  CB  . ILE A 1 82  ? 4.781   15.325  1.201   1.00 4.61   ? 82  ILE A CB  1 
ATOM   663  C  CG1 . ILE A 1 82  ? 3.789   14.256  1.649   1.00 6.12   ? 82  ILE A CG1 1 
ATOM   664  C  CG2 . ILE A 1 82  ? 4.142   16.128  0.106   1.00 7.51   ? 82  ILE A CG2 1 
ATOM   665  C  CD1 . ILE A 1 82  ? 2.576   14.876  2.350   1.00 10.54  ? 82  ILE A CD1 1 
ATOM   666  N  N   . ALA A 1 83  ? 7.793   16.384  0.754   1.00 7.09   ? 83  ALA A N   1 
ATOM   667  C  CA  . ALA A 1 83  ? 8.755   17.263  0.081   1.00 4.77   ? 83  ALA A CA  1 
ATOM   668  C  C   . ALA A 1 83  ? 9.798   16.502  -0.744  1.00 7.37   ? 83  ALA A C   1 
ATOM   669  O  O   . ALA A 1 83  ? 10.264  16.933  -1.796  1.00 6.55   ? 83  ALA A O   1 
ATOM   670  C  CB  . ALA A 1 83  ? 9.518   18.091  1.124   1.00 4.30   ? 83  ALA A CB  1 
ATOM   671  N  N   . ALA A 1 84  ? 10.265  15.354  -0.223  1.00 3.73   ? 84  ALA A N   1 
ATOM   672  C  CA  . ALA A 1 84  ? 11.278  14.556  -0.853  1.00 7.16   ? 84  ALA A CA  1 
ATOM   673  C  C   . ALA A 1 84  ? 10.737  13.936  -2.155  1.00 12.86  ? 84  ALA A C   1 
ATOM   674  O  O   . ALA A 1 84  ? 11.507  13.383  -2.927  1.00 8.27   ? 84  ALA A O   1 
ATOM   675  C  CB  . ALA A 1 84  ? 11.771  13.462  0.103   1.00 6.11   ? 84  ALA A CB  1 
ATOM   676  N  N   . CYS A 1 85  ? 9.422   14.011  -2.421  1.00 9.64   ? 85  CYS A N   1 
ATOM   677  C  CA  . CYS A 1 85  ? 8.876   13.428  -3.640  1.00 6.74   ? 85  CYS A CA  1 
ATOM   678  C  C   . CYS A 1 85  ? 8.968   14.378  -4.757  1.00 12.01  ? 85  CYS A C   1 
ATOM   679  O  O   . CYS A 1 85  ? 8.837   14.003  -5.869  1.00 14.96  ? 85  CYS A O   1 
ATOM   680  C  CB  . CYS A 1 85  ? 7.409   12.982  -3.550  1.00 11.24  ? 85  CYS A CB  1 
ATOM   681  S  SG  . CYS A 1 85  ? 7.240   11.585  -2.419  1.00 8.97   ? 85  CYS A SG  1 
ATOM   682  N  N   . GLY A 1 86  ? 9.175   15.649  -4.513  1.00 9.95   ? 86  GLY A N   1 
ATOM   683  C  CA  . GLY A 1 86  ? 9.217   16.439  -5.736  1.00 20.73  ? 86  GLY A CA  1 
ATOM   684  C  C   . GLY A 1 86  ? 7.819   16.761  -6.301  1.00 20.44  ? 86  GLY A C   1 
ATOM   685  O  O   . GLY A 1 86  ? 6.710   16.435  -5.747  1.00 13.68  ? 86  GLY A O   1 
ATOM   686  N  N   . ASP A 1 87  ? 7.828   17.406  -7.473  1.00 14.42  ? 87  ASP A N   1 
ATOM   687  C  CA  . ASP A 1 87  ? 6.524   17.689  -8.011  1.00 18.69  ? 87  ASP A CA  1 
ATOM   688  C  C   . ASP A 1 87  ? 6.159   16.545  -8.942  1.00 25.79  ? 87  ASP A C   1 
ATOM   689  O  O   . ASP A 1 87  ? 6.597   16.509  -10.098 1.00 32.16  ? 87  ASP A O   1 
ATOM   690  C  CB  . ASP A 1 87  ? 6.313   19.146  -8.439  1.00 32.34  ? 87  ASP A CB  1 
ATOM   691  C  CG  . ASP A 1 87  ? 5.810   19.296  -9.816  1.00 52.39  ? 87  ASP A CG  1 
ATOM   692  O  OD1 . ASP A 1 87  ? 4.542   18.930  -9.982  1.00 55.45  ? 87  ASP A OD1 1 
ATOM   693  O  OD2 . ASP A 1 87  ? 6.541   19.745  -10.683 1.00 64.49  ? 87  ASP A OD2 1 
ATOM   694  N  N   . VAL A 1 88  ? 5.425   15.583  -8.370  1.00 15.32  ? 88  VAL A N   1 
ATOM   695  C  CA  . VAL A 1 88  ? 4.980   14.370  -9.052  1.00 8.63   ? 88  VAL A CA  1 
ATOM   696  C  C   . VAL A 1 88  ? 3.480   14.396  -8.862  1.00 6.07   ? 88  VAL A C   1 
ATOM   697  O  O   . VAL A 1 88  ? 3.008   14.914  -7.894  1.00 16.41  ? 88  VAL A O   1 
ATOM   698  C  CB  . VAL A 1 88  ? 5.609   13.074  -8.543  1.00 7.37   ? 88  VAL A CB  1 
ATOM   699  C  CG1 . VAL A 1 88  ? 7.143   12.974  -8.762  1.00 11.87  ? 88  VAL A CG1 1 
ATOM   700  C  CG2 . VAL A 1 88  ? 5.272   12.764  -7.068  1.00 10.28  ? 88  VAL A CG2 1 
ATOM   701  N  N   . PRO A 1 89  ? 2.803   13.865  -9.810  1.00 9.66   ? 89  PRO A N   1 
ATOM   702  C  CA  . PRO A 1 89  ? 1.400   13.793  -9.846  1.00 6.20   ? 89  PRO A CA  1 
ATOM   703  C  C   . PRO A 1 89  ? 0.795   12.908  -8.796  1.00 11.82  ? 89  PRO A C   1 
ATOM   704  O  O   . PRO A 1 89  ? -0.281  13.232  -8.324  1.00 10.64  ? 89  PRO A O   1 
ATOM   705  C  CB  . PRO A 1 89  ? 1.077   13.185  -11.180 1.00 12.29  ? 89  PRO A CB  1 
ATOM   706  C  CG  . PRO A 1 89  ? 2.393   12.892  -11.901 1.00 14.98  ? 89  PRO A CG  1 
ATOM   707  C  CD  . PRO A 1 89  ? 3.489   13.150  -10.925 1.00 8.30   ? 89  PRO A CD  1 
ATOM   708  N  N   . GLU A 1 90  ? 1.461   11.789  -8.462  1.00 11.15  ? 90  GLU A N   1 
ATOM   709  C  CA  . GLU A 1 90  ? 0.862   10.882  -7.466  1.00 2.90   ? 90  GLU A CA  1 
ATOM   710  C  C   . GLU A 1 90  ? 1.941   10.184  -6.686  1.00 5.25   ? 90  GLU A C   1 
ATOM   711  O  O   . GLU A 1 90  ? 2.928   9.730   -7.290  1.00 7.29   ? 90  GLU A O   1 
ATOM   712  C  CB  . GLU A 1 90  ? -0.024  9.853   -8.226  1.00 5.77   ? 90  GLU A CB  1 
ATOM   713  C  CG  . GLU A 1 90  ? -0.862  8.915   -7.329  1.00 5.71   ? 90  GLU A CG  1 
ATOM   714  C  CD  . GLU A 1 90  ? -1.674  8.037   -8.164  1.00 8.88   ? 90  GLU A CD  1 
ATOM   715  O  OE1 . GLU A 1 90  ? -1.351  7.554   -9.235  1.00 9.41   ? 90  GLU A OE1 1 
ATOM   716  O  OE2 . GLU A 1 90  ? -2.648  7.578   -7.503  1.00 9.53   ? 90  GLU A OE2 1 
ATOM   717  N  N   . ILE A 1 91  ? 1.696   10.126  -5.392  1.00 8.84   ? 91  ILE A N   1 
ATOM   718  C  CA  . ILE A 1 91  ? 2.567   9.503   -4.349  1.00 4.97   ? 91  ILE A CA  1 
ATOM   719  C  C   . ILE A 1 91  ? 1.829   8.319   -3.813  1.00 6.87   ? 91  ILE A C   1 
ATOM   720  O  O   . ILE A 1 91  ? 0.661   8.457   -3.474  1.00 6.16   ? 91  ILE A O   1 
ATOM   721  C  CB  . ILE A 1 91  ? 2.842   10.523  -3.267  1.00 2.80   ? 91  ILE A CB  1 
ATOM   722  C  CG1 . ILE A 1 91  ? 3.548   11.741  -3.906  1.00 7.37   ? 91  ILE A CG1 1 
ATOM   723  C  CG2 . ILE A 1 91  ? 3.730   9.970   -2.095  1.00 2.88   ? 91  ILE A CG2 1 
ATOM   724  C  CD1 . ILE A 1 91  ? 3.724   12.924  -2.898  1.00 10.82  ? 91  ILE A CD1 1 
ATOM   725  N  N   . MET A 1 92  ? 2.486   7.152   -3.785  1.00 6.05   ? 92  MET A N   1 
ATOM   726  C  CA  . MET A 1 92  ? 1.861   5.952   -3.317  1.00 3.81   ? 92  MET A CA  1 
ATOM   727  C  C   . MET A 1 92  ? 2.365   5.637   -1.935  1.00 2.60   ? 92  MET A C   1 
ATOM   728  O  O   . MET A 1 92  ? 3.580   5.540   -1.745  1.00 11.47  ? 92  MET A O   1 
ATOM   729  C  CB  . MET A 1 92  ? 2.146   4.781   -4.250  1.00 1.14   ? 92  MET A CB  1 
ATOM   730  C  CG  . MET A 1 92  ? 1.738   5.061   -5.694  1.00 3.85   ? 92  MET A CG  1 
ATOM   731  S  SD  . MET A 1 92  ? -0.051  5.334   -5.945  1.00 8.40   ? 92  MET A SD  1 
ATOM   732  C  CE  . MET A 1 92  ? -0.698  3.657   -5.666  1.00 6.08   ? 92  MET A CE  1 
ATOM   733  N  N   . VAL A 1 93  ? 1.440   5.524   -0.969  1.00 2.83   ? 93  VAL A N   1 
ATOM   734  C  CA  . VAL A 1 93  ? 1.808   5.159   0.441   1.00 2.94   ? 93  VAL A CA  1 
ATOM   735  C  C   . VAL A 1 93  ? 1.453   3.633   0.531   1.00 6.26   ? 93  VAL A C   1 
ATOM   736  O  O   . VAL A 1 93  ? 0.345   3.176   0.255   1.00 9.10   ? 93  VAL A O   1 
ATOM   737  C  CB  . VAL A 1 93  ? 0.950   5.927   1.378   1.00 6.31   ? 93  VAL A CB  1 
ATOM   738  C  CG1 . VAL A 1 93  ? 1.231   5.514   2.802   1.00 8.74   ? 93  VAL A CG1 1 
ATOM   739  C  CG2 . VAL A 1 93  ? 1.336   7.379   1.138   1.00 6.71   ? 93  VAL A CG2 1 
ATOM   740  N  N   . ILE A 1 94  ? 2.423   2.828   0.927   1.00 2.83   ? 94  ILE A N   1 
ATOM   741  C  CA  . ILE A 1 94  ? 2.237   1.418   0.988   1.00 1.46   ? 94  ILE A CA  1 
ATOM   742  C  C   . ILE A 1 94  ? 2.235   0.826   2.365   1.00 6.65   ? 94  ILE A C   1 
ATOM   743  O  O   . ILE A 1 94  ? 2.515   -0.328  2.533   1.00 12.11  ? 94  ILE A O   1 
ATOM   744  C  CB  . ILE A 1 94  ? 3.254   0.792   0.010   1.00 5.95   ? 94  ILE A CB  1 
ATOM   745  C  CG1 . ILE A 1 94  ? 4.694   0.958   0.555   1.00 4.26   ? 94  ILE A CG1 1 
ATOM   746  C  CG2 . ILE A 1 94  ? 3.147   1.426   -1.407  1.00 7.27   ? 94  ILE A CG2 1 
ATOM   747  C  CD1 . ILE A 1 94  ? 5.704   -0.098  0.012   1.00 5.95   ? 94  ILE A CD1 1 
ATOM   748  N  N   . GLY A 1 95  ? 1.892   1.607   3.393   1.00 8.45   ? 95  GLY A N   1 
ATOM   749  C  CA  . GLY A 1 95  ? 1.796   1.055   4.739   1.00 6.10   ? 95  GLY A CA  1 
ATOM   750  C  C   . GLY A 1 95  ? 3.124   1.009   5.538   1.00 12.46  ? 95  GLY A C   1 
ATOM   751  O  O   . GLY A 1 95  ? 4.145   1.538   5.087   1.00 11.26  ? 95  GLY A O   1 
ATOM   752  N  N   . GLY A 1 96  ? 3.126   0.386   6.742   1.00 9.47   ? 96  GLY A N   1 
ATOM   753  C  CA  . GLY A 1 96  ? 2.000   -0.303  7.364   1.00 9.60   ? 96  GLY A CA  1 
ATOM   754  C  C   . GLY A 1 96  ? 0.902   0.534   7.997   1.00 7.00   ? 96  GLY A C   1 
ATOM   755  O  O   . GLY A 1 96  ? 0.565   1.710   7.681   1.00 8.06   ? 96  GLY A O   1 
ATOM   756  N  N   . GLY A 1 97  ? 0.285   -0.136  8.983   1.00 10.09  ? 97  GLY A N   1 
ATOM   757  C  CA  . GLY A 1 97  ? -0.855  0.498   9.693   1.00 5.51   ? 97  GLY A CA  1 
ATOM   758  C  C   . GLY A 1 97  ? -0.662  1.927   10.127  1.00 6.27   ? 97  GLY A C   1 
ATOM   759  O  O   . GLY A 1 97  ? -1.425  2.838   9.769   1.00 9.88   ? 97  GLY A O   1 
ATOM   760  N  N   . ARG A 1 98  ? 0.364   2.139   10.941  1.00 5.00   ? 98  ARG A N   1 
ATOM   761  C  CA  . ARG A 1 98  ? 0.587   3.539   11.408  1.00 3.99   ? 98  ARG A CA  1 
ATOM   762  C  C   . ARG A 1 98  ? 0.772   4.522   10.270  1.00 4.36   ? 98  ARG A C   1 
ATOM   763  O  O   . ARG A 1 98  ? 0.316   5.668   10.256  1.00 9.62   ? 98  ARG A O   1 
ATOM   764  C  CB  . ARG A 1 98  ? 1.732   3.597   12.414  1.00 6.86   ? 98  ARG A CB  1 
ATOM   765  C  CG  . ARG A 1 98  ? 2.168   5.023   12.706  1.00 14.40  ? 98  ARG A CG  1 
ATOM   766  C  CD  . ARG A 1 98  ? 1.093   5.786   13.443  1.00 12.73  ? 98  ARG A CD  1 
ATOM   767  N  NE  . ARG A 1 98  ? 1.588   7.128   13.741  1.00 12.61  ? 98  ARG A NE  1 
ATOM   768  C  CZ  . ARG A 1 98  ? 0.769   8.123   13.962  1.00 16.17  ? 98  ARG A CZ  1 
ATOM   769  N  NH1 . ARG A 1 98  ? -0.561  7.998   13.957  1.00 15.00  ? 98  ARG A NH1 1 
ATOM   770  N  NH2 . ARG A 1 98  ? 1.305   9.280   14.214  1.00 8.95   ? 98  ARG A NH2 1 
ATOM   771  N  N   . VAL A 1 99  ? 1.545   4.066   9.250   1.00 7.77   ? 99  VAL A N   1 
ATOM   772  C  CA  . VAL A 1 99  ? 1.772   4.888   8.088   1.00 8.92   ? 99  VAL A CA  1 
ATOM   773  C  C   . VAL A 1 99  ? 0.432   5.157   7.333   1.00 8.08   ? 99  VAL A C   1 
ATOM   774  O  O   . VAL A 1 99  ? 0.135   6.307   6.884   1.00 4.97   ? 99  VAL A O   1 
ATOM   775  C  CB  . VAL A 1 99  ? 2.829   4.200   7.188   1.00 9.42   ? 99  VAL A CB  1 
ATOM   776  C  CG1 . VAL A 1 99  ? 2.990   4.942   5.868   1.00 10.76  ? 99  VAL A CG1 1 
ATOM   777  C  CG2 . VAL A 1 99  ? 4.182   4.430   7.836   1.00 7.20   ? 99  VAL A CG2 1 
ATOM   778  N  N   . TYR A 1 100 ? -0.395  4.129   7.215   1.00 1.75   ? 100 TYR A N   1 
ATOM   779  C  CA  . TYR A 1 100 ? -1.674  4.350   6.552   1.00 10.37  ? 100 TYR A CA  1 
ATOM   780  C  C   . TYR A 1 100 ? -2.473  5.416   7.335   1.00 13.52  ? 100 TYR A C   1 
ATOM   781  O  O   . TYR A 1 100 ? -3.028  6.401   6.773   1.00 10.41  ? 100 TYR A O   1 
ATOM   782  C  CB  . TYR A 1 100 ? -2.509  3.039   6.513   1.00 5.66   ? 100 TYR A CB  1 
ATOM   783  C  CG  . TYR A 1 100 ? -2.038  2.064   5.443   1.00 5.52   ? 100 TYR A CG  1 
ATOM   784  C  CD1 . TYR A 1 100 ? -1.685  2.475   4.148   1.00 10.05  ? 100 TYR A CD1 1 
ATOM   785  C  CD2 . TYR A 1 100 ? -1.941  0.709   5.743   1.00 4.00   ? 100 TYR A CD2 1 
ATOM   786  C  CE1 . TYR A 1 100 ? -1.311  1.559   3.157   1.00 3.22   ? 100 TYR A CE1 1 
ATOM   787  C  CE2 . TYR A 1 100 ? -1.527  -0.244  4.798   1.00 3.16   ? 100 TYR A CE2 1 
ATOM   788  C  CZ  . TYR A 1 100 ? -1.226  0.202   3.503   1.00 5.56   ? 100 TYR A CZ  1 
ATOM   789  O  OH  . TYR A 1 100 ? -0.811  -0.740  2.587   1.00 7.17   ? 100 TYR A OH  1 
ATOM   790  N  N   . GLU A 1 101 ? -2.525  5.216   8.666   1.00 10.52  ? 101 GLU A N   1 
ATOM   791  C  CA  . GLU A 1 101 ? -3.228  6.184   9.470   1.00 9.64   ? 101 GLU A CA  1 
ATOM   792  C  C   . GLU A 1 101 ? -2.686  7.599   9.367   1.00 15.83  ? 101 GLU A C   1 
ATOM   793  O  O   . GLU A 1 101 ? -3.481  8.548   9.415   1.00 8.74   ? 101 GLU A O   1 
ATOM   794  C  CB  . GLU A 1 101 ? -3.077  5.902   10.937  1.00 12.87  ? 101 GLU A CB  1 
ATOM   795  C  CG  . GLU A 1 101 ? -3.861  4.703   11.393  1.00 36.09  ? 101 GLU A CG  1 
ATOM   796  C  CD  . GLU A 1 101 ? -3.691  4.723   12.898  1.00 54.81  ? 101 GLU A CD  1 
ATOM   797  O  OE1 . GLU A 1 101 ? -4.214  5.815   13.456  1.00 59.34  ? 101 GLU A OE1 1 
ATOM   798  O  OE2 . GLU A 1 101 ? -2.917  3.961   13.476  1.00 60.88  ? 101 GLU A OE2 1 
ATOM   799  N  N   . GLN A 1 102 ? -1.337  7.786   9.285   1.00 10.56  ? 102 GLN A N   1 
ATOM   800  C  CA  . GLN A 1 102 ? -0.832  9.161   9.220   1.00 5.96   ? 102 GLN A CA  1 
ATOM   801  C  C   . GLN A 1 102 ? -1.156  9.860   7.886   1.00 12.33  ? 102 GLN A C   1 
ATOM   802  O  O   . GLN A 1 102 ? -1.289  11.055  7.827   1.00 11.65  ? 102 GLN A O   1 
ATOM   803  C  CB  . GLN A 1 102 ? 0.690   9.101   9.325   1.00 11.01  ? 102 GLN A CB  1 
ATOM   804  C  CG  . GLN A 1 102 ? 1.141   8.817   10.771  1.00 12.37  ? 102 GLN A CG  1 
ATOM   805  C  CD  . GLN A 1 102 ? 2.626   8.820   10.824  1.00 16.87  ? 102 GLN A CD  1 
ATOM   806  O  OE1 . GLN A 1 102 ? 3.317   9.893   10.996  1.00 18.41  ? 102 GLN A OE1 1 
ATOM   807  N  NE2 . GLN A 1 102 ? 3.047   7.719   10.274  1.00 15.23  ? 102 GLN A NE2 1 
ATOM   808  N  N   . PHE A 1 103 ? -1.296  9.125   6.791   1.00 11.42  ? 103 PHE A N   1 
ATOM   809  C  CA  . PHE A 1 103 ? -1.561  9.719   5.480   1.00 10.50  ? 103 PHE A CA  1 
ATOM   810  C  C   . PHE A 1 103 ? -3.002  9.741   5.036   1.00 13.37  ? 103 PHE A C   1 
ATOM   811  O  O   . PHE A 1 103 ? -3.356  10.516  4.133   1.00 14.07  ? 103 PHE A O   1 
ATOM   812  C  CB  . PHE A 1 103 ? -0.750  8.934   4.397   1.00 6.72   ? 103 PHE A CB  1 
ATOM   813  C  CG  . PHE A 1 103 ? 0.715   9.343   4.454   1.00 6.05   ? 103 PHE A CG  1 
ATOM   814  C  CD1 . PHE A 1 103 ? 1.160   10.482  3.779   1.00 9.77   ? 103 PHE A CD1 1 
ATOM   815  C  CD2 . PHE A 1 103 ? 1.630   8.643   5.242   1.00 7.80   ? 103 PHE A CD2 1 
ATOM   816  C  CE1 . PHE A 1 103 ? 2.502   10.858  3.812   1.00 14.25  ? 103 PHE A CE1 1 
ATOM   817  C  CE2 . PHE A 1 103 ? 2.972   8.995   5.332   1.00 12.66  ? 103 PHE A CE2 1 
ATOM   818  C  CZ  . PHE A 1 103 ? 3.391   10.099  4.586   1.00 16.78  ? 103 PHE A CZ  1 
ATOM   819  N  N   . LEU A 1 104 ? -3.806  8.872   5.669   1.00 9.01   ? 104 LEU A N   1 
ATOM   820  C  CA  . LEU A 1 104 ? -5.222  8.795   5.271   1.00 13.76  ? 104 LEU A CA  1 
ATOM   821  C  C   . LEU A 1 104 ? -5.937  10.167  5.074   1.00 12.39  ? 104 LEU A C   1 
ATOM   822  O  O   . LEU A 1 104 ? -6.621  10.440  4.100   1.00 8.15   ? 104 LEU A O   1 
ATOM   823  C  CB  . LEU A 1 104 ? -6.067  7.784   6.095   1.00 19.36  ? 104 LEU A CB  1 
ATOM   824  C  CG  . LEU A 1 104 ? -7.534  7.719   5.645   1.00 23.33  ? 104 LEU A CG  1 
ATOM   825  C  CD1 . LEU A 1 104 ? -7.680  7.004   4.305   1.00 19.86  ? 104 LEU A CD1 1 
ATOM   826  C  CD2 . LEU A 1 104 ? -8.344  6.936   6.650   1.00 28.46  ? 104 LEU A CD2 1 
ATOM   827  N  N   . PRO A 1 105 ? -5.786  11.038  5.987   1.00 10.61  ? 105 PRO A N   1 
ATOM   828  C  CA  . PRO A 1 105 ? -6.464  12.311  5.858   1.00 10.09  ? 105 PRO A CA  1 
ATOM   829  C  C   . PRO A 1 105 ? -6.041  13.065  4.658   1.00 14.58  ? 105 PRO A C   1 
ATOM   830  O  O   . PRO A 1 105 ? -6.780  13.938  4.229   1.00 13.61  ? 105 PRO A O   1 
ATOM   831  C  CB  . PRO A 1 105 ? -6.021  13.133  7.052   1.00 12.60  ? 105 PRO A CB  1 
ATOM   832  C  CG  . PRO A 1 105 ? -5.418  12.130  8.029   1.00 11.23  ? 105 PRO A CG  1 
ATOM   833  C  CD  . PRO A 1 105 ? -5.223  10.820  7.304   1.00 8.73   ? 105 PRO A CD  1 
ATOM   834  N  N   . LYS A 1 106 ? -4.875  12.757  4.123   1.00 9.50   ? 106 LYS A N   1 
ATOM   835  C  CA  . LYS A 1 106 ? -4.526  13.544  2.972   1.00 8.91   ? 106 LYS A CA  1 
ATOM   836  C  C   . LYS A 1 106 ? -4.758  12.829  1.713   1.00 8.03   ? 106 LYS A C   1 
ATOM   837  O  O   . LYS A 1 106 ? -4.636  13.419  0.666   1.00 12.30  ? 106 LYS A O   1 
ATOM   838  C  CB  . LYS A 1 106 ? -3.035  13.760  2.996   1.00 21.65  ? 106 LYS A CB  1 
ATOM   839  C  CG  . LYS A 1 106 ? -2.745  14.730  4.137   1.00 33.40  ? 106 LYS A CG  1 
ATOM   840  C  CD  . LYS A 1 106 ? -1.838  14.053  5.137   1.00 42.26  ? 106 LYS A CD  1 
ATOM   841  C  CE  . LYS A 1 106 ? -0.543  13.959  4.379   1.00 41.83  ? 106 LYS A CE  1 
ATOM   842  N  NZ  . LYS A 1 106 ? -0.556  15.165  3.554   1.00 33.23  ? 106 LYS A NZ  1 
ATOM   843  N  N   . ALA A 1 107 ? -5.078  11.563  1.832   1.00 7.48   ? 107 ALA A N   1 
ATOM   844  C  CA  . ALA A 1 107 ? -5.271  10.709  0.667   1.00 13.52  ? 107 ALA A CA  1 
ATOM   845  C  C   . ALA A 1 107 ? -6.494  11.022  -0.150  1.00 13.84  ? 107 ALA A C   1 
ATOM   846  O  O   . ALA A 1 107 ? -7.556  11.229  0.386   1.00 15.10  ? 107 ALA A O   1 
ATOM   847  C  CB  . ALA A 1 107 ? -5.359  9.244   1.119   1.00 10.54  ? 107 ALA A CB  1 
ATOM   848  N  N   . GLN A 1 108 ? -6.359  10.992  -1.467  1.00 7.97   ? 108 GLN A N   1 
ATOM   849  C  CA  . GLN A 1 108 ? -7.456  11.251  -2.368  1.00 11.32  ? 108 GLN A CA  1 
ATOM   850  C  C   . GLN A 1 108 ? -7.937  10.026  -3.069  1.00 10.81  ? 108 GLN A C   1 
ATOM   851  O  O   . GLN A 1 108 ? -9.033  10.076  -3.619  1.00 8.00   ? 108 GLN A O   1 
ATOM   852  C  CB  . GLN A 1 108 ? -7.027  12.293  -3.414  1.00 9.96   ? 108 GLN A CB  1 
ATOM   853  C  CG  . GLN A 1 108 ? -6.649  13.609  -2.623  1.00 15.03  ? 108 GLN A CG  1 
ATOM   854  C  CD  . GLN A 1 108 ? -7.820  14.271  -1.880  1.00 15.86  ? 108 GLN A CD  1 
ATOM   855  O  OE1 . GLN A 1 108 ? -7.660  14.525  -0.676  1.00 18.16  ? 108 GLN A OE1 1 
ATOM   856  N  NE2 . GLN A 1 108 ? -8.883  14.740  -2.583  1.00 12.10  ? 108 GLN A NE2 1 
ATOM   857  N  N   . LYS A 1 109 ? -7.125  8.981   -3.051  1.00 9.16   ? 109 LYS A N   1 
ATOM   858  C  CA  . LYS A 1 109 ? -7.478  7.715   -3.688  1.00 7.42   ? 109 LYS A CA  1 
ATOM   859  C  C   . LYS A 1 109 ? -6.966  6.612   -2.907  1.00 5.25   ? 109 LYS A C   1 
ATOM   860  O  O   . LYS A 1 109 ? -5.964  6.779   -2.197  1.00 5.42   ? 109 LYS A O   1 
ATOM   861  C  CB  . LYS A 1 109 ? -7.057  7.379   -5.109  1.00 13.21  ? 109 LYS A CB  1 
ATOM   862  C  CG  . LYS A 1 109 ? -7.250  8.582   -5.954  1.00 21.23  ? 109 LYS A CG  1 
ATOM   863  C  CD  . LYS A 1 109 ? -6.646  8.370   -7.316  1.00 26.44  ? 109 LYS A CD  1 
ATOM   864  C  CE  . LYS A 1 109 ? -7.242  7.188   -8.057  1.00 29.19  ? 109 LYS A CE  1 
ATOM   865  N  NZ  . LYS A 1 109 ? -6.811  7.133   -9.476  1.00 28.76  ? 109 LYS A NZ  1 
ATOM   866  N  N   . LEU A 1 110 ? -7.699  5.503   -3.052  1.00 8.71   ? 110 LEU A N   1 
ATOM   867  C  CA  . LEU A 1 110 ? -7.378  4.258   -2.357  1.00 9.00   ? 110 LEU A CA  1 
ATOM   868  C  C   . LEU A 1 110 ? -7.410  3.174   -3.371  1.00 11.13  ? 110 LEU A C   1 
ATOM   869  O  O   . LEU A 1 110 ? -8.415  3.133   -4.115  1.00 10.37  ? 110 LEU A O   1 
ATOM   870  C  CB  . LEU A 1 110 ? -8.500  3.800   -1.412  1.00 6.86   ? 110 LEU A CB  1 
ATOM   871  C  CG  . LEU A 1 110 ? -8.770  4.756   -0.258  1.00 8.80   ? 110 LEU A CG  1 
ATOM   872  C  CD1 . LEU A 1 110 ? -9.791  4.152   0.692   1.00 9.52   ? 110 LEU A CD1 1 
ATOM   873  C  CD2 . LEU A 1 110 ? -7.514  5.184   0.529   1.00 9.81   ? 110 LEU A CD2 1 
ATOM   874  N  N   . TYR A 1 111 ? -6.369  2.340   -3.411  1.00 2.46   ? 111 TYR A N   1 
ATOM   875  C  CA  . TYR A 1 111 ? -6.300  1.210   -4.328  1.00 7.96   ? 111 TYR A CA  1 
ATOM   876  C  C   . TYR A 1 111 ? -6.349  0.020   -3.396  1.00 10.27  ? 111 TYR A C   1 
ATOM   877  O  O   . TYR A 1 111 ? -5.350  -0.219  -2.686  1.00 7.69   ? 111 TYR A O   1 
ATOM   878  C  CB  . TYR A 1 111 ? -4.999  1.117   -5.133  1.00 4.03   ? 111 TYR A CB  1 
ATOM   879  C  CG  . TYR A 1 111 ? -4.735  2.289   -5.983  1.00 3.03   ? 111 TYR A CG  1 
ATOM   880  C  CD1 . TYR A 1 111 ? -4.387  3.554   -5.470  1.00 5.19   ? 111 TYR A CD1 1 
ATOM   881  C  CD2 . TYR A 1 111 ? -4.867  2.099   -7.357  1.00 3.76   ? 111 TYR A CD2 1 
ATOM   882  C  CE1 . TYR A 1 111 ? -4.113  4.601   -6.358  1.00 9.25   ? 111 TYR A CE1 1 
ATOM   883  C  CE2 . TYR A 1 111 ? -4.582  3.136   -8.239  1.00 7.30   ? 111 TYR A CE2 1 
ATOM   884  C  CZ  . TYR A 1 111 ? -4.227  4.385   -7.748  1.00 10.83  ? 111 TYR A CZ  1 
ATOM   885  O  OH  . TYR A 1 111 ? -3.982  5.394   -8.707  1.00 13.01  ? 111 TYR A OH  1 
ATOM   886  N  N   . LEU A 1 112 ? -7.478  -0.684  -3.388  1.00 8.79   ? 112 LEU A N   1 
ATOM   887  C  CA  . LEU A 1 112 ? -7.519  -1.804  -2.455  1.00 10.02  ? 112 LEU A CA  1 
ATOM   888  C  C   . LEU A 1 112 ? -7.691  -3.166  -3.076  1.00 12.74  ? 112 LEU A C   1 
ATOM   889  O  O   . LEU A 1 112 ? -8.315  -3.282  -4.135  1.00 9.38   ? 112 LEU A O   1 
ATOM   890  C  CB  . LEU A 1 112 ? -8.727  -1.674  -1.482  1.00 5.77   ? 112 LEU A CB  1 
ATOM   891  C  CG  . LEU A 1 112 ? -8.848  -0.335  -0.771  1.00 13.32  ? 112 LEU A CG  1 
ATOM   892  C  CD1 . LEU A 1 112 ? -10.144 -0.099  0.033   1.00 11.39  ? 112 LEU A CD1 1 
ATOM   893  C  CD2 . LEU A 1 112 ? -7.626  -0.191  0.127   1.00 11.20  ? 112 LEU A CD2 1 
ATOM   894  N  N   . THR A 1 113 ? -7.166  -4.181  -2.366  1.00 11.01  ? 113 THR A N   1 
ATOM   895  C  CA  . THR A 1 113 ? -7.353  -5.574  -2.783  1.00 11.58  ? 113 THR A CA  1 
ATOM   896  C  C   . THR A 1 113 ? -8.086  -6.225  -1.558  1.00 8.15   ? 113 THR A C   1 
ATOM   897  O  O   . THR A 1 113 ? -7.570  -6.245  -0.446  1.00 11.04  ? 113 THR A O   1 
ATOM   898  C  CB  . THR A 1 113 ? -6.108  -6.366  -3.200  1.00 13.41  ? 113 THR A CB  1 
ATOM   899  O  OG1 . THR A 1 113 ? -5.452  -5.557  -4.170  1.00 10.32  ? 113 THR A OG1 1 
ATOM   900  C  CG2 . THR A 1 113 ? -6.414  -7.770  -3.755  1.00 13.24  ? 113 THR A CG2 1 
ATOM   901  N  N   . HIS A 1 114 ? -9.324  -6.719  -1.793  1.00 7.37   ? 114 HIS A N   1 
ATOM   902  C  CA  . HIS A 1 114 ? -10.106 -7.321  -0.717  1.00 7.48   ? 114 HIS A CA  1 
ATOM   903  C  C   . HIS A 1 114 ? -9.940  -8.792  -0.970  1.00 9.85   ? 114 HIS A C   1 
ATOM   904  O  O   . HIS A 1 114 ? -10.407 -9.270  -2.008  1.00 8.02   ? 114 HIS A O   1 
ATOM   905  C  CB  . HIS A 1 114 ? -11.585 -6.937  -0.969  1.00 6.77   ? 114 HIS A CB  1 
ATOM   906  C  CG  . HIS A 1 114 ? -11.849 -5.428  -0.981  1.00 8.23   ? 114 HIS A CG  1 
ATOM   907  N  ND1 . HIS A 1 114 ? -11.858 -4.714  0.178   1.00 5.08   ? 114 HIS A ND1 1 
ATOM   908  C  CD2 . HIS A 1 114 ? -12.074 -4.561  -2.046  1.00 8.99   ? 114 HIS A CD2 1 
ATOM   909  C  CE1 . HIS A 1 114 ? -12.137 -3.457  -0.168  1.00 6.86   ? 114 HIS A CE1 1 
ATOM   910  N  NE2 . HIS A 1 114 ? -12.223 -3.332  -1.508  1.00 7.19   ? 114 HIS A NE2 1 
ATOM   911  N  N   . ILE A 1 115 ? -9.271  -9.460  -0.054  1.00 5.92   ? 115 ILE A N   1 
ATOM   912  C  CA  . ILE A 1 115 ? -9.032  -10.863 -0.236  1.00 9.85   ? 115 ILE A CA  1 
ATOM   913  C  C   . ILE A 1 115 ? -9.913  -11.673 0.689   1.00 13.14  ? 115 ILE A C   1 
ATOM   914  O  O   . ILE A 1 115 ? -10.007 -11.385 1.914   1.00 11.03  ? 115 ILE A O   1 
ATOM   915  C  CB  . ILE A 1 115 ? -7.594  -11.167 0.125   1.00 11.64  ? 115 ILE A CB  1 
ATOM   916  C  CG1 . ILE A 1 115 ? -6.757  -10.440 -0.930  1.00 15.32  ? 115 ILE A CG1 1 
ATOM   917  C  CG2 . ILE A 1 115 ? -7.416  -12.677 0.038   1.00 11.25  ? 115 ILE A CG2 1 
ATOM   918  C  CD1 . ILE A 1 115 ? -5.384  -9.975  -0.482  1.00 17.53  ? 115 ILE A CD1 1 
ATOM   919  N  N   . ASP A 1 116 ? -10.485 -12.693 0.090   1.00 11.52  ? 116 ASP A N   1 
ATOM   920  C  CA  . ASP A 1 116 ? -11.345 -13.608 0.850   1.00 21.23  ? 116 ASP A CA  1 
ATOM   921  C  C   . ASP A 1 116 ? -10.605 -14.642 1.713   1.00 15.49  ? 116 ASP A C   1 
ATOM   922  O  O   . ASP A 1 116 ? -10.616 -15.842 1.425   1.00 19.00  ? 116 ASP A O   1 
ATOM   923  C  CB  . ASP A 1 116 ? -12.359 -14.316 -0.097  1.00 33.26  ? 116 ASP A CB  1 
ATOM   924  C  CG  . ASP A 1 116 ? -13.057 -13.251 -0.915  1.00 56.98  ? 116 ASP A CG  1 
ATOM   925  O  OD1 . ASP A 1 116 ? -13.040 -12.063 -0.591  1.00 64.52  ? 116 ASP A OD1 1 
ATOM   926  O  OD2 . ASP A 1 116 ? -13.574 -13.692 -2.048  1.00 66.51  ? 116 ASP A OD2 1 
ATOM   927  N  N   . ALA A 1 117 ? -9.942  -14.200 2.740   1.00 12.92  ? 117 ALA A N   1 
ATOM   928  C  CA  . ALA A 1 117 ? -9.237  -15.047 3.631   1.00 11.12  ? 117 ALA A CA  1 
ATOM   929  C  C   . ALA A 1 117 ? -9.298  -14.470 5.046   1.00 18.18  ? 117 ALA A C   1 
ATOM   930  O  O   . ALA A 1 117 ? -9.168  -13.209 5.251   1.00 12.51  ? 117 ALA A O   1 
ATOM   931  C  CB  . ALA A 1 117 ? -7.769  -15.230 3.223   1.00 10.80  ? 117 ALA A CB  1 
ATOM   932  N  N   . GLU A 1 118 ? -9.464  -15.386 6.035   1.00 16.54  ? 118 GLU A N   1 
ATOM   933  C  CA  . GLU A 1 118 ? -9.522  -14.952 7.444   1.00 19.40  ? 118 GLU A CA  1 
ATOM   934  C  C   . GLU A 1 118 ? -8.143  -15.108 8.067   1.00 20.64  ? 118 GLU A C   1 
ATOM   935  O  O   . GLU A 1 118 ? -7.495  -16.124 7.952   1.00 19.15  ? 118 GLU A O   1 
ATOM   936  C  CB  . GLU A 1 118 ? -10.558 -15.646 8.296   1.00 32.04  ? 118 GLU A CB  1 
ATOM   937  C  CG  . GLU A 1 118 ? -11.947 -15.684 7.634   1.00 46.51  ? 118 GLU A CG  1 
ATOM   938  C  CD  . GLU A 1 118 ? -13.083 -15.789 8.628   1.00 59.11  ? 118 GLU A CD  1 
ATOM   939  O  OE1 . GLU A 1 118 ? -12.674 -16.059 9.861   1.00 63.86  ? 118 GLU A OE1 1 
ATOM   940  O  OE2 . GLU A 1 118 ? -14.254 -15.627 8.303   1.00 61.10  ? 118 GLU A OE2 1 
ATOM   941  N  N   . VAL A 1 119 ? -7.716  -14.041 8.683   1.00 16.98  ? 119 VAL A N   1 
ATOM   942  C  CA  . VAL A 1 119 ? -6.437  -13.936 9.276   1.00 17.30  ? 119 VAL A CA  1 
ATOM   943  C  C   . VAL A 1 119 ? -6.545  -13.310 10.597  1.00 22.65  ? 119 VAL A C   1 
ATOM   944  O  O   . VAL A 1 119 ? -7.243  -12.329 10.833  1.00 25.83  ? 119 VAL A O   1 
ATOM   945  C  CB  . VAL A 1 119 ? -5.482  -13.046 8.468   1.00 19.35  ? 119 VAL A CB  1 
ATOM   946  C  CG1 . VAL A 1 119 ? -4.093  -13.224 9.011   1.00 28.43  ? 119 VAL A CG1 1 
ATOM   947  C  CG2 . VAL A 1 119 ? -5.420  -13.514 7.025   1.00 19.43  ? 119 VAL A CG2 1 
ATOM   948  N  N   . GLU A 1 120 ? -5.800  -13.904 11.449  1.00 22.70  ? 120 GLU A N   1 
ATOM   949  C  CA  . GLU A 1 120 ? -5.770  -13.364 12.752  1.00 36.51  ? 120 GLU A CA  1 
ATOM   950  C  C   . GLU A 1 120 ? -4.625  -12.369 12.746  1.00 32.61  ? 120 GLU A C   1 
ATOM   951  O  O   . GLU A 1 120 ? -3.545  -12.618 12.230  1.00 35.49  ? 120 GLU A O   1 
ATOM   952  C  CB  . GLU A 1 120 ? -5.700  -14.447 13.842  1.00 56.02  ? 120 GLU A CB  1 
ATOM   953  C  CG  . GLU A 1 120 ? -7.091  -14.746 14.459  1.00 75.04  ? 120 GLU A CG  1 
ATOM   954  C  CD  . GLU A 1 120 ? -7.959  -13.530 14.773  1.00 91.06  ? 120 GLU A CD  1 
ATOM   955  O  OE1 . GLU A 1 120 ? -8.336  -12.845 13.696  1.00 99.24  ? 120 GLU A OE1 1 
ATOM   956  O  OE2 . GLU A 1 120 ? -8.363  -13.263 15.906  1.00 93.58  ? 120 GLU A OE2 1 
ATOM   957  N  N   . GLY A 1 121 ? -4.869  -11.198 13.282  1.00 20.93  ? 121 GLY A N   1 
ATOM   958  C  CA  . GLY A 1 121 ? -3.852  -10.216 13.308  1.00 18.56  ? 121 GLY A CA  1 
ATOM   959  C  C   . GLY A 1 121 ? -4.398  -9.130  14.213  1.00 25.97  ? 121 GLY A C   1 
ATOM   960  O  O   . GLY A 1 121 ? -5.599  -9.001  14.489  1.00 28.90  ? 121 GLY A O   1 
ATOM   961  N  N   . ASP A 1 122 ? -3.465  -8.339  14.633  1.00 27.33  ? 122 ASP A N   1 
ATOM   962  C  CA  . ASP A 1 122 ? -3.639  -7.239  15.527  1.00 38.79  ? 122 ASP A CA  1 
ATOM   963  C  C   . ASP A 1 122 ? -3.648  -5.913  14.794  1.00 26.26  ? 122 ASP A C   1 
ATOM   964  O  O   . ASP A 1 122 ? -4.067  -4.925  15.365  1.00 34.34  ? 122 ASP A O   1 
ATOM   965  C  CB  . ASP A 1 122 ? -2.346  -7.311  16.339  1.00 62.06  ? 122 ASP A CB  1 
ATOM   966  C  CG  . ASP A 1 122 ? -1.172  -7.549  15.373  1.00 82.01  ? 122 ASP A CG  1 
ATOM   967  O  OD1 . ASP A 1 122 ? -1.095  -8.784  14.912  1.00 87.70  ? 122 ASP A OD1 1 
ATOM   968  O  OD2 . ASP A 1 122 ? -0.428  -6.658  14.958  1.00 88.02  ? 122 ASP A OD2 1 
ATOM   969  N  N   . THR A 1 123 ? -3.213  -5.878  13.548  1.00 14.96  ? 123 THR A N   1 
ATOM   970  C  CA  . THR A 1 123 ? -3.176  -4.642  12.785  1.00 10.21  ? 123 THR A CA  1 
ATOM   971  C  C   . THR A 1 123 ? -4.271  -4.600  11.717  1.00 7.54   ? 123 THR A C   1 
ATOM   972  O  O   . THR A 1 123 ? -4.485  -5.576  11.015  1.00 9.74   ? 123 THR A O   1 
ATOM   973  C  CB  . THR A 1 123 ? -1.841  -4.584  12.077  1.00 20.86  ? 123 THR A CB  1 
ATOM   974  O  OG1 . THR A 1 123 ? -0.877  -4.884  13.044  1.00 24.13  ? 123 THR A OG1 1 
ATOM   975  C  CG2 . THR A 1 123 ? -1.617  -3.206  11.481  1.00 11.66  ? 123 THR A CG2 1 
ATOM   976  N  N   . HIS A 1 124 ? -4.951  -3.451  11.615  1.00 9.53   ? 124 HIS A N   1 
ATOM   977  C  CA  . HIS A 1 124 ? -6.019  -3.368  10.662  1.00 12.18  ? 124 HIS A CA  1 
ATOM   978  C  C   . HIS A 1 124 ? -5.962  -2.085  9.884   1.00 15.25  ? 124 HIS A C   1 
ATOM   979  O  O   . HIS A 1 124 ? -5.576  -1.035  10.386  1.00 16.03  ? 124 HIS A O   1 
ATOM   980  C  CB  . HIS A 1 124 ? -7.345  -3.211  11.454  1.00 10.67  ? 124 HIS A CB  1 
ATOM   981  C  CG  . HIS A 1 124 ? -7.571  -4.366  12.382  1.00 16.88  ? 124 HIS A CG  1 
ATOM   982  N  ND1 . HIS A 1 124 ? -8.449  -5.408  12.055  1.00 14.91  ? 124 HIS A ND1 1 
ATOM   983  C  CD2 . HIS A 1 124 ? -7.049  -4.608  13.591  1.00 11.67  ? 124 HIS A CD2 1 
ATOM   984  C  CE1 . HIS A 1 124 ? -8.391  -6.266  13.069  1.00 13.59  ? 124 HIS A CE1 1 
ATOM   985  N  NE2 . HIS A 1 124 ? -7.557  -5.807  13.967  1.00 13.27  ? 124 HIS A NE2 1 
ATOM   986  N  N   . PHE A 1 125 ? -6.410  -2.155  8.638   1.00 10.91  ? 125 PHE A N   1 
ATOM   987  C  CA  . PHE A 1 125 ? -6.434  -0.944  7.850   1.00 8.01   ? 125 PHE A CA  1 
ATOM   988  C  C   . PHE A 1 125 ? -7.482  0.000   8.494   1.00 13.71  ? 125 PHE A C   1 
ATOM   989  O  O   . PHE A 1 125 ? -8.495  -0.446  9.073   1.00 14.60  ? 125 PHE A O   1 
ATOM   990  C  CB  . PHE A 1 125 ? -6.911  -1.374  6.442   1.00 10.59  ? 125 PHE A CB  1 
ATOM   991  C  CG  . PHE A 1 125 ? -6.806  -0.201  5.479   1.00 8.85   ? 125 PHE A CG  1 
ATOM   992  C  CD1 . PHE A 1 125 ? -5.567  0.192   4.980   1.00 10.99  ? 125 PHE A CD1 1 
ATOM   993  C  CD2 . PHE A 1 125 ? -7.942  0.498   5.057   1.00 9.89   ? 125 PHE A CD2 1 
ATOM   994  C  CE1 . PHE A 1 125 ? -5.458  1.269   4.085   1.00 9.69   ? 125 PHE A CE1 1 
ATOM   995  C  CE2 . PHE A 1 125 ? -7.847  1.562   4.149   1.00 15.34  ? 125 PHE A CE2 1 
ATOM   996  C  CZ  . PHE A 1 125 ? -6.596  1.957   3.654   1.00 12.69  ? 125 PHE A CZ  1 
ATOM   997  N  N   . PRO A 1 126 ? -7.316  1.325   8.410   1.00 11.76  ? 126 PRO A N   1 
ATOM   998  C  CA  . PRO A 1 126 ? -8.314  2.123   9.022   1.00 14.54  ? 126 PRO A CA  1 
ATOM   999  C  C   . PRO A 1 126 ? -9.667  2.139   8.358   1.00 16.62  ? 126 PRO A C   1 
ATOM   1000 O  O   . PRO A 1 126 ? -9.825  1.901   7.154   1.00 14.27  ? 126 PRO A O   1 
ATOM   1001 C  CB  . PRO A 1 126 ? -7.785  3.549   9.013   1.00 12.64  ? 126 PRO A CB  1 
ATOM   1002 C  CG  . PRO A 1 126 ? -6.470  3.552   8.219   1.00 13.03  ? 126 PRO A CG  1 
ATOM   1003 C  CD  . PRO A 1 126 ? -6.095  2.098   8.080   1.00 13.04  ? 126 PRO A CD  1 
ATOM   1004 N  N   . ASP A 1 127 ? -10.685 2.463   9.209   1.00 15.39  ? 127 ASP A N   1 
ATOM   1005 C  CA  . ASP A 1 127 ? -12.044 2.568   8.695   1.00 14.46  ? 127 ASP A CA  1 
ATOM   1006 C  C   . ASP A 1 127 ? -12.143 3.702   7.628   1.00 9.73   ? 127 ASP A C   1 
ATOM   1007 O  O   . ASP A 1 127 ? -11.533 4.732   7.743   1.00 16.31  ? 127 ASP A O   1 
ATOM   1008 C  CB  . ASP A 1 127 ? -13.033 2.807   9.900   1.00 18.81  ? 127 ASP A CB  1 
ATOM   1009 C  CG  . ASP A 1 127 ? -13.423 1.490   10.575  1.00 22.87  ? 127 ASP A CG  1 
ATOM   1010 O  OD1 . ASP A 1 127 ? -13.106 0.416   10.084  1.00 25.64  ? 127 ASP A OD1 1 
ATOM   1011 O  OD2 . ASP A 1 127 ? -14.359 1.567   11.525  1.00 27.60  ? 127 ASP A OD2 1 
ATOM   1012 N  N   . TYR A 1 128 ? -12.944 3.504   6.577   1.00 13.23  ? 128 TYR A N   1 
ATOM   1013 C  CA  . TYR A 1 128 ? -13.211 4.503   5.577   1.00 12.79  ? 128 TYR A CA  1 
ATOM   1014 C  C   . TYR A 1 128 ? -14.725 4.417   5.439   1.00 16.46  ? 128 TYR A C   1 
ATOM   1015 O  O   . TYR A 1 128 ? -15.283 3.322   5.442   1.00 16.28  ? 128 TYR A O   1 
ATOM   1016 C  CB  . TYR A 1 128 ? -12.413 4.398   4.276   1.00 15.28  ? 128 TYR A CB  1 
ATOM   1017 C  CG  . TYR A 1 128 ? -12.541 3.028   3.665   1.00 11.49  ? 128 TYR A CG  1 
ATOM   1018 C  CD1 . TYR A 1 128 ? -11.795 1.945   4.148   1.00 11.14  ? 128 TYR A CD1 1 
ATOM   1019 C  CD2 . TYR A 1 128 ? -13.417 2.840   2.589   1.00 11.27  ? 128 TYR A CD2 1 
ATOM   1020 C  CE1 . TYR A 1 128 ? -11.929 0.715   3.497   1.00 6.80   ? 128 TYR A CE1 1 
ATOM   1021 C  CE2 . TYR A 1 128 ? -13.568 1.599   1.961   1.00 16.25  ? 128 TYR A CE2 1 
ATOM   1022 C  CZ  . TYR A 1 128 ? -12.823 0.514   2.436   1.00 14.93  ? 128 TYR A CZ  1 
ATOM   1023 O  OH  . TYR A 1 128 ? -12.978 -0.745  1.854   1.00 16.59  ? 128 TYR A OH  1 
ATOM   1024 N  N   . GLU A 1 129 ? -15.392 5.556   5.410   1.00 14.05  ? 129 GLU A N   1 
ATOM   1025 C  CA  . GLU A 1 129 ? -16.817 5.619   5.395   1.00 13.06  ? 129 GLU A CA  1 
ATOM   1026 C  C   . GLU A 1 129 ? -17.388 5.859   4.019   1.00 18.13  ? 129 GLU A C   1 
ATOM   1027 O  O   . GLU A 1 129 ? -16.862 6.627   3.240   1.00 18.04  ? 129 GLU A O   1 
ATOM   1028 C  CB  . GLU A 1 129 ? -17.251 6.668   6.450   1.00 10.38  ? 129 GLU A CB  1 
ATOM   1029 C  CG  . GLU A 1 129 ? -16.485 6.536   7.769   1.00 11.23  ? 129 GLU A CG  1 
ATOM   1030 C  CD  . GLU A 1 129 ? -16.683 5.177   8.456   1.00 17.63  ? 129 GLU A CD  1 
ATOM   1031 O  OE1 . GLU A 1 129 ? -17.654 4.473   8.275   1.00 11.28  ? 129 GLU A OE1 1 
ATOM   1032 O  OE2 . GLU A 1 129 ? -15.714 4.800   9.283   1.00 20.80  ? 129 GLU A OE2 1 
ATOM   1033 N  N   . PRO A 1 130 ? -18.489 5.149   3.732   1.00 18.32  ? 130 PRO A N   1 
ATOM   1034 C  CA  . PRO A 1 130 ? -19.218 5.190   2.470   1.00 20.16  ? 130 PRO A CA  1 
ATOM   1035 C  C   . PRO A 1 130 ? -19.537 6.601   1.917   1.00 20.04  ? 130 PRO A C   1 
ATOM   1036 O  O   . PRO A 1 130 ? -19.535 6.835   0.724   1.00 24.45  ? 130 PRO A O   1 
ATOM   1037 C  CB  . PRO A 1 130 ? -20.493 4.415   2.728   1.00 23.15  ? 130 PRO A CB  1 
ATOM   1038 C  CG  . PRO A 1 130 ? -20.424 3.816   4.118   1.00 20.64  ? 130 PRO A CG  1 
ATOM   1039 C  CD  . PRO A 1 130 ? -19.100 4.239   4.715   1.00 18.20  ? 130 PRO A CD  1 
ATOM   1040 N  N   . ASP A 1 131 ? -19.811 7.551   2.800   1.00 19.12  ? 131 ASP A N   1 
ATOM   1041 C  CA  . ASP A 1 131 ? -20.113 8.915   2.435   1.00 31.71  ? 131 ASP A CA  1 
ATOM   1042 C  C   . ASP A 1 131 ? -18.903 9.687   1.992   1.00 31.01  ? 131 ASP A C   1 
ATOM   1043 O  O   . ASP A 1 131 ? -19.082 10.669  1.288   1.00 31.88  ? 131 ASP A O   1 
ATOM   1044 C  CB  . ASP A 1 131 ? -20.470 9.711   3.700   1.00 46.01  ? 131 ASP A CB  1 
ATOM   1045 C  CG  . ASP A 1 131 ? -21.896 9.550   4.168   1.00 63.84  ? 131 ASP A CG  1 
ATOM   1046 O  OD1 . ASP A 1 131 ? -22.623 8.706   3.437   1.00 68.23  ? 131 ASP A OD1 1 
ATOM   1047 O  OD2 . ASP A 1 131 ? -22.301 10.094  5.190   1.00 70.36  ? 131 ASP A OD2 1 
ATOM   1048 N  N   . ASP A 1 132 ? -17.705 9.286   2.430   1.00 20.57  ? 132 ASP A N   1 
ATOM   1049 C  CA  . ASP A 1 132 ? -16.531 10.052  2.048   1.00 21.81  ? 132 ASP A CA  1 
ATOM   1050 C  C   . ASP A 1 132 ? -15.820 9.539   0.814   1.00 16.89  ? 132 ASP A C   1 
ATOM   1051 O  O   . ASP A 1 132 ? -14.893 10.157  0.294   1.00 13.29  ? 132 ASP A O   1 
ATOM   1052 C  CB  . ASP A 1 132 ? -15.505 9.897   3.191   1.00 27.68  ? 132 ASP A CB  1 
ATOM   1053 C  CG  . ASP A 1 132 ? -15.904 10.675  4.395   1.00 33.21  ? 132 ASP A CG  1 
ATOM   1054 O  OD1 . ASP A 1 132 ? -16.128 11.861  4.333   1.00 41.46  ? 132 ASP A OD1 1 
ATOM   1055 O  OD2 . ASP A 1 132 ? -15.670 10.063  5.530   1.00 33.13  ? 132 ASP A OD2 1 
ATOM   1056 N  N   . TRP A 1 133 ? -16.228 8.387   0.357   1.00 11.87  ? 133 TRP A N   1 
ATOM   1057 C  CA  . TRP A 1 133 ? -15.544 7.810   -0.784  1.00 17.96  ? 133 TRP A CA  1 
ATOM   1058 C  C   . TRP A 1 133 ? -16.503 7.199   -1.794  1.00 21.50  ? 133 TRP A C   1 
ATOM   1059 O  O   . TRP A 1 133 ? -17.529 6.648   -1.399  1.00 27.10  ? 133 TRP A O   1 
ATOM   1060 C  CB  . TRP A 1 133 ? -14.725 6.612   -0.171  1.00 17.34  ? 133 TRP A CB  1 
ATOM   1061 C  CG  . TRP A 1 133 ? -13.676 7.028   0.827   1.00 12.26  ? 133 TRP A CG  1 
ATOM   1062 C  CD1 . TRP A 1 133 ? -13.785 7.109   2.187   1.00 9.05   ? 133 TRP A CD1 1 
ATOM   1063 C  CD2 . TRP A 1 133 ? -12.342 7.472   0.492   1.00 15.69  ? 133 TRP A CD2 1 
ATOM   1064 N  NE1 . TRP A 1 133 ? -12.613 7.581   2.715   1.00 14.74  ? 133 TRP A NE1 1 
ATOM   1065 C  CE2 . TRP A 1 133 ? -11.707 7.812   1.706   1.00 15.45  ? 133 TRP A CE2 1 
ATOM   1066 C  CE3 . TRP A 1 133 ? -11.619 7.622   -0.738  1.00 19.21  ? 133 TRP A CE3 1 
ATOM   1067 C  CZ2 . TRP A 1 133 ? -10.376 8.300   1.703   1.00 15.69  ? 133 TRP A CZ2 1 
ATOM   1068 C  CZ3 . TRP A 1 133 ? -10.303 8.101   -0.743  1.00 15.18  ? 133 TRP A CZ3 1 
ATOM   1069 C  CH2 . TRP A 1 133 ? -9.707  8.426   0.481   1.00 13.81  ? 133 TRP A CH2 1 
ATOM   1070 N  N   . GLU A 1 134 ? -16.156 7.301   -3.072  1.00 6.59   ? 134 GLU A N   1 
ATOM   1071 C  CA  . GLU A 1 134 ? -16.878 6.749   -4.194  1.00 13.22  ? 134 GLU A CA  1 
ATOM   1072 C  C   . GLU A 1 134 ? -16.090 5.624   -4.844  1.00 16.70  ? 134 GLU A C   1 
ATOM   1073 O  O   . GLU A 1 134 ? -14.902 5.764   -5.223  1.00 12.87  ? 134 GLU A O   1 
ATOM   1074 C  CB  . GLU A 1 134 ? -17.168 7.782   -5.317  1.00 13.58  ? 134 GLU A CB  1 
ATOM   1075 C  CG  . GLU A 1 134 ? -17.938 7.169   -6.491  1.00 26.55  ? 134 GLU A CG  1 
ATOM   1076 C  CD  . GLU A 1 134 ? -17.993 8.104   -7.699  1.00 51.41  ? 134 GLU A CD  1 
ATOM   1077 O  OE1 . GLU A 1 134 ? -17.459 9.210   -7.700  1.00 57.70  ? 134 GLU A OE1 1 
ATOM   1078 O  OE2 . GLU A 1 134 ? -18.642 7.611   -8.760  1.00 61.85  ? 134 GLU A OE2 1 
ATOM   1079 N  N   . SER A 1 135 ? -16.783 4.497   -5.013  1.00 11.65  ? 135 SER A N   1 
ATOM   1080 C  CA  . SER A 1 135 ? -16.105 3.438   -5.638  1.00 7.81   ? 135 SER A CA  1 
ATOM   1081 C  C   . SER A 1 135 ? -16.155 3.663   -7.098  1.00 17.53  ? 135 SER A C   1 
ATOM   1082 O  O   . SER A 1 135 ? -17.226 3.593   -7.679  1.00 21.46  ? 135 SER A O   1 
ATOM   1083 C  CB  . SER A 1 135 ? -16.685 2.063   -5.287  1.00 14.25  ? 135 SER A CB  1 
ATOM   1084 O  OG  . SER A 1 135 ? -16.092 1.027   -6.088  1.00 12.57  ? 135 SER A OG  1 
ATOM   1085 N  N   . VAL A 1 136 ? -15.005 3.905   -7.731  1.00 16.93  ? 136 VAL A N   1 
ATOM   1086 C  CA  . VAL A 1 136 ? -14.977 4.149   -9.166  1.00 17.93  ? 136 VAL A CA  1 
ATOM   1087 C  C   . VAL A 1 136 ? -14.500 2.997   -10.018 1.00 22.79  ? 136 VAL A C   1 
ATOM   1088 O  O   . VAL A 1 136 ? -14.520 3.103   -11.239 1.00 24.44  ? 136 VAL A O   1 
ATOM   1089 C  CB  . VAL A 1 136 ? -14.158 5.385   -9.532  1.00 16.58  ? 136 VAL A CB  1 
ATOM   1090 C  CG1 . VAL A 1 136 ? -14.738 6.561   -8.752  1.00 12.58  ? 136 VAL A CG1 1 
ATOM   1091 C  CG2 . VAL A 1 136 ? -12.658 5.140   -9.218  1.00 15.34  ? 136 VAL A CG2 1 
ATOM   1092 N  N   . PHE A 1 137 ? -14.056 1.902   -9.397  1.00 17.25  ? 137 PHE A N   1 
ATOM   1093 C  CA  . PHE A 1 137 ? -13.610 0.809   -10.244 1.00 16.76  ? 137 PHE A CA  1 
ATOM   1094 C  C   . PHE A 1 137 ? -13.562 -0.393  -9.373  1.00 16.05  ? 137 PHE A C   1 
ATOM   1095 O  O   . PHE A 1 137 ? -13.195 -0.177  -8.226  1.00 17.24  ? 137 PHE A O   1 
ATOM   1096 C  CB  . PHE A 1 137 ? -12.270 1.100   -10.835 1.00 22.19  ? 137 PHE A CB  1 
ATOM   1097 C  CG  . PHE A 1 137 ? -11.653 -0.115  -11.441 1.00 21.53  ? 137 PHE A CG  1 
ATOM   1098 C  CD1 . PHE A 1 137 ? -10.889 -0.984  -10.662 1.00 19.71  ? 137 PHE A CD1 1 
ATOM   1099 C  CD2 . PHE A 1 137 ? -11.796 -0.384  -12.803 1.00 22.86  ? 137 PHE A CD2 1 
ATOM   1100 C  CE1 . PHE A 1 137 ? -10.277 -2.101  -11.238 1.00 26.12  ? 137 PHE A CE1 1 
ATOM   1101 C  CE2 . PHE A 1 137 ? -11.202 -1.501  -13.391 1.00 24.19  ? 137 PHE A CE2 1 
ATOM   1102 C  CZ  . PHE A 1 137 ? -10.435 -2.367  -12.602 1.00 30.11  ? 137 PHE A CZ  1 
ATOM   1103 N  N   . SER A 1 138 ? -13.956 -1.566  -9.918  1.00 15.60  ? 138 SER A N   1 
ATOM   1104 C  CA  . SER A 1 138 ? -14.036 -2.778  -9.151  1.00 21.17  ? 138 SER A CA  1 
ATOM   1105 C  C   . SER A 1 138 ? -13.845 -3.998  -10.023 1.00 22.86  ? 138 SER A C   1 
ATOM   1106 O  O   . SER A 1 138 ? -14.382 -4.025  -11.135 1.00 22.76  ? 138 SER A O   1 
ATOM   1107 C  CB  . SER A 1 138 ? -15.471 -2.748  -8.662  1.00 24.70  ? 138 SER A CB  1 
ATOM   1108 O  OG  . SER A 1 138 ? -15.770 -3.766  -7.746  1.00 39.23  ? 138 SER A OG  1 
ATOM   1109 N  N   . GLU A 1 139 ? -13.118 -5.021  -9.570  1.00 17.81  ? 139 GLU A N   1 
ATOM   1110 C  CA  . GLU A 1 139 ? -12.960 -6.123  -10.452 1.00 14.05  ? 139 GLU A CA  1 
ATOM   1111 C  C   . GLU A 1 139 ? -12.731 -7.351  -9.666  1.00 15.53  ? 139 GLU A C   1 
ATOM   1112 O  O   . GLU A 1 139 ? -11.714 -7.511  -8.983  1.00 18.05  ? 139 GLU A O   1 
ATOM   1113 C  CB  . GLU A 1 139 ? -11.883 -5.778  -11.418 1.00 14.77  ? 139 GLU A CB  1 
ATOM   1114 C  CG  . GLU A 1 139 ? -11.581 -6.945  -12.315 1.00 25.55  ? 139 GLU A CG  1 
ATOM   1115 C  CD  . GLU A 1 139 ? -10.336 -6.674  -13.132 1.00 31.77  ? 139 GLU A CD  1 
ATOM   1116 O  OE1 . GLU A 1 139 ? -10.507 -5.658  -13.920 1.00 42.94  ? 139 GLU A OE1 1 
ATOM   1117 O  OE2 . GLU A 1 139 ? -9.241  -7.174  -12.949 1.00 24.44  ? 139 GLU A OE2 1 
ATOM   1118 N  N   . PHE A 1 140 ? -13.740 -8.198  -9.746  1.00 19.43  ? 140 PHE A N   1 
ATOM   1119 C  CA  . PHE A 1 140 ? -13.773 -9.453  -9.001  1.00 27.00  ? 140 PHE A CA  1 
ATOM   1120 C  C   . PHE A 1 140 ? -13.044 -10.633 -9.614  1.00 20.91  ? 140 PHE A C   1 
ATOM   1121 O  O   . PHE A 1 140 ? -13.097 -10.830 -10.821 1.00 25.32  ? 140 PHE A O   1 
ATOM   1122 C  CB  . PHE A 1 140 ? -15.137 -9.786  -8.404  1.00 40.17  ? 140 PHE A CB  1 
ATOM   1123 C  CG  . PHE A 1 140 ? -14.990 -11.172 -7.838  1.00 61.07  ? 140 PHE A CG  1 
ATOM   1124 C  CD1 . PHE A 1 140 ? -14.410 -11.366 -6.582  1.00 67.77  ? 140 PHE A CD1 1 
ATOM   1125 C  CD2 . PHE A 1 140 ? -15.389 -12.295 -8.573  1.00 70.26  ? 140 PHE A CD2 1 
ATOM   1126 C  CE1 . PHE A 1 140 ? -14.260 -12.657 -6.071  1.00 73.12  ? 140 PHE A CE1 1 
ATOM   1127 C  CE2 . PHE A 1 140 ? -15.249 -13.595 -8.079  1.00 73.98  ? 140 PHE A CE2 1 
ATOM   1128 C  CZ  . PHE A 1 140 ? -14.678 -13.765 -6.817  1.00 75.27  ? 140 PHE A CZ  1 
ATOM   1129 N  N   . HIS A 1 141 ? -12.335 -11.430 -8.824  1.00 12.65  ? 141 HIS A N   1 
ATOM   1130 C  CA  . HIS A 1 141 ? -11.605 -12.546 -9.455  1.00 13.46  ? 141 HIS A CA  1 
ATOM   1131 C  C   . HIS A 1 141 ? -11.615 -13.743 -8.559  1.00 16.33  ? 141 HIS A C   1 
ATOM   1132 O  O   . HIS A 1 141 ? -11.458 -13.588 -7.348  1.00 13.26  ? 141 HIS A O   1 
ATOM   1133 C  CB  . HIS A 1 141 ? -10.138 -12.226 -9.601  1.00 16.63  ? 141 HIS A CB  1 
ATOM   1134 C  CG  . HIS A 1 141 ? -9.820  -11.145 -10.596 1.00 21.11  ? 141 HIS A CG  1 
ATOM   1135 N  ND1 . HIS A 1 141 ? -9.562  -11.454 -11.941 1.00 19.65  ? 141 HIS A ND1 1 
ATOM   1136 C  CD2 . HIS A 1 141 ? -9.655  -9.801  -10.437 1.00 17.59  ? 141 HIS A CD2 1 
ATOM   1137 C  CE1 . HIS A 1 141 ? -9.296  -10.297 -12.563 1.00 23.60  ? 141 HIS A CE1 1 
ATOM   1138 N  NE2 . HIS A 1 141 ? -9.346  -9.306  -11.691 1.00 20.10  ? 141 HIS A NE2 1 
ATOM   1139 N  N   . ASP A 1 142 ? -11.791 -14.905 -9.159  1.00 20.05  ? 142 ASP A N   1 
ATOM   1140 C  CA  . ASP A 1 142 ? -11.852 -16.143 -8.443  1.00 24.52  ? 142 ASP A CA  1 
ATOM   1141 C  C   . ASP A 1 142 ? -10.490 -16.712 -8.275  1.00 18.01  ? 142 ASP A C   1 
ATOM   1142 O  O   . ASP A 1 142 ? -9.639  -16.408 -9.061  1.00 19.23  ? 142 ASP A O   1 
ATOM   1143 C  CB  . ASP A 1 142 ? -12.571 -17.189 -9.275  1.00 37.84  ? 142 ASP A CB  1 
ATOM   1144 C  CG  . ASP A 1 142 ? -14.029 -16.927 -9.353  1.00 54.84  ? 142 ASP A CG  1 
ATOM   1145 O  OD1 . ASP A 1 142 ? -14.749 -17.038 -8.387  1.00 57.88  ? 142 ASP A OD1 1 
ATOM   1146 O  OD2 . ASP A 1 142 ? -14.438 -16.527 -10.553 1.00 65.48  ? 142 ASP A OD2 1 
ATOM   1147 N  N   . ALA A 1 143 ? -10.348 -17.550 -7.259  1.00 17.00  ? 143 ALA A N   1 
ATOM   1148 C  CA  . ALA A 1 143 ? -9.104  -18.223 -7.013  1.00 19.48  ? 143 ALA A CA  1 
ATOM   1149 C  C   . ALA A 1 143 ? -8.881  -19.078 -8.290  1.00 23.89  ? 143 ALA A C   1 
ATOM   1150 O  O   . ALA A 1 143 ? -9.813  -19.367 -9.083  1.00 19.68  ? 143 ALA A O   1 
ATOM   1151 C  CB  . ALA A 1 143 ? -9.262  -19.020 -5.719  1.00 22.81  ? 143 ALA A CB  1 
ATOM   1152 N  N   . ASP A 1 144 ? -7.645  -19.448 -8.574  1.00 25.14  ? 144 ASP A N   1 
ATOM   1153 C  CA  . ASP A 1 144 ? -7.326  -20.229 -9.772  1.00 27.56  ? 144 ASP A CA  1 
ATOM   1154 C  C   . ASP A 1 144 ? -5.984  -20.932 -9.600  1.00 28.27  ? 144 ASP A C   1 
ATOM   1155 O  O   . ASP A 1 144 ? -5.487  -20.999 -8.505  1.00 25.12  ? 144 ASP A O   1 
ATOM   1156 C  CB  . ASP A 1 144 ? -7.310  -19.451 -11.108 1.00 23.31  ? 144 ASP A CB  1 
ATOM   1157 C  CG  . ASP A 1 144 ? -6.269  -18.392 -11.147 1.00 25.12  ? 144 ASP A CG  1 
ATOM   1158 O  OD1 . ASP A 1 144 ? -5.245  -18.338 -10.441 1.00 25.53  ? 144 ASP A OD1 1 
ATOM   1159 O  OD2 . ASP A 1 144 ? -6.542  -17.572 -12.099 1.00 30.17  ? 144 ASP A OD2 1 
ATOM   1160 N  N   . ALA A 1 145 ? -5.405  -21.435 -10.692 1.00 25.54  ? 145 ALA A N   1 
ATOM   1161 C  CA  . ALA A 1 145 ? -4.196  -22.151 -10.558 1.00 35.74  ? 145 ALA A CA  1 
ATOM   1162 C  C   . ALA A 1 145 ? -3.042  -21.379 -10.024 1.00 32.43  ? 145 ALA A C   1 
ATOM   1163 O  O   . ALA A 1 145 ? -2.108  -21.931 -9.468  1.00 24.57  ? 145 ALA A O   1 
ATOM   1164 C  CB  . ALA A 1 145 ? -3.842  -22.772 -11.887 1.00 43.88  ? 145 ALA A CB  1 
ATOM   1165 N  N   . GLN A 1 146 ? -3.089  -20.092 -10.206 1.00 30.42  ? 146 GLN A N   1 
ATOM   1166 C  CA  . GLN A 1 146 ? -1.950  -19.365 -9.722  1.00 24.98  ? 146 GLN A CA  1 
ATOM   1167 C  C   . GLN A 1 146 ? -2.313  -18.533 -8.501  1.00 20.17  ? 146 GLN A C   1 
ATOM   1168 O  O   . GLN A 1 146 ? -1.407  -18.172 -7.746  1.00 17.91  ? 146 GLN A O   1 
ATOM   1169 C  CB  . GLN A 1 146 ? -1.284  -18.505 -10.857 1.00 29.65  ? 146 GLN A CB  1 
ATOM   1170 C  CG  . GLN A 1 146 ? -0.508  -19.268 -11.975 1.00 33.77  ? 146 GLN A CG  1 
ATOM   1171 N  NE2 . GLN A 1 146 ? 1.514   -21.601 -12.131 1.00 70.89  ? 146 GLN A NE2 1 
ATOM   1172 N  N   . ASN A 1 147 ? -3.624  -18.238 -8.303  1.00 18.72  ? 147 ASN A N   1 
ATOM   1173 C  CA  . ASN A 1 147 ? -4.012  -17.447 -7.167  1.00 16.01  ? 147 ASN A CA  1 
ATOM   1174 C  C   . ASN A 1 147 ? -4.813  -18.263 -6.194  1.00 19.61  ? 147 ASN A C   1 
ATOM   1175 O  O   . ASN A 1 147 ? -5.925  -18.727 -6.536  1.00 18.96  ? 147 ASN A O   1 
ATOM   1176 C  CB  . ASN A 1 147 ? -4.782  -16.200 -7.618  1.00 10.90  ? 147 ASN A CB  1 
ATOM   1177 C  CG  . ASN A 1 147 ? -3.859  -15.361 -8.479  1.00 14.57  ? 147 ASN A CG  1 
ATOM   1178 O  OD1 . ASN A 1 147 ? -3.188  -14.495 -7.951  1.00 15.90  ? 147 ASN A OD1 1 
ATOM   1179 N  ND2 . ASN A 1 147 ? -3.718  -15.682 -9.774  1.00 17.75  ? 147 ASN A ND2 1 
ATOM   1180 N  N   . SER A 1 148 ? -4.245  -18.357 -4.979  1.00 17.02  ? 148 SER A N   1 
ATOM   1181 C  CA  . SER A 1 148 ? -4.815  -19.128 -3.894  1.00 17.34  ? 148 SER A CA  1 
ATOM   1182 C  C   . SER A 1 148 ? -6.230  -18.814 -3.416  1.00 18.11  ? 148 SER A C   1 
ATOM   1183 O  O   . SER A 1 148 ? -7.066  -19.709 -3.046  1.00 17.68  ? 148 SER A O   1 
ATOM   1184 C  CB  . SER A 1 148 ? -3.842  -19.115 -2.731  1.00 15.68  ? 148 SER A CB  1 
ATOM   1185 O  OG  . SER A 1 148 ? -3.653  -17.784 -2.258  1.00 13.54  ? 148 SER A OG  1 
ATOM   1186 N  N   . HIS A 1 149 ? -6.549  -17.515 -3.368  1.00 16.11  ? 149 HIS A N   1 
ATOM   1187 C  CA  . HIS A 1 149 ? -7.825  -17.085 -2.877  1.00 11.50  ? 149 HIS A CA  1 
ATOM   1188 C  C   . HIS A 1 149 ? -8.532  -16.196 -3.860  1.00 14.90  ? 149 HIS A C   1 
ATOM   1189 O  O   . HIS A 1 149 ? -7.860  -15.696 -4.746  1.00 14.79  ? 149 HIS A O   1 
ATOM   1190 C  CB  . HIS A 1 149 ? -7.486  -16.244 -1.620  1.00 12.98  ? 149 HIS A CB  1 
ATOM   1191 C  CG  . HIS A 1 149 ? -7.075  -17.141 -0.470  1.00 16.38  ? 149 HIS A CG  1 
ATOM   1192 N  ND1 . HIS A 1 149 ? -5.851  -17.849 -0.448  1.00 19.81  ? 149 HIS A ND1 1 
ATOM   1193 C  CD2 . HIS A 1 149 ? -7.760  -17.473 0.672   1.00 10.31  ? 149 HIS A CD2 1 
ATOM   1194 C  CE1 . HIS A 1 149 ? -5.846  -18.577 0.670   1.00 22.05  ? 149 HIS A CE1 1 
ATOM   1195 N  NE2 . HIS A 1 149 ? -6.957  -18.378 1.376   1.00 16.99  ? 149 HIS A NE2 1 
ATOM   1196 N  N   . SER A 1 150 ? -9.884  -15.964 -3.700  1.00 12.19  ? 150 SER A N   1 
ATOM   1197 C  CA  . SER A 1 150 ? -10.555 -14.989 -4.585  1.00 18.92  ? 150 SER A CA  1 
ATOM   1198 C  C   . SER A 1 150 ? -10.229 -13.571 -4.006  1.00 16.35  ? 150 SER A C   1 
ATOM   1199 O  O   . SER A 1 150 ? -9.985  -13.376 -2.772  1.00 18.30  ? 150 SER A O   1 
ATOM   1200 C  CB  . SER A 1 150 ? -12.057 -15.072 -4.658  1.00 25.76  ? 150 SER A CB  1 
ATOM   1201 O  OG  . SER A 1 150 ? -12.487 -16.009 -3.740  1.00 33.67  ? 150 SER A OG  1 
ATOM   1202 N  N   . TYR A 1 151 ? -10.214 -12.594 -4.873  1.00 13.97  ? 151 TYR A N   1 
ATOM   1203 C  CA  . TYR A 1 151 ? -9.919  -11.236 -4.534  1.00 11.76  ? 151 TYR A CA  1 
ATOM   1204 C  C   . TYR A 1 151 ? -10.655 -10.300 -5.477  1.00 14.06  ? 151 TYR A C   1 
ATOM   1205 O  O   . TYR A 1 151 ? -11.049 -10.580 -6.613  1.00 13.41  ? 151 TYR A O   1 
ATOM   1206 C  CB  . TYR A 1 151 ? -8.419  -10.973 -4.603  1.00 17.83  ? 151 TYR A CB  1 
ATOM   1207 C  CG  . TYR A 1 151 ? -7.904  -11.424 -5.950  1.00 19.98  ? 151 TYR A CG  1 
ATOM   1208 C  CD1 . TYR A 1 151 ? -7.722  -12.788 -6.194  1.00 15.51  ? 151 TYR A CD1 1 
ATOM   1209 C  CD2 . TYR A 1 151 ? -7.622  -10.500 -6.956  1.00 15.97  ? 151 TYR A CD2 1 
ATOM   1210 C  CE1 . TYR A 1 151 ? -7.300  -13.261 -7.429  1.00 16.25  ? 151 TYR A CE1 1 
ATOM   1211 C  CE2 . TYR A 1 151 ? -7.170  -10.978 -8.181  1.00 12.79  ? 151 TYR A CE2 1 
ATOM   1212 C  CZ  . TYR A 1 151 ? -7.027  -12.338 -8.426  1.00 16.20  ? 151 TYR A CZ  1 
ATOM   1213 O  OH  . TYR A 1 151 ? -6.622  -12.785 -9.664  1.00 23.94  ? 151 TYR A OH  1 
ATOM   1214 N  N   . CYS A 1 152 ? -10.855 -9.135  -4.969  1.00 16.53  ? 152 CYS A N   1 
ATOM   1215 C  CA  . CYS A 1 152 ? -11.547 -8.114  -5.710  1.00 16.22  ? 152 CYS A CA  1 
ATOM   1216 C  C   . CYS A 1 152 ? -10.680 -6.845  -5.772  1.00 16.28  ? 152 CYS A C   1 
ATOM   1217 O  O   . CYS A 1 152 ? -10.272 -6.359  -4.723  1.00 11.46  ? 152 CYS A O   1 
ATOM   1218 C  CB  . CYS A 1 152 ? -12.796 -7.742  -4.913  1.00 18.32  ? 152 CYS A CB  1 
ATOM   1219 S  SG  . CYS A 1 152 ? -13.657 -6.434  -5.805  1.00 29.66  ? 152 CYS A SG  1 
ATOM   1220 N  N   . PHE A 1 153 ? -10.367 -6.294  -6.946  1.00 13.14  ? 153 PHE A N   1 
ATOM   1221 C  CA  . PHE A 1 153 ? -9.557  -5.081  -6.891  1.00 7.86   ? 153 PHE A CA  1 
ATOM   1222 C  C   . PHE A 1 153 ? -10.558 -3.929  -6.844  1.00 12.67  ? 153 PHE A C   1 
ATOM   1223 O  O   . PHE A 1 153 ? -11.655 -4.013  -7.414  1.00 16.22  ? 153 PHE A O   1 
ATOM   1224 C  CB  . PHE A 1 153 ? -8.716  -4.907  -8.172  1.00 5.71   ? 153 PHE A CB  1 
ATOM   1225 C  CG  . PHE A 1 153 ? -7.626  -5.965  -8.387  1.00 11.59  ? 153 PHE A CG  1 
ATOM   1226 C  CD1 . PHE A 1 153 ? -6.678  -6.252  -7.402  1.00 11.82  ? 153 PHE A CD1 1 
ATOM   1227 C  CD2 . PHE A 1 153 ? -7.557  -6.659  -9.598  1.00 6.28   ? 153 PHE A CD2 1 
ATOM   1228 C  CE1 . PHE A 1 153 ? -5.669  -7.201  -7.589  1.00 9.61   ? 153 PHE A CE1 1 
ATOM   1229 C  CE2 . PHE A 1 153 ? -6.557  -7.619  -9.796  1.00 9.12   ? 153 PHE A CE2 1 
ATOM   1230 C  CZ  . PHE A 1 153 ? -5.592  -7.874  -8.810  1.00 5.90   ? 153 PHE A CZ  1 
ATOM   1231 N  N   . GLU A 1 154 ? -10.217 -2.848  -6.201  1.00 6.60   ? 154 GLU A N   1 
ATOM   1232 C  CA  . GLU A 1 154 ? -11.099 -1.719  -6.153  1.00 6.83   ? 154 GLU A CA  1 
ATOM   1233 C  C   . GLU A 1 154 ? -10.279 -0.441  -6.028  1.00 12.30  ? 154 GLU A C   1 
ATOM   1234 O  O   . GLU A 1 154 ? -9.227  -0.345  -5.347  1.00 10.01  ? 154 GLU A O   1 
ATOM   1235 C  CB  . GLU A 1 154 ? -12.010 -1.844  -4.893  1.00 13.85  ? 154 GLU A CB  1 
ATOM   1236 C  CG  . GLU A 1 154 ? -13.034 -0.669  -4.737  1.00 13.73  ? 154 GLU A CG  1 
ATOM   1237 C  CD  . GLU A 1 154 ? -14.089 -0.755  -3.677  1.00 15.57  ? 154 GLU A CD  1 
ATOM   1238 O  OE1 . GLU A 1 154 ? -13.734 -1.257  -2.564  1.00 16.95  ? 154 GLU A OE1 1 
ATOM   1239 O  OE2 . GLU A 1 154 ? -15.189 -0.305  -3.808  1.00 21.44  ? 154 GLU A OE2 1 
ATOM   1240 N  N   . ILE A 1 155 ? -10.848 0.577   -6.649  1.00 9.96   ? 155 ILE A N   1 
ATOM   1241 C  CA  . ILE A 1 155 ? -10.380 1.957   -6.662  1.00 9.23   ? 155 ILE A CA  1 
ATOM   1242 C  C   . ILE A 1 155 ? -11.491 2.868   -6.139  1.00 12.62  ? 155 ILE A C   1 
ATOM   1243 O  O   . ILE A 1 155 ? -12.610 2.855   -6.632  1.00 15.44  ? 155 ILE A O   1 
ATOM   1244 C  CB  . ILE A 1 155 ? -9.764  2.503   -7.964  1.00 9.93   ? 155 ILE A CB  1 
ATOM   1245 C  CG1 . ILE A 1 155 ? -8.663  1.605   -8.422  1.00 8.88   ? 155 ILE A CG1 1 
ATOM   1246 C  CG2 . ILE A 1 155 ? -9.160  3.879   -7.760  1.00 8.08   ? 155 ILE A CG2 1 
ATOM   1247 C  CD1 . ILE A 1 155 ? -8.110  2.250   -9.669  1.00 6.54   ? 155 ILE A CD1 1 
ATOM   1248 N  N   . LEU A 1 156 ? -11.135 3.678   -5.130  1.00 12.19  ? 156 LEU A N   1 
ATOM   1249 C  CA  . LEU A 1 156 ? -12.056 4.621   -4.522  1.00 10.04  ? 156 LEU A CA  1 
ATOM   1250 C  C   . LEU A 1 156 ? -11.490 6.037   -4.573  1.00 13.99  ? 156 LEU A C   1 
ATOM   1251 O  O   . LEU A 1 156 ? -10.298 6.216   -4.363  1.00 12.77  ? 156 LEU A O   1 
ATOM   1252 C  CB  . LEU A 1 156 ? -12.327 4.262   -3.064  1.00 5.94   ? 156 LEU A CB  1 
ATOM   1253 C  CG  . LEU A 1 156 ? -12.918 2.838   -2.881  1.00 17.55  ? 156 LEU A CG  1 
ATOM   1254 C  CD1 . LEU A 1 156 ? -11.861 1.969   -2.229  1.00 19.45  ? 156 LEU A CD1 1 
ATOM   1255 C  CD2 . LEU A 1 156 ? -14.082 2.871   -1.903  1.00 18.87  ? 156 LEU A CD2 1 
ATOM   1256 N  N   . GLU A 1 157 ? -12.341 7.017   -4.846  1.00 7.32   ? 157 GLU A N   1 
ATOM   1257 C  CA  . GLU A 1 157 ? -11.929 8.390   -4.880  1.00 7.38   ? 157 GLU A CA  1 
ATOM   1258 C  C   . GLU A 1 157 ? -12.596 9.122   -3.728  1.00 7.15   ? 157 GLU A C   1 
ATOM   1259 O  O   . GLU A 1 157 ? -13.740 8.809   -3.414  1.00 14.40  ? 157 GLU A O   1 
ATOM   1260 C  CB  . GLU A 1 157 ? -12.208 9.080   -6.234  1.00 8.25   ? 157 GLU A CB  1 
ATOM   1261 C  CG  . GLU A 1 157 ? -11.303 8.476   -7.278  1.00 16.79  ? 157 GLU A CG  1 
ATOM   1262 C  CD  . GLU A 1 157 ? -11.530 8.978   -8.697  1.00 25.62  ? 157 GLU A CD  1 
ATOM   1263 O  OE1 . GLU A 1 157 ? -12.493 9.869   -8.799  1.00 26.02  ? 157 GLU A OE1 1 
ATOM   1264 O  OE2 . GLU A 1 157 ? -10.878 8.556   -9.648  1.00 25.04  ? 157 GLU A OE2 1 
ATOM   1265 N  N   A ARG A 1 158 ? -11.887 10.056  -3.130  0.70 7.76   ? 158 ARG A N   1 
ATOM   1266 N  N   B ARG A 1 158 ? -11.904 10.061  -3.013  0.30 9.48   ? 158 ARG A N   1 
ATOM   1267 C  CA  A ARG A 1 158 ? -12.493 10.787  -2.059  0.70 8.48   ? 158 ARG A CA  1 
ATOM   1268 C  CA  B ARG A 1 158 ? -12.442 10.833  -1.853  0.30 1.44   ? 158 ARG A CA  1 
ATOM   1269 C  C   A ARG A 1 158 ? -13.648 11.558  -2.695  0.70 16.74  ? 158 ARG A C   1 
ATOM   1270 C  C   B ARG A 1 158 ? -13.515 11.799  -2.333  0.30 17.69  ? 158 ARG A C   1 
ATOM   1271 O  O   A ARG A 1 158 ? -13.551 12.163  -3.807  0.70 11.17  ? 158 ARG A O   1 
ATOM   1272 O  O   B ARG A 1 158 ? -13.181 12.793  -2.985  0.30 15.57  ? 158 ARG A O   1 
ATOM   1273 C  CB  A ARG A 1 158 ? -11.463 11.672  -1.388  0.70 12.75  ? 158 ARG A CB  1 
ATOM   1274 C  CB  B ARG A 1 158 ? -11.361 11.602  -1.088  0.30 3.47   ? 158 ARG A CB  1 
ATOM   1275 C  CG  A ARG A 1 158 ? -11.908 12.348  -0.127  0.70 17.24  ? 158 ARG A CG  1 
ATOM   1276 C  CG  B ARG A 1 158 ? -11.505 11.614  0.422   0.30 5.45   ? 158 ARG A CG  1 
ATOM   1277 C  CD  A ARG A 1 158 ? -10.790 12.887  0.734   0.70 21.23  ? 158 ARG A CD  1 
ATOM   1278 C  CD  B ARG A 1 158 ? -10.200 11.941  1.174   0.30 5.42   ? 158 ARG A CD  1 
ATOM   1279 N  NE  A ARG A 1 158 ? -10.618 12.050  1.919   0.70 25.07  ? 158 ARG A NE  1 
ATOM   1280 N  NE  B ARG A 1 158 ? -10.168 11.212  2.440   0.30 8.16   ? 158 ARG A NE  1 
ATOM   1281 C  CZ  A ARG A 1 158 ? -9.430  11.899  2.479   0.70 29.29  ? 158 ARG A CZ  1 
ATOM   1282 C  CZ  B ARG A 1 158 ? -11.037 11.408  3.422   0.30 1.00   ? 158 ARG A CZ  1 
ATOM   1283 N  NH1 A ARG A 1 158 ? -8.371  12.537  2.019   0.70 39.58  ? 158 ARG A NH1 1 
ATOM   1284 N  NH1 B ARG A 1 158 ? -11.963 12.298  3.331   0.30 1.00   ? 158 ARG A NH1 1 
ATOM   1285 N  NH2 A ARG A 1 158 ? -9.253  11.136  3.531   0.70 19.95  ? 158 ARG A NH2 1 
ATOM   1286 N  NH2 B ARG A 1 158 ? -10.968 10.683  4.541   0.30 7.16   ? 158 ARG A NH2 1 
ATOM   1287 N  N   . ARG A 1 159 ? -14.782 11.482  -1.991  1.00 27.18  ? 159 ARG A N   1 
ATOM   1288 C  CA  . ARG A 1 159 ? -16.016 12.162  -2.366  1.00 42.32  ? 159 ARG A CA  1 
ATOM   1289 C  C   . ARG A 1 159 ? -16.396 13.239  -1.399  1.00 51.39  ? 159 ARG A C   1 
ATOM   1290 O  O   . ARG A 1 159 ? -16.892 14.248  -1.925  1.00 58.50  ? 159 ARG A O   1 
ATOM   1291 C  CB  . ARG A 1 159 ? -17.178 11.299  -2.922  1.00 49.02  ? 159 ARG A CB  1 
ATOM   1292 C  CG  . ARG A 1 159 ? -18.283 11.011  -1.895  1.00 59.90  ? 159 ARG A CG  1 
ATOM   1293 C  CD  . ARG A 1 159 ? -19.599 10.417  -2.458  1.00 67.46  ? 159 ARG A CD  1 
ATOM   1294 N  NE  . ARG A 1 159 ? -19.800 8.969   -2.208  1.00 73.16  ? 159 ARG A NE  1 
ATOM   1295 C  CZ  . ARG A 1 159 ? -20.058 8.019   -3.141  1.00 73.10  ? 159 ARG A CZ  1 
ATOM   1296 N  NH1 . ARG A 1 159 ? -20.179 8.305   -4.454  1.00 71.44  ? 159 ARG A NH1 1 
ATOM   1297 N  NH2 . ARG A 1 159 ? -20.197 6.738   -2.734  1.00 71.17  ? 159 ARG A NH2 1 
ATOM   1298 O  OXT . ARG A 1 159 ? -15.973 13.124  -0.223  1.00 54.11  ? 159 ARG A OXT 1 
HETATM 1299 CL CL  . CL  B 2 .   ? 5.645   -0.246  8.546   1.00 8.34   ? 163 CL  A CL  1 
HETATM 1300 CA CA  . CA  C 3 .   ? 2.883   -15.060 2.329   1.00 42.29  ? 164 CA  A CA  1 
HETATM 1301 N  N1  A FFO D 4 .   ? -0.910  -3.826  -1.647  0.80 1.01   ? 161 FFO A N1  1 
HETATM 1302 N  N1  B FFO D 4 .   ? -0.892  -3.729  -0.871  0.20 5.31   ? 161 FFO A N1  1 
HETATM 1303 C  C2  A FFO D 4 .   ? -1.281  -4.861  -2.415  0.80 4.64   ? 161 FFO A C2  1 
HETATM 1304 C  C2  B FFO D 4 .   ? -1.012  -4.635  -1.870  0.20 1.00   ? 161 FFO A C2  1 
HETATM 1305 N  NA2 A FFO D 4 .   ? -2.070  -4.804  -3.408  0.80 2.51   ? 161 FFO A NA2 1 
HETATM 1306 N  NA2 B FFO D 4 .   ? -1.703  -4.462  -2.930  0.20 20.07  ? 161 FFO A NA2 1 
HETATM 1307 N  N3  A FFO D 4 .   ? -0.778  -6.147  -2.126  0.80 2.09   ? 161 FFO A N3  1 
HETATM 1308 N  N3  B FFO D 4 .   ? -0.328  -5.877  -1.760  0.20 1.00   ? 161 FFO A N3  1 
HETATM 1309 C  C4  A FFO D 4 .   ? 0.084   -6.382  -1.082  0.80 4.51   ? 161 FFO A C4  1 
HETATM 1310 C  C4  B FFO D 4 .   ? 0.455   -6.246  -0.707  0.20 7.65   ? 161 FFO A C4  1 
HETATM 1311 O  O4  A FFO D 4 .   ? 0.510   -7.528  -0.836  0.80 9.48   ? 161 FFO A O4  1 
HETATM 1312 O  O4  B FFO D 4 .   ? 1.019   -7.356  -0.673  0.20 1.56   ? 161 FFO A O4  1 
HETATM 1313 C  C4A A FFO D 4 .   ? 0.501   -5.209  -0.266  0.80 1.00   ? 161 FFO A C4A 1 
HETATM 1314 C  C4A B FFO D 4 .   ? 0.574   -5.241  0.376   0.20 1.28   ? 161 FFO A C4A 1 
HETATM 1315 N  N5  A FFO D 4 .   ? 1.311   -5.371  0.843   0.80 11.37  ? 161 FFO A N5  1 
HETATM 1316 N  N5  B FFO D 4 .   ? 1.608   -5.375  1.266   0.20 1.00   ? 161 FFO A N5  1 
HETATM 1317 C  C6  A FFO D 4 .   ? 1.970   -4.220  1.150   0.80 1.46   ? 161 FFO A C6  1 
HETATM 1318 C  C6  B FFO D 4 .   ? 2.312   -4.234  1.424   0.20 1.00   ? 161 FFO A C6  1 
HETATM 1319 C  C7  A FFO D 4 .   ? 1.097   -3.098  1.146   0.80 5.37   ? 161 FFO A C7  1 
HETATM 1320 C  C7  B FFO D 4 .   ? 1.525   -3.059  1.375   0.20 12.80  ? 161 FFO A C7  1 
HETATM 1321 N  N8  A FFO D 4 .   ? 0.355   -2.855  0.083   0.80 1.41   ? 161 FFO A N8  1 
HETATM 1322 N  N8  B FFO D 4 .   ? 0.290   -2.969  0.931   0.20 34.52  ? 161 FFO A N8  1 
HETATM 1323 C  C8A A FFO D 4 .   ? -0.005  -3.991  -0.576  0.80 5.84   ? 161 FFO A C8A 1 
HETATM 1324 C  C8A B FFO D 4 .   ? -0.092  -4.056  0.237   0.20 1.00   ? 161 FFO A C8A 1 
HETATM 1325 C  C9  A FFO D 4 .   ? 3.031   -3.955  0.129   0.80 4.93   ? 161 FFO A C9  1 
HETATM 1326 C  C9  B FFO D 4 .   ? 3.755   -4.270  1.037   0.20 1.00   ? 161 FFO A C9  1 
HETATM 1327 N  N10 A FFO D 4 .   ? 3.962   -5.113  0.214   0.80 1.63   ? 161 FFO A N10 1 
HETATM 1328 N  N10 B FFO D 4 .   ? 4.147   -5.664  0.611   0.20 1.00   ? 161 FFO A N10 1 
HETATM 1329 C  C11 A FFO D 4 .   ? 6.044   -6.565  -3.118  0.80 7.91   ? 161 FFO A C11 1 
HETATM 1330 C  C11 B FFO D 4 .   ? 5.740   -6.491  -3.180  0.20 6.17   ? 161 FFO A C11 1 
HETATM 1331 C  C12 A FFO D 4 .   ? 6.223   -7.139  -1.860  0.80 17.14  ? 161 FFO A C12 1 
HETATM 1332 C  C12 B FFO D 4 .   ? 6.390   -6.912  -2.012  0.20 2.56   ? 161 FFO A C12 1 
HETATM 1333 C  C13 A FFO D 4 .   ? 5.514   -6.606  -0.801  0.80 9.51   ? 161 FFO A C13 1 
HETATM 1334 C  C13 B FFO D 4 .   ? 5.831   -6.620  -0.796  0.20 32.51  ? 161 FFO A C13 1 
HETATM 1335 C  C14 A FFO D 4 .   ? 4.609   -5.506  -0.955  0.80 1.32   ? 161 FFO A C14 1 
HETATM 1336 C  C14 B FFO D 4 .   ? 4.601   -5.893  -0.704  0.20 25.26  ? 161 FFO A C14 1 
HETATM 1337 C  C15 A FFO D 4 .   ? 4.421   -4.962  -2.155  0.80 27.03  ? 161 FFO A C15 1 
HETATM 1338 C  C15 B FFO D 4 .   ? 3.952   -5.470  -1.801  0.20 1.00   ? 161 FFO A C15 1 
HETATM 1339 C  C16 A FFO D 4 .   ? 5.166   -5.504  -3.224  0.80 16.66  ? 161 FFO A C16 1 
HETATM 1340 C  C16 B FFO D 4 .   ? 4.554   -5.791  -3.042  0.20 8.06   ? 161 FFO A C16 1 
HETATM 1341 C  C   A FFO D 4 .   ? 6.722   -6.978  -4.355  0.80 25.89  ? 161 FFO A C   1 
HETATM 1342 C  C   B FFO D 4 .   ? 6.305   -6.763  -4.507  0.20 15.03  ? 161 FFO A C   1 
HETATM 1343 O  O   A FFO D 4 .   ? 7.649   -7.785  -4.357  0.80 17.91  ? 161 FFO A O   1 
HETATM 1344 O  O   B FFO D 4 .   ? 7.383   -7.335  -4.647  0.20 18.86  ? 161 FFO A O   1 
HETATM 1345 N  N   A FFO D 4 .   ? 6.348   -6.504  -5.534  0.80 7.38   ? 161 FFO A N   1 
HETATM 1346 N  N   B FFO D 4 .   ? 5.799   -6.241  -5.605  0.20 1.00   ? 161 FFO A N   1 
HETATM 1347 C  CA  A FFO D 4 .   ? 7.162   -6.650  -6.817  0.80 2.34   ? 161 FFO A CA  1 
HETATM 1348 C  CA  B FFO D 4 .   ? 6.560   -6.384  -6.892  0.20 36.17  ? 161 FFO A CA  1 
HETATM 1349 C  CB  A FFO D 4 .   ? 6.436   -7.528  -7.884  0.80 25.04  ? 161 FFO A CB  1 
HETATM 1350 C  CB  B FFO D 4 .   ? 5.975   -7.477  -7.838  0.20 4.88   ? 161 FFO A CB  1 
HETATM 1351 C  CG  A FFO D 4 .   ? 7.414   -8.568  -8.632  0.80 60.29  ? 161 FFO A CG  1 
HETATM 1352 C  CG  B FFO D 4 .   ? 7.165   -8.445  -8.356  0.20 64.89  ? 161 FFO A CG  1 
HETATM 1353 C  CD  A FFO D 4 .   ? 7.000   -9.929  -8.043  0.80 51.99  ? 161 FFO A CD  1 
HETATM 1354 C  CD  B FFO D 4 .   ? 6.834   -9.925  -8.045  0.20 61.09  ? 161 FFO A CD  1 
HETATM 1355 O  OE1 A FFO D 4 .   ? 5.823   -10.189 -8.414  0.80 100.00 ? 161 FFO A OE1 1 
HETATM 1356 O  OE1 B FFO D 4 .   ? 5.809   -10.271 -8.690  0.20 100.00 ? 161 FFO A OE1 1 
HETATM 1357 O  OE2 A FFO D 4 .   ? 7.718   -10.594 -7.263  0.80 100.00 ? 161 FFO A OE2 1 
HETATM 1358 O  OE2 B FFO D 4 .   ? 7.497   -10.638 -7.259  0.20 93.90  ? 161 FFO A OE2 1 
HETATM 1359 C  CT  A FFO D 4 .   ? 7.154   -5.283  -7.441  0.80 11.17  ? 161 FFO A CT  1 
HETATM 1360 C  CT  B FFO D 4 .   ? 6.808   -5.103  -7.626  0.20 11.73  ? 161 FFO A CT  1 
HETATM 1361 O  O1  A FFO D 4 .   ? 6.256   -4.528  -7.076  0.80 5.14   ? 161 FFO A O1  1 
HETATM 1362 O  O1  B FFO D 4 .   ? 6.027   -4.133  -7.537  0.20 38.83  ? 161 FFO A O1  1 
HETATM 1363 O  O2  A FFO D 4 .   ? 8.038   -4.893  -8.229  0.80 9.32   ? 161 FFO A O2  1 
HETATM 1364 O  O2  B FFO D 4 .   ? 7.846   -5.116  -8.318  0.20 20.46  ? 161 FFO A O2  1 
HETATM 1365 C  C5A A FFO D 4 .   ? 1.120   -6.111  1.920   0.80 13.67  ? 161 FFO A C5A 1 
HETATM 1366 C  C5A B FFO D 4 .   ? 1.433   -5.911  2.463   0.20 18.00  ? 161 FFO A C5A 1 
HETATM 1367 O  O5B A FFO D 4 .   ? 0.219   -6.968  1.884   0.80 8.48   ? 161 FFO A O5B 1 
HETATM 1368 O  O5B B FFO D 4 .   ? 2.361   -6.510  3.010   0.20 1.00   ? 161 FFO A O5B 1 
HETATM 1369 C  C1  . EOH E 5 .   ? -14.010 -0.841  6.414   1.00 28.21  ? 171 EOH A C1  1 
HETATM 1370 O  O   . EOH E 5 .   ? -14.604 -1.438  5.255   1.00 32.62  ? 171 EOH A O   1 
HETATM 1371 C  C1  . EOH F 5 .   ? 12.865  -5.735  -5.315  1.00 71.56  ? 173 EOH A C1  1 
HETATM 1372 O  O   . EOH F 5 .   ? 12.228  -5.638  -4.028  1.00 49.35  ? 173 EOH A O   1 
HETATM 1373 C  C1  . EOH G 5 .   ? 4.203   -16.603 -0.617  1.00 46.69  ? 174 EOH A C1  1 
HETATM 1374 C  C2  . EOH G 5 .   ? 5.156   -16.656 -1.769  1.00 29.67  ? 174 EOH A C2  1 
HETATM 1375 O  O   . EOH G 5 .   ? 4.181   -16.218 0.784   1.00 1.00   ? 174 EOH A O   1 
HETATM 1376 O  O   . HOH H 6 .   ? -4.444  -2.960  -4.032  1.00 3.46   ? 206 HOH A O   1 
HETATM 1377 O  O   . HOH H 6 .   ? 12.081  16.793  10.041  1.00 91.72  ? 207 HOH A O   1 
HETATM 1378 O  O   . HOH H 6 .   ? 6.356   9.966   -10.704 1.00 10.70  ? 208 HOH A O   1 
HETATM 1379 O  O   . HOH H 6 .   ? -19.046 1.489   6.466   1.00 6.94   ? 209 HOH A O   1 
HETATM 1380 O  O   . HOH H 6 .   ? 3.708   10.084  -9.684  1.00 4.25   ? 210 HOH A O   1 
HETATM 1381 O  O   . HOH H 6 .   ? 15.008  8.193   9.062   1.00 8.04   ? 211 HOH A O   1 
HETATM 1382 O  O   . HOH H 6 .   ? -0.431  -10.021 -2.253  1.00 12.28  ? 212 HOH A O   1 
HETATM 1383 O  O   . HOH H 6 .   ? 11.258  15.795  12.049  1.00 20.53  ? 213 HOH A O   1 
HETATM 1384 O  O   . HOH H 6 .   ? -16.924 0.688   1.945   1.00 73.26  ? 216 HOH A O   1 
HETATM 1385 O  O   . HOH H 6 .   ? 8.499   3.491   10.632  1.00 12.23  ? 217 HOH A O   1 
HETATM 1386 O  O   . HOH H 6 .   ? 2.656   -2.439  4.458   1.00 5.44   ? 218 HOH A O   1 
HETATM 1387 O  O   . HOH H 6 .   ? -13.941 7.860   5.588   1.00 11.61  ? 219 HOH A O   1 
HETATM 1388 O  O   . HOH H 6 .   ? 18.540  -6.441  -0.755  1.00 8.71   ? 225 HOH A O   1 
HETATM 1389 O  O   . HOH H 6 .   ? 5.536   16.267  -3.364  1.00 13.57  ? 226 HOH A O   1 
HETATM 1390 O  O   . HOH H 6 .   ? -1.796  -6.986  4.173   1.00 18.60  ? 229 HOH A O   1 
HETATM 1391 O  O   . HOH H 6 .   ? -16.024 3.644   11.695  1.00 11.47  ? 232 HOH A O   1 
HETATM 1392 O  O   . HOH H 6 .   ? 15.993  -2.610  -6.511  1.00 24.09  ? 235 HOH A O   1 
HETATM 1393 O  O   . HOH H 6 .   ? 19.207  -2.772  4.919   1.00 19.08  ? 237 HOH A O   1 
HETATM 1394 O  O   . HOH H 6 .   ? -9.272  -11.591 9.019   1.00 14.65  ? 238 HOH A O   1 
HETATM 1395 O  O   . HOH H 6 .   ? -1.722  -3.917  3.127   1.00 11.16  ? 239 HOH A O   1 
HETATM 1396 O  O   . HOH H 6 .   ? 17.727  -1.162  6.710   1.00 12.09  ? 242 HOH A O   1 
HETATM 1397 O  O   . HOH H 6 .   ? 0.306   -3.844  5.195   1.00 16.63  ? 243 HOH A O   1 
HETATM 1398 O  O   . HOH H 6 .   ? 5.469   -16.510 2.826   1.00 28.72  ? 246 HOH A O   1 
HETATM 1399 O  O   . HOH H 6 .   ? 14.059  8.066   17.249  1.00 29.32  ? 248 HOH A O   1 
HETATM 1400 O  O   . HOH H 6 .   ? -15.138 11.484  -6.641  1.00 27.16  ? 249 HOH A O   1 
HETATM 1401 O  O   . HOH H 6 .   ? -5.186  2.122   -12.324 1.00 53.40  ? 251 HOH A O   1 
HETATM 1402 O  O   . HOH H 6 .   ? 13.113  -5.740  15.936  1.00 53.94  ? 252 HOH A O   1 
HETATM 1403 O  O   . HOH H 6 .   ? 16.892  -9.144  0.294   1.00 14.00  ? 253 HOH A O   1 
HETATM 1404 O  O   . HOH H 6 .   ? -19.345 4.016   -3.861  1.00 38.26  ? 254 HOH A O   1 
HETATM 1405 O  O   . HOH H 6 .   ? 18.337  10.594  2.219   1.00 62.01  ? 255 HOH A O   1 
HETATM 1406 O  O   . HOH H 6 .   ? -14.638 -0.856  0.021   1.00 24.07  ? 256 HOH A O   1 
HETATM 1407 O  O   . HOH H 6 .   ? 3.801   1.785   10.016  1.00 13.74  ? 257 HOH A O   1 
HETATM 1408 O  O   . HOH H 6 .   ? -0.726  8.897   -11.618 1.00 25.36  ? 260 HOH A O   1 
HETATM 1409 O  O   . HOH H 6 .   ? 19.727  -0.353  -5.276  1.00 23.11  ? 262 HOH A O   1 
HETATM 1410 O  O   . HOH H 6 .   ? 5.186   -6.145  3.037   1.00 18.04  ? 263 HOH A O   1 
HETATM 1411 O  O   . HOH H 6 .   ? 15.225  1.017   -9.867  1.00 33.09  ? 264 HOH A O   1 
HETATM 1412 O  O   . HOH H 6 .   ? 9.196   19.205  6.353   1.00 20.97  ? 265 HOH A O   1 
HETATM 1413 O  O   . HOH H 6 .   ? 2.474   -14.639 -0.686  1.00 23.58  ? 266 HOH A O   1 
HETATM 1414 O  O   . HOH H 6 .   ? -17.245 -0.324  -2.209  1.00 28.34  ? 268 HOH A O   1 
HETATM 1415 O  O   . HOH H 6 .   ? -19.777 3.326   -8.932  1.00 40.12  ? 269 HOH A O   1 
HETATM 1416 O  O   . HOH H 6 .   ? 16.298  10.252  8.273   1.00 15.54  ? 273 HOH A O   1 
HETATM 1417 O  O   . HOH H 6 .   ? -12.756 0.203   13.837  1.00 29.08  ? 276 HOH A O   1 
HETATM 1418 O  O   . HOH H 6 .   ? 3.124   -11.123 -10.104 1.00 24.53  ? 278 HOH A O   1 
HETATM 1419 O  O   . HOH H 6 .   ? -16.679 -10.665 8.788   1.00 19.64  ? 285 HOH A O   1 
HETATM 1420 O  O   . HOH H 6 .   ? 5.318   6.638   11.465  1.00 16.94  ? 286 HOH A O   1 
HETATM 1421 O  O   . HOH H 6 .   ? 5.769   19.163  2.297   1.00 20.52  ? 287 HOH A O   1 
HETATM 1422 O  O   . HOH H 6 .   ? -10.478 3.147   12.128  1.00 38.62  ? 289 HOH A O   1 
HETATM 1423 O  O   . HOH H 6 .   ? -12.068 -5.801  12.397  1.00 25.24  ? 291 HOH A O   1 
HETATM 1424 O  O   . HOH H 6 .   ? 21.843  4.987   5.254   1.00 30.93  ? 292 HOH A O   1 
HETATM 1425 O  O   . HOH H 6 .   ? 15.839  17.371  5.911   1.00 20.19  ? 293 HOH A O   1 
HETATM 1426 O  O   . HOH H 6 .   ? 19.293  -2.689  -5.353  1.00 86.11  ? 294 HOH A O   1 
HETATM 1427 O  O   . HOH H 6 .   ? 5.684   3.804   11.281  1.00 17.30  ? 296 HOH A O   1 
HETATM 1428 O  O   . HOH H 6 .   ? -3.381  8.038   -10.744 1.00 31.80  ? 297 HOH A O   1 
HETATM 1429 O  O   . HOH H 6 .   ? -1.920  -7.932  11.698  1.00 26.11  ? 298 HOH A O   1 
HETATM 1430 O  O   . HOH H 6 .   ? 0.670   -12.346 -2.745  1.00 17.64  ? 299 HOH A O   1 
HETATM 1431 O  O   . HOH H 6 .   ? 8.399   9.739   12.672  1.00 25.78  ? 300 HOH A O   1 
HETATM 1432 O  O   . HOH H 6 .   ? 2.222   0.105   11.950  1.00 24.41  ? 301 HOH A O   1 
HETATM 1433 O  O   . HOH H 6 .   ? -12.604 -5.430  2.611   1.00 26.31  ? 302 HOH A O   1 
HETATM 1434 O  O   . HOH H 6 .   ? 14.839  11.945  -7.301  1.00 36.89  ? 304 HOH A O   1 
HETATM 1435 O  O   . HOH H 6 .   ? -15.642 -5.744  10.397  1.00 22.70  ? 305 HOH A O   1 
HETATM 1436 O  O   . HOH H 6 .   ? 6.660   -8.505  2.631   1.00 14.38  ? 306 HOH A O   1 
HETATM 1437 O  O   . HOH H 6 .   ? 2.458   -5.509  -13.535 1.00 17.67  ? 307 HOH A O   1 
HETATM 1438 O  O   . HOH H 6 .   ? -15.548 -3.744  2.345   1.00 50.67  ? 308 HOH A O   1 
HETATM 1439 O  O   . HOH H 6 .   ? 18.840  3.133   13.276  1.00 35.01  ? 309 HOH A O   1 
HETATM 1440 O  O   . HOH H 6 .   ? -16.426 -2.442  0.675   1.00 34.76  ? 311 HOH A O   1 
HETATM 1441 O  O   . HOH H 6 .   ? 16.527  0.113   -7.316  1.00 28.60  ? 313 HOH A O   1 
HETATM 1442 O  O   . HOH H 6 .   ? 19.121  9.084   8.060   1.00 20.25  ? 314 HOH A O   1 
HETATM 1443 O  O   . HOH H 6 .   ? -7.753  -15.363 -10.415 1.00 22.74  ? 318 HOH A O   1 
HETATM 1444 O  O   . HOH H 6 .   ? -17.556 -0.219  -7.645  1.00 45.35  ? 319 HOH A O   1 
HETATM 1445 O  O   . HOH H 6 .   ? 11.078  9.456   17.971  1.00 25.96  ? 320 HOH A O   1 
HETATM 1446 O  O   . HOH H 6 .   ? 12.424  -1.714  12.830  1.00 48.30  ? 321 HOH A O   1 
HETATM 1447 O  O   . HOH H 6 .   ? 4.870   -12.849 -9.564  1.00 59.24  ? 322 HOH A O   1 
HETATM 1448 O  O   . HOH H 6 .   ? 15.712  6.560   -2.982  1.00 28.77  ? 323 HOH A O   1 
HETATM 1449 O  O   . HOH H 6 .   ? 5.582   12.105  11.096  1.00 32.50  ? 324 HOH A O   1 
HETATM 1450 O  O   . HOH H 6 .   ? -14.293 -2.662  11.037  1.00 25.42  ? 325 HOH A O   1 
HETATM 1451 O  O   . HOH H 6 .   ? 19.789  9.419   5.418   1.00 28.34  ? 327 HOH A O   1 
HETATM 1452 O  O   . HOH H 6 .   ? 0.728   -3.039  8.819   1.00 29.79  ? 328 HOH A O   1 
HETATM 1453 O  O   . HOH H 6 .   ? 12.284  18.435  4.837   1.00 55.57  ? 331 HOH A O   1 
HETATM 1454 O  O   . HOH H 6 .   ? 23.308  0.310   -4.395  1.00 23.35  ? 332 HOH A O   1 
HETATM 1455 O  O   . HOH H 6 .   ? 16.575  7.082   19.300  1.00 71.97  ? 333 HOH A O   1 
HETATM 1456 O  O   . HOH H 6 .   ? -11.361 -9.057  2.411   1.00 27.73  ? 334 HOH A O   1 
HETATM 1457 O  O   . HOH H 6 .   ? 2.192   9.319   -11.866 1.00 22.03  ? 335 HOH A O   1 
HETATM 1458 O  O   . HOH H 6 .   ? 14.961  4.438   -4.240  1.00 25.65  ? 336 HOH A O   1 
HETATM 1459 O  O   . HOH H 6 .   ? -3.013  -8.511  -12.129 1.00 17.19  ? 337 HOH A O   1 
HETATM 1460 O  O   . HOH H 6 .   ? -11.291 -17.403 -1.373  1.00 40.65  ? 338 HOH A O   1 
HETATM 1461 O  O   . HOH H 6 .   ? 5.949   19.945  -5.688  1.00 33.13  ? 339 HOH A O   1 
HETATM 1462 O  O   . HOH H 6 .   ? 15.266  -10.663 2.310   1.00 32.19  ? 341 HOH A O   1 
HETATM 1463 O  O   . HOH H 6 .   ? 22.391  7.660   -0.318  1.00 39.46  ? 342 HOH A O   1 
HETATM 1464 O  O   . HOH H 6 .   ? -2.568  3.826   -11.156 1.00 30.51  ? 343 HOH A O   1 
HETATM 1465 O  O   . HOH H 6 .   ? -14.597 4.864   13.446  1.00 80.84  ? 344 HOH A O   1 
HETATM 1466 O  O   . HOH H 6 .   ? 0.600   15.221  9.544   1.00 69.40  ? 345 HOH A O   1 
HETATM 1467 O  O   . HOH H 6 .   ? -2.001  -14.542 -12.266 1.00 29.97  ? 346 HOH A O   1 
HETATM 1468 O  O   . HOH H 6 .   ? 13.263  -2.590  15.253  1.00 55.75  ? 347 HOH A O   1 
HETATM 1469 O  O   . HOH H 6 .   ? -15.604 -18.088 9.367   1.00 40.18  ? 348 HOH A O   1 
HETATM 1470 O  O   . HOH H 6 .   ? 15.864  -0.888  9.008   1.00 32.41  ? 349 HOH A O   1 
HETATM 1471 O  O   . HOH H 6 .   ? 0.536   -8.734  3.378   1.00 85.96  ? 352 HOH A O   1 
HETATM 1472 O  O   . HOH H 6 .   ? -6.137  -22.371 -2.087  1.00 42.56  ? 353 HOH A O   1 
HETATM 1473 O  O   . HOH H 6 .   ? -16.112 -7.769  -11.633 1.00 47.89  ? 354 HOH A O   1 
HETATM 1474 O  O   . HOH H 6 .   ? 19.655  6.621   -1.935  1.00 44.33  ? 355 HOH A O   1 
HETATM 1475 O  O   . HOH H 6 .   ? 15.288  -7.625  5.353   1.00 36.62  ? 356 HOH A O   1 
HETATM 1476 O  O   . HOH H 6 .   ? 9.591   9.906   -9.254  1.00 50.27  ? 357 HOH A O   1 
HETATM 1477 O  O   . HOH H 6 .   ? -16.873 -8.039  -6.435  1.00 61.83  ? 358 HOH A O   1 
HETATM 1478 O  O   . HOH H 6 .   ? 9.527   23.319  6.651   1.00 64.57  ? 359 HOH A O   1 
HETATM 1479 O  O   . HOH H 6 .   ? -20.599 7.259   5.712   1.00 44.95  ? 360 HOH A O   1 
HETATM 1480 O  O   . HOH H 6 .   ? -6.508  9.220   10.885  1.00 90.30  ? 362 HOH A O   1 
HETATM 1481 O  O   . HOH H 6 .   ? 1.132   -19.166 -7.749  1.00 35.75  ? 363 HOH A O   1 
HETATM 1482 O  O   . HOH H 6 .   ? 4.144   9.795   14.099  1.00 30.78  ? 364 HOH A O   1 
HETATM 1483 O  O   . HOH H 6 .   ? -5.337  -3.655  17.448  1.00 47.91  ? 366 HOH A O   1 
HETATM 1484 O  O   . HOH H 6 .   ? 2.538   -9.238  9.004   1.00 21.38  ? 367 HOH A O   1 
HETATM 1485 O  O   . HOH H 6 .   ? -0.543  16.520  5.365   1.00 40.55  ? 368 HOH A O   1 
HETATM 1486 O  O   . HOH H 6 .   ? -15.716 6.661   14.965  1.00 52.71  ? 369 HOH A O   1 
HETATM 1487 O  O   . HOH H 6 .   ? -0.554  -21.526 -4.361  1.00 46.04  ? 370 HOH A O   1 
HETATM 1488 O  O   . HOH H 6 .   ? 9.799   16.007  -9.812  1.00 41.66  ? 371 HOH A O   1 
HETATM 1489 O  O   . HOH H 6 .   ? 7.257   -10.699 8.063   1.00 39.61  ? 372 HOH A O   1 
HETATM 1490 O  O   . HOH H 6 .   ? 23.666  0.490   8.599   1.00 45.88  ? 373 HOH A O   1 
HETATM 1491 O  O   . HOH H 6 .   ? 10.763  -10.629 1.696   1.00 43.45  ? 374 HOH A O   1 
HETATM 1492 O  O   . HOH H 6 .   ? 9.513   -6.537  9.079   1.00 27.65  ? 375 HOH A O   1 
HETATM 1493 O  O   . HOH H 6 .   ? -11.840 7.620   7.171   1.00 32.64  ? 376 HOH A O   1 
HETATM 1494 O  O   . HOH H 6 .   ? -0.322  -9.730  0.666   1.00 32.84  ? 377 HOH A O   1 
HETATM 1495 O  O   . HOH H 6 .   ? 4.717   16.641  -12.365 1.00 39.15  ? 378 HOH A O   1 
HETATM 1496 O  O   . HOH H 6 .   ? 7.353   -9.819  0.266   1.00 32.10  ? 379 HOH A O   1 
HETATM 1497 O  O   . HOH H 6 .   ? 0.456   18.299  2.449   1.00 55.66  ? 380 HOH A O   1 
HETATM 1498 O  O   . HOH H 6 .   ? 5.002   -15.627 9.546   1.00 41.95  ? 383 HOH A O   1 
HETATM 1499 O  O   . HOH H 6 .   ? 4.610   -8.606  -10.962 1.00 36.48  ? 384 HOH A O   1 
HETATM 1500 O  O   . HOH H 6 .   ? -3.438  10.972  11.470  1.00 45.71  ? 385 HOH A O   1 
HETATM 1501 O  O   . HOH H 6 .   ? -8.064  -4.824  -16.329 1.00 65.46  ? 386 HOH A O   1 
HETATM 1502 O  O   . HOH H 6 .   ? -12.973 -10.290 -2.575  1.00 35.16  ? 387 HOH A O   1 
HETATM 1503 O  O   . HOH H 6 .   ? -3.801  -16.385 -13.435 1.00 32.43  ? 388 HOH A O   1 
HETATM 1504 O  O   . HOH H 6 .   ? -10.225 6.264   10.327  1.00 36.65  ? 389 HOH A O   1 
HETATM 1505 O  O   . HOH H 6 .   ? -1.034  5.110   15.983  1.00 46.11  ? 390 HOH A O   1 
HETATM 1506 O  O   . HOH H 6 .   ? 7.579   0.385   11.095  1.00 37.00  ? 391 HOH A O   1 
HETATM 1507 O  O   . HOH H 6 .   ? -6.056  -6.187  18.168  1.00 60.02  ? 392 HOH A O   1 
HETATM 1508 O  O   . HOH H 6 .   ? 7.628   -10.745 -3.359  1.00 34.98  ? 393 HOH A O   1 
HETATM 1509 O  O   . HOH H 6 .   ? -0.814  6.815   -13.131 1.00 43.83  ? 394 HOH A O   1 
HETATM 1510 O  O   . HOH H 6 .   ? -16.140 -13.674 9.707   1.00 37.76  ? 396 HOH A O   1 
HETATM 1511 O  O   . HOH H 6 .   ? 6.526   18.352  -2.820  1.00 75.33  ? 397 HOH A O   1 
HETATM 1512 O  O   . HOH H 6 .   ? 7.094   23.268  -7.183  1.00 33.32  ? 398 HOH A O   1 
HETATM 1513 O  O   . HOH H 6 .   ? 0.674   16.368  -1.480  1.00 39.60  ? 399 HOH A O   1 
HETATM 1514 O  O   . HOH H 6 .   ? -0.966  16.187  0.157   1.00 25.93  ? 400 HOH A O   1 
HETATM 1515 O  O   . HOH H 6 .   ? 12.061  12.907  16.348  1.00 37.58  ? 402 HOH A O   1 
HETATM 1516 O  O   . HOH H 6 .   ? -12.046 -2.663  5.633   1.00 49.46  ? 403 HOH A O   1 
HETATM 1517 O  O   . HOH H 6 .   ? -9.476  -18.085 4.827   1.00 31.94  ? 404 HOH A O   1 
HETATM 1518 O  O   . HOH H 6 .   ? -1.195  -10.147 11.059  1.00 40.01  ? 406 HOH A O   1 
HETATM 1519 O  O   . HOH H 6 .   ? -12.968 10.960  6.504   1.00 75.83  ? 407 HOH A O   1 
HETATM 1520 O  O   . HOH H 6 .   ? -13.207 -4.170  -15.150 1.00 59.46  ? 408 HOH A O   1 
HETATM 1521 O  O   . HOH H 6 .   ? -12.843 -14.785 -12.033 1.00 47.20  ? 409 HOH A O   1 
HETATM 1522 O  O   . HOH H 6 .   ? -5.831  -2.541  14.887  1.00 34.38  ? 410 HOH A O   1 
HETATM 1523 O  O   . HOH H 6 .   ? 0.765   -21.890 -7.848  1.00 72.30  ? 411 HOH A O   1 
HETATM 1524 O  O   . HOH H 6 .   ? -7.969  -9.383  16.168  1.00 42.94  ? 412 HOH A O   1 
HETATM 1525 O  O   . HOH H 6 .   ? -7.795  -21.606 0.444   1.00 30.31  ? 413 HOH A O   1 
HETATM 1526 O  O   . HOH H 6 .   ? -10.239 -20.448 1.152   1.00 44.59  ? 414 HOH A O   1 
HETATM 1527 O  O   . HOH H 6 .   ? -1.126  1.255   13.944  1.00 70.31  ? 415 HOH A O   1 
HETATM 1528 O  O   . HOH H 6 .   ? 9.744   -6.046  -9.255  1.00 34.61  ? 416 HOH A O   1 
HETATM 1529 O  O   . HOH H 6 .   ? -9.737  -14.312 -12.916 1.00 41.20  ? 417 HOH A O   1 
HETATM 1530 O  O   . HOH H 6 .   ? 16.751  2.085   19.559  1.00 28.15  ? 419 HOH A O   1 
HETATM 1531 O  O   . HOH H 6 .   ? 8.345   12.798  16.157  1.00 36.39  ? 420 HOH A O   1 
HETATM 1532 O  O   . HOH H 6 .   ? 11.366  -0.218  -14.010 1.00 39.60  ? 421 HOH A O   1 
HETATM 1533 O  O   . HOH H 6 .   ? -10.756 -20.426 -11.413 1.00 57.72  ? 422 HOH A O   1 
HETATM 1534 O  O   . HOH H 6 .   ? -0.971  -20.017 5.146   1.00 14.20  ? 425 HOH A O   1 
HETATM 1535 O  O   . HOH H 6 .   ? -5.405  -9.187  -12.858 1.00 43.23  ? 426 HOH A O   1 
HETATM 1536 O  O   . HOH H 6 .   ? -7.743  0.452   -13.730 1.00 40.93  ? 427 HOH A O   1 
HETATM 1537 O  O   . HOH H 6 .   ? -14.151 6.857   9.735   1.00 40.24  ? 428 HOH A O   1 
HETATM 1538 O  O   . HOH H 6 .   ? -3.494  -21.464 -6.572  1.00 40.84  ? 429 HOH A O   1 
HETATM 1539 O  O   . HOH H 6 .   ? 10.088  11.596  -6.791  1.00 40.38  ? 430 HOH A O   1 
HETATM 1540 O  O   . HOH H 6 .   ? 22.046  -2.252  7.283   1.00 48.60  ? 431 HOH A O   1 
HETATM 1541 O  O   . HOH H 6 .   ? -0.156  17.107  -5.335  1.00 17.29  ? 432 HOH A O   1 
HETATM 1542 O  O   . HOH H 6 .   ? -14.590 12.233  1.428   1.00 58.36  ? 434 HOH A O   1 
HETATM 1543 O  O   . HOH H 6 .   ? -9.590  -20.252 -1.764  1.00 47.14  ? 435 HOH A O   1 
HETATM 1544 O  O   . HOH H 6 .   ? 8.350   -14.744 5.668   1.00 34.00  ? 437 HOH A O   1 
HETATM 1545 O  O   . HOH H 6 .   ? -0.460  -15.169 10.067  1.00 79.41  ? 438 HOH A O   1 
HETATM 1546 O  O   . HOH H 6 .   ? -3.070  17.859  1.285   1.00 53.79  ? 439 HOH A O   1 
HETATM 1547 O  O   . HOH H 6 .   ? 3.083   20.211  -5.937  1.00 31.15  ? 440 HOH A O   1 
HETATM 1548 O  O   . HOH H 6 .   ? 8.362   13.618  13.660  1.00 32.08  ? 442 HOH A O   1 
HETATM 1549 O  O   . HOH H 6 .   ? 11.705  -10.632 6.725   1.00 48.65  ? 446 HOH A O   1 
HETATM 1550 O  O   . HOH H 6 .   ? -6.592  -16.745 10.787  1.00 47.24  ? 447 HOH A O   1 
HETATM 1551 O  O   . HOH H 6 .   ? -11.702 -21.674 -8.157  1.00 50.55  ? 448 HOH A O   1 
HETATM 1552 O  O   . HOH H 6 .   ? 14.449  1.250   -6.901  1.00 52.79  ? 449 HOH A O   1 
HETATM 1553 O  O   . HOH H 6 .   ? 3.538   -2.069  10.402  1.00 43.84  ? 450 HOH A O   1 
HETATM 1554 O  O   . HOH H 6 .   ? -16.815 0.616   -10.293 1.00 53.83  ? 452 HOH A O   1 
HETATM 1555 O  O   . HOH H 6 .   ? 3.842   -3.138  -14.297 1.00 54.28  ? 453 HOH A O   1 
HETATM 1556 O  O   . HOH H 6 .   ? -15.895 -3.979  -3.973  1.00 68.20  ? 454 HOH A O   1 
HETATM 1557 O  O   . HOH H 6 .   ? -0.015  -6.316  -15.300 1.00 38.48  ? 455 HOH A O   1 
HETATM 1558 O  O   . HOH H 6 .   ? 25.170  2.141   4.810   1.00 50.80  ? 456 HOH A O   1 
HETATM 1559 O  O   . HOH H 6 .   ? 1.193   -5.027  9.957   1.00 38.86  ? 457 HOH A O   1 
HETATM 1560 O  O   . HOH H 6 .   ? -7.364  5.766   11.616  1.00 42.82  ? 458 HOH A O   1 
HETATM 1561 O  O   . HOH H 6 .   ? -19.866 0.193   -3.690  1.00 44.10  ? 459 HOH A O   1 
HETATM 1562 O  O   . HOH H 6 .   ? 21.735  11.765  6.124   1.00 48.20  ? 460 HOH A O   1 
HETATM 1563 O  O   . HOH H 6 .   ? -19.210 3.574   -11.322 1.00 39.48  ? 461 HOH A O   1 
HETATM 1564 O  O   . HOH H 6 .   ? 10.315  -12.956 7.988   1.00 54.91  ? 462 HOH A O   1 
HETATM 1565 O  O   . HOH H 6 .   ? -12.623 -19.228 -5.205  1.00 77.89  ? 463 HOH A O   1 
HETATM 1566 O  O   . HOH H 6 .   ? -15.622 6.342   -13.164 1.00 59.66  ? 464 HOH A O   1 
HETATM 1567 O  O   . HOH H 6 .   ? -4.289  -17.702 8.572   1.00 57.49  ? 466 HOH A O   1 
HETATM 1568 O  O   . HOH H 6 .   ? -6.232  -11.845 -12.574 1.00 39.04  ? 467 HOH A O   1 
HETATM 1569 O  O   . HOH H 6 .   ? 15.927  -4.468  4.910   1.00 64.97  ? 468 HOH A O   1 
HETATM 1570 O  O   . HOH H 6 .   ? 17.016  11.029  -1.726  1.00 36.46  ? 469 HOH A O   1 
HETATM 1571 O  O   . HOH H 6 .   ? -5.907  1.591   11.728  1.00 67.76  ? 470 HOH A O   1 
HETATM 1572 O  O   . HOH H 6 .   ? 2.810   1.049   -14.955 1.00 44.26  ? 471 HOH A O   1 
HETATM 1573 O  O   . HOH H 6 .   ? -20.448 0.322   2.243   1.00 68.02  ? 473 HOH A O   1 
HETATM 1574 O  O   . HOH H 6 .   ? 20.545  -5.399  -11.413 1.00 63.94  ? 474 HOH A O   1 
HETATM 1575 O  O   . HOH H 6 .   ? -8.845  -4.927  18.579  1.00 33.98  ? 475 HOH A O   1 
HETATM 1576 O  O   . HOH H 6 .   ? 3.044   15.858  -5.296  1.00 19.84  ? 477 HOH A O   1 
HETATM 1577 O  O   . HOH H 6 .   ? 2.324   3.128   -12.734 1.00 41.62  ? 479 HOH A O   1 
HETATM 1578 O  O   . HOH H 6 .   ? 14.337  -4.451  13.230  1.00 77.82  ? 482 HOH A O   1 
HETATM 1579 O  O   . HOH H 6 .   ? 3.977   7.746   -13.906 1.00 62.65  ? 483 HOH A O   1 
HETATM 1580 O  O   . HOH H 6 .   ? 7.199   -12.015 -11.773 1.00 58.83  ? 484 HOH A O   1 
HETATM 1581 O  O   . HOH H 6 .   ? 10.494  -8.379  13.490  1.00 88.66  ? 485 HOH A O   1 
HETATM 1582 O  O   . HOH H 6 .   ? -19.524 13.711  4.200   1.00 81.17  ? 486 HOH A O   1 
HETATM 1583 O  O   . HOH H 6 .   ? 17.195  -7.157  -10.092 1.00 69.87  ? 487 HOH A O   1 
HETATM 1584 O  O   . HOH H 6 .   ? -13.677 -19.060 -0.551  1.00 66.69  ? 488 HOH A O   1 
HETATM 1585 O  O   . HOH H 6 .   ? -19.789 13.161  0.852   1.00 47.50  ? 489 HOH A O   1 
HETATM 1586 O  O   . HOH H 6 .   ? -15.688 -1.531  -12.494 1.00 48.40  ? 490 HOH A O   1 
# 
